data_2VDR
#
_entry.id   2VDR
#
_cell.length_a   148.328
_cell.length_b   148.328
_cell.length_c   176.793
_cell.angle_alpha   90.00
_cell.angle_beta   90.00
_cell.angle_gamma   120.00
#
_symmetry.space_group_name_H-M   'P 32 2 1'
#
loop_
_entity.id
_entity.type
_entity.pdbx_description
1 polymer 'INTEGRIN ALPHA-IIB'
2 polymer 'INTEGRIN BETA-3'
3 polymer FIBRINOGEN
4 polymer 'MONOCLONAL ANTIBODY 10E5 HEAVY CHAIN'
5 polymer 'MONOCLONAL ANTIBODY 10E5 LIGHT CHAIN'
6 branched alpha-D-mannopyranose-(1-3)-[alpha-D-mannopyranose-(1-6)]alpha-D-mannopyranose-(1-4)-2-acetamido-2-deoxy-beta-D-glucopyranose-(1-4)-2-acetamido-2-deoxy-beta-D-glucopyranose
7 branched alpha-D-mannopyranose-(1-3)-[alpha-D-mannopyranose-(1-6)]alpha-D-mannopyranose-(1-6)-[alpha-D-mannopyranose-(1-3)]alpha-D-mannopyranose-(1-4)-2-acetamido-2-deoxy-beta-D-glucopyranose-(1-4)-2-acetamido-2-deoxy-beta-D-glucopyranose
8 non-polymer GLYCEROL
9 non-polymer 'CALCIUM ION'
10 non-polymer 2-acetamido-2-deoxy-beta-D-glucopyranose
11 non-polymer 'MAGNESIUM ION'
12 water water
#
loop_
_entity_poly.entity_id
_entity_poly.type
_entity_poly.pdbx_seq_one_letter_code
_entity_poly.pdbx_strand_id
1 'polypeptide(L)'
;LNLDPVQLTFYAGPNGSQFGFSLDFHKDSHGRVAIVVGAPRTLGPSQEETGGVFLCPWRAEGGQCPSLLFDLRDETRNVG
SQTLQTFKARQGLGASVVSWSDVIVACAPWQHWNVLEKTEEAEKTPVGSCFLAQPESGRRAEYSPCRGNTLSRIYVENDF
SWDKRYCEAGFSSVVTQAGELVLGAPGGYYFLGLLAQAPVADIFSSYRPGILLWHVSSQSLSFDSSNPEYFDGYWGYSVA
VGEFDGDLNTTEYVVGAPTWSWTLGAVEILDSYYQRLHRLRGEQMASYFGHSVAVTDVNGDGRHDLLVGAPLYMESRADR
KLAEVGRVYLFLQPRGPHALGAPSLLLTGTQLYGRFGSAIAPLGDLDRDGYNDIAVAAPYGGPSGRGQVLVFLGQSEGLR
SRPSQVLDSPFPTGSAFGFSLRGAVDIDDNGYPDLIVGAYGANQVAVYRAQP
;
A
2 'polypeptide(L)'
;GPNICTTRGVSSCQQCLAVSPMCAWCSDEALPLGSPRCDLKENLLKDNCAPESIEFPVSEARVLEDRPLSDKGSGDSSQV
TQVSPQRIALRLRPDDSKNFSIQVRQVEDYPVDIYYLMDLSYSMKDDLWSIQNLGTKLATQMRKLTSNLRIGFGAFVDKP
VSPYMYISPPEALENPCYDMKTTCLPMFGYKHVLTLTDQVTRFNEEVKKQSVSRNRDAPEGGFDAIMQATVCDEKIGWRN
DASHLLVFTTDAKTHIALDGRLAGIVQPNDGQCHVGSDNHYSASTTMDYPSLGLMTEKLSQKNINLIFAVTENVVNLYQN
YSELIPGTTVGVLSMDSSNVLQLIVDAYGKIRSKVELEVRDLPEELSLSFNATCLNNEVIPGLKSCMGLKIGDTVSFSIE
AKVRGCPQEKEKSFTIKPVGFKDSLIVQVTFDCDCACQAQAEPNSHRCNNGNGTFECGVCR
;
B
3 'polypeptide(L)' LGGAKQRGDV C
4 'polypeptide(L)'
;EVQLQQSGAELVKPGASVKLSCTASGFNIKDTYVHWVKQRPEQGLEWIGRIDPANGYTKYDPKFQGKATITADTSSNTAY
LQLSSLTSEDTAVYYCVRPLYDYYAMDYWGQGTSVTVSSAKTTAPSVYPLAPVCGDTTGSSVTLGCLVKGYFPEPVTLTW
NSGSLSSGVHTFPAVLQSDLYTLSSSVTVTSSTWPSQSITCNVAHPASSTKVDKKIEPRGP
;
H
5 'polypeptide(L)'
;DILMTQSPSSMSVSLGDTVSITCHASQGISSNIGWLQQKPGKSFMGLIYYGTNLVDGVPSRFSGSGSGADYSLTISSLDS
EDFADYYCVQYAQLPYTFGGGTKLEIKRADAAPTVSIFPPSSEQLTSGGASVVCFLNNFYPKDINVKWKIDGSERQNGVL
NSWTDQDSKDSTYSMSSTLTLTKDEYERHNSYTCEATHKTSTSPIVKSFNRNEC
;
L
#
# COMPACT_ATOMS: atom_id res chain seq x y z
N LEU A 1 -3.76 37.16 12.90
CA LEU A 1 -3.75 38.48 13.58
C LEU A 1 -4.77 38.53 14.72
N ASN A 2 -5.97 38.04 14.47
CA ASN A 2 -7.11 38.26 15.36
C ASN A 2 -7.84 37.00 15.81
N LEU A 3 -7.14 35.87 15.85
CA LEU A 3 -7.66 34.67 16.50
C LEU A 3 -7.41 34.80 18.00
N ASP A 4 -8.44 34.55 18.81
CA ASP A 4 -8.33 34.71 20.25
C ASP A 4 -7.70 33.47 20.89
N PRO A 5 -6.52 33.62 21.51
CA PRO A 5 -5.86 32.45 22.10
C PRO A 5 -6.24 32.19 23.57
N VAL A 6 -7.01 33.09 24.18
CA VAL A 6 -7.37 32.96 25.59
C VAL A 6 -8.64 32.12 25.75
N GLN A 7 -9.70 32.50 25.05
CA GLN A 7 -10.99 31.81 25.15
C GLN A 7 -11.06 30.66 24.14
N LEU A 8 -10.30 29.59 24.41
CA LEU A 8 -10.31 28.41 23.55
C LEU A 8 -11.43 27.47 23.94
N THR A 9 -11.87 26.66 22.97
CA THR A 9 -12.82 25.59 23.20
C THR A 9 -12.11 24.27 22.92
N PHE A 10 -12.24 23.31 23.84
CA PHE A 10 -11.60 22.02 23.72
C PHE A 10 -12.64 20.91 23.57
N TYR A 11 -12.47 20.08 22.55
CA TYR A 11 -13.23 18.86 22.41
C TYR A 11 -12.27 17.71 22.64
N ALA A 12 -12.76 16.64 23.26
CA ALA A 12 -11.92 15.52 23.65
C ALA A 12 -12.56 14.19 23.28
N GLY A 13 -11.73 13.24 22.88
CA GLY A 13 -12.15 11.86 22.62
C GLY A 13 -11.53 10.92 23.64
N PRO A 14 -11.70 9.60 23.44
CA PRO A 14 -11.17 8.63 24.40
C PRO A 14 -9.64 8.53 24.39
N ASN A 15 -9.08 8.13 25.53
CA ASN A 15 -7.64 7.89 25.66
C ASN A 15 -7.15 6.91 24.61
N GLY A 16 -6.06 7.26 23.94
CA GLY A 16 -5.45 6.37 22.94
C GLY A 16 -6.13 6.32 21.59
N SER A 17 -7.21 7.09 21.41
CA SER A 17 -8.03 7.05 20.20
C SER A 17 -7.42 7.79 19.01
N GLN A 18 -6.50 8.71 19.30
CA GLN A 18 -5.94 9.64 18.30
C GLN A 18 -7.00 10.60 17.75
N PHE A 19 -7.99 10.90 18.58
CA PHE A 19 -9.00 11.92 18.33
C PHE A 19 -8.28 13.21 17.97
N GLY A 20 -8.52 13.72 16.76
CA GLY A 20 -7.88 14.92 16.28
C GLY A 20 -6.87 14.69 15.16
N PHE A 21 -6.66 13.44 14.80
CA PHE A 21 -5.76 13.07 13.71
C PHE A 21 -6.17 13.74 12.40
N SER A 22 -7.49 13.80 12.17
CA SER A 22 -8.06 14.48 11.03
C SER A 22 -9.34 15.18 11.46
N LEU A 23 -9.71 16.25 10.77
CA LEU A 23 -10.92 16.99 11.09
C LEU A 23 -11.41 17.86 9.93
N ASP A 24 -12.67 18.27 10.02
CA ASP A 24 -13.24 19.17 9.04
C ASP A 24 -14.48 19.82 9.64
N PHE A 25 -14.92 20.91 9.03
CA PHE A 25 -16.19 21.52 9.37
C PHE A 25 -17.28 20.82 8.58
N HIS A 26 -18.43 20.62 9.20
CA HIS A 26 -19.60 20.05 8.51
C HIS A 26 -20.82 20.92 8.71
N LYS A 27 -21.43 21.33 7.59
CA LYS A 27 -22.60 22.19 7.60
C LYS A 27 -23.83 21.36 7.21
N ASP A 28 -24.82 21.32 8.09
CA ASP A 28 -26.05 20.55 7.81
C ASP A 28 -26.97 21.32 6.83
N SER A 29 -28.08 20.71 6.45
CA SER A 29 -29.00 21.31 5.48
C SER A 29 -29.62 22.60 6.01
N HIS A 30 -29.76 22.69 7.32
CA HIS A 30 -30.23 23.91 7.98
C HIS A 30 -29.15 25.00 8.01
N GLY A 31 -27.91 24.63 7.68
CA GLY A 31 -26.79 25.56 7.62
C GLY A 31 -25.94 25.60 8.88
N ARG A 32 -26.33 24.82 9.89
CA ARG A 32 -25.64 24.78 11.17
C ARG A 32 -24.30 24.05 11.04
N VAL A 33 -23.23 24.71 11.49
CA VAL A 33 -21.88 24.17 11.40
C VAL A 33 -21.51 23.34 12.64
N ALA A 34 -21.07 22.11 12.39
CA ALA A 34 -20.52 21.22 13.41
C ALA A 34 -19.09 20.85 12.98
N ILE A 35 -18.40 20.07 13.80
CA ILE A 35 -17.02 19.66 13.50
C ILE A 35 -16.95 18.15 13.46
N VAL A 36 -16.48 17.63 12.33
CA VAL A 36 -16.21 16.20 12.16
CA VAL A 36 -16.24 16.19 12.19
C VAL A 36 -14.79 15.90 12.58
N VAL A 37 -14.60 14.91 13.47
CA VAL A 37 -13.27 14.55 13.96
C VAL A 37 -13.01 13.08 13.73
N GLY A 38 -11.88 12.78 13.09
CA GLY A 38 -11.39 11.41 12.93
C GLY A 38 -10.54 10.99 14.12
N ALA A 39 -10.64 9.71 14.47
CA ALA A 39 -9.95 9.13 15.63
C ALA A 39 -9.53 7.69 15.27
N PRO A 40 -8.46 7.55 14.47
CA PRO A 40 -8.14 6.27 13.83
C PRO A 40 -7.74 5.10 14.75
N ARG A 41 -7.52 5.34 16.04
CA ARG A 41 -7.20 4.22 16.94
C ARG A 41 -8.27 3.95 18.00
N THR A 42 -9.45 4.53 17.81
CA THR A 42 -10.59 4.27 18.68
C THR A 42 -10.89 2.77 18.72
N LEU A 43 -11.14 2.24 19.92
CA LEU A 43 -11.55 0.85 20.08
C LEU A 43 -12.97 0.66 19.59
N GLY A 44 -13.18 -0.38 18.81
CA GLY A 44 -14.51 -0.82 18.44
C GLY A 44 -15.23 -1.47 19.61
N PRO A 45 -16.44 -1.98 19.38
CA PRO A 45 -17.25 -2.55 20.46
C PRO A 45 -16.77 -3.92 21.00
N SER A 46 -15.73 -4.49 20.40
CA SER A 46 -15.13 -5.75 20.87
C SER A 46 -13.70 -5.57 21.40
N GLN A 47 -13.35 -4.34 21.75
CA GLN A 47 -12.03 -3.98 22.29
C GLN A 47 -10.87 -4.16 21.32
N GLU A 48 -11.15 -4.18 20.03
CA GLU A 48 -10.11 -4.17 19.03
C GLU A 48 -10.10 -2.79 18.37
N GLU A 49 -8.92 -2.26 18.11
CA GLU A 49 -8.79 -0.97 17.43
C GLU A 49 -9.35 -1.06 16.03
N THR A 50 -10.26 -0.16 15.71
CA THR A 50 -10.84 -0.06 14.38
C THR A 50 -10.84 1.38 13.88
N GLY A 51 -10.72 2.34 14.80
CA GLY A 51 -10.93 3.73 14.47
C GLY A 51 -12.38 4.13 14.64
N GLY A 52 -12.63 5.42 14.53
CA GLY A 52 -13.98 5.94 14.63
C GLY A 52 -14.05 7.41 14.28
N VAL A 53 -15.29 7.90 14.16
CA VAL A 53 -15.57 9.26 13.72
C VAL A 53 -16.58 9.88 14.67
N PHE A 54 -16.34 11.14 15.03
CA PHE A 54 -17.19 11.87 15.95
C PHE A 54 -17.71 13.14 15.28
N LEU A 55 -18.93 13.53 15.62
CA LEU A 55 -19.54 14.71 15.04
C LEU A 55 -19.91 15.68 16.17
N CYS A 56 -19.12 16.73 16.29
CA CYS A 56 -19.20 17.65 17.43
C CYS A 56 -20.08 18.86 17.09
N PRO A 57 -21.19 19.02 17.83
CA PRO A 57 -21.96 20.24 17.64
C PRO A 57 -21.20 21.41 18.25
N TRP A 58 -21.29 22.58 17.63
CA TRP A 58 -20.59 23.76 18.14
C TRP A 58 -21.13 24.14 19.51
N ARG A 59 -20.23 24.25 20.48
CA ARG A 59 -20.52 24.81 21.81
C ARG A 59 -19.27 25.53 22.29
N ALA A 60 -19.44 26.71 22.87
CA ALA A 60 -18.33 27.49 23.41
C ALA A 60 -17.54 26.68 24.46
N GLU A 61 -18.27 25.95 25.30
CA GLU A 61 -17.68 25.17 26.38
C GLU A 61 -17.04 23.85 25.92
N GLY A 62 -17.31 23.44 24.68
CA GLY A 62 -16.74 22.19 24.13
C GLY A 62 -17.23 20.95 24.86
N GLY A 63 -16.37 19.94 24.95
CA GLY A 63 -16.66 18.72 25.69
C GLY A 63 -16.59 17.46 24.85
N GLN A 64 -17.50 16.53 25.12
CA GLN A 64 -17.53 15.23 24.44
C GLN A 64 -18.47 15.27 23.25
N CYS A 65 -18.19 14.45 22.24
CA CYS A 65 -18.97 14.41 21.02
C CYS A 65 -19.61 13.03 20.79
N PRO A 66 -20.78 12.99 20.16
CA PRO A 66 -21.37 11.71 19.77
C PRO A 66 -20.58 11.01 18.65
N SER A 67 -20.51 9.68 18.73
CA SER A 67 -19.81 8.87 17.73
C SER A 67 -20.71 8.56 16.56
N LEU A 68 -20.28 8.97 15.37
CA LEU A 68 -20.99 8.71 14.10
C LEU A 68 -20.81 7.24 13.73
N LEU A 69 -21.90 6.47 13.82
CA LEU A 69 -21.80 5.01 13.69
C LEU A 69 -21.52 4.54 12.29
N PHE A 70 -20.56 3.62 12.20
CA PHE A 70 -20.30 2.86 10.99
C PHE A 70 -20.26 1.38 11.35
N ASP A 71 -20.44 0.52 10.35
CA ASP A 71 -20.35 -0.92 10.53
C ASP A 71 -18.88 -1.36 10.67
N LEU A 72 -18.56 -1.95 11.82
CA LEU A 72 -17.20 -2.41 12.09
C LEU A 72 -17.04 -3.94 12.03
N ARG A 73 -18.05 -4.65 11.53
CA ARG A 73 -18.00 -6.09 11.33
C ARG A 73 -17.33 -6.46 10.02
N ASP A 74 -16.40 -7.40 10.09
CA ASP A 74 -15.79 -8.00 8.89
C ASP A 74 -16.84 -8.73 8.05
N GLU A 75 -16.60 -8.77 6.74
CA GLU A 75 -17.50 -9.39 5.78
C GLU A 75 -16.77 -10.47 5.04
N THR A 76 -17.53 -11.49 4.66
CA THR A 76 -17.05 -12.59 3.85
C THR A 76 -18.15 -12.83 2.84
N ARG A 77 -17.76 -13.09 1.60
CA ARG A 77 -18.72 -13.43 0.57
C ARG A 77 -18.15 -14.52 -0.31
N ASN A 78 -18.87 -15.65 -0.38
CA ASN A 78 -18.54 -16.75 -1.27
C ASN A 78 -19.36 -16.62 -2.55
N VAL A 79 -18.68 -16.22 -3.62
CA VAL A 79 -19.33 -15.91 -4.89
C VAL A 79 -18.34 -16.11 -6.01
N GLY A 80 -18.83 -16.58 -7.16
CA GLY A 80 -17.99 -16.82 -8.32
C GLY A 80 -16.89 -17.83 -8.08
N SER A 81 -17.18 -18.82 -7.23
CA SER A 81 -16.18 -19.81 -6.81
C SER A 81 -14.96 -19.19 -6.12
N GLN A 82 -15.12 -17.99 -5.56
CA GLN A 82 -14.09 -17.32 -4.77
C GLN A 82 -14.66 -16.95 -3.40
N THR A 83 -13.79 -16.59 -2.48
CA THR A 83 -14.16 -16.10 -1.14
C THR A 83 -13.55 -14.71 -0.92
N LEU A 84 -14.40 -13.68 -0.86
CA LEU A 84 -13.98 -12.31 -0.65
C LEU A 84 -14.02 -12.01 0.85
N GLN A 85 -13.04 -11.26 1.34
CA GLN A 85 -12.91 -11.00 2.76
C GLN A 85 -12.47 -9.56 3.04
N THR A 86 -13.21 -8.86 3.91
CA THR A 86 -12.76 -7.56 4.42
C THR A 86 -12.29 -7.73 5.87
N PHE A 87 -11.24 -7.00 6.24
CA PHE A 87 -10.69 -7.06 7.58
C PHE A 87 -10.56 -5.64 8.14
N LYS A 88 -11.31 -5.36 9.19
CA LYS A 88 -11.45 -4.01 9.73
C LYS A 88 -10.60 -3.73 10.96
N ALA A 89 -9.96 -4.75 11.53
CA ALA A 89 -9.07 -4.55 12.66
C ALA A 89 -7.89 -3.69 12.24
N ARG A 90 -7.60 -2.67 13.06
CA ARG A 90 -6.50 -1.72 12.83
CA ARG A 90 -6.48 -1.75 12.81
C ARG A 90 -6.61 -0.99 11.49
N GLN A 91 -7.83 -0.87 10.96
CA GLN A 91 -8.06 -0.18 9.67
C GLN A 91 -7.84 1.33 9.67
N GLY A 92 -7.82 1.93 10.85
CA GLY A 92 -7.62 3.37 10.99
C GLY A 92 -8.74 4.22 10.44
N LEU A 93 -9.99 3.84 10.71
CA LEU A 93 -11.15 4.66 10.34
C LEU A 93 -11.02 6.04 10.98
N GLY A 94 -11.08 7.08 10.16
CA GLY A 94 -10.93 8.45 10.64
C GLY A 94 -9.52 8.99 10.50
N ALA A 95 -8.65 8.25 9.83
CA ALA A 95 -7.31 8.74 9.47
C ALA A 95 -7.44 9.93 8.53
N SER A 96 -8.53 9.96 7.78
CA SER A 96 -8.94 11.16 7.07
C SER A 96 -10.46 11.31 7.13
N VAL A 97 -10.90 12.54 7.19
CA VAL A 97 -12.32 12.87 7.16
C VAL A 97 -12.48 14.12 6.31
N VAL A 98 -13.54 14.14 5.51
CA VAL A 98 -13.87 15.33 4.72
C VAL A 98 -15.39 15.46 4.62
N SER A 99 -15.88 16.70 4.65
CA SER A 99 -17.31 16.97 4.52
C SER A 99 -17.60 17.64 3.18
N TRP A 100 -18.72 17.26 2.55
CA TRP A 100 -19.20 17.92 1.35
C TRP A 100 -20.72 17.92 1.40
N SER A 101 -21.33 19.09 1.18
CA SER A 101 -22.77 19.24 1.26
C SER A 101 -23.25 18.65 2.58
N ASP A 102 -24.18 17.70 2.53
CA ASP A 102 -24.67 17.06 3.76
C ASP A 102 -24.08 15.66 3.97
N VAL A 103 -22.89 15.44 3.42
CA VAL A 103 -22.24 14.14 3.46
C VAL A 103 -20.89 14.22 4.19
N ILE A 104 -20.61 13.19 4.99
CA ILE A 104 -19.31 13.01 5.62
C ILE A 104 -18.65 11.77 5.01
N VAL A 105 -17.40 11.93 4.59
CA VAL A 105 -16.60 10.85 4.03
C VAL A 105 -15.43 10.61 4.98
N ALA A 106 -15.42 9.46 5.64
CA ALA A 106 -14.37 9.08 6.59
C ALA A 106 -13.67 7.84 6.06
N CYS A 107 -12.36 7.90 5.90
CA CYS A 107 -11.63 6.80 5.31
C CYS A 107 -10.84 5.98 6.32
N ALA A 108 -10.61 4.72 5.95
CA ALA A 108 -9.86 3.76 6.73
C ALA A 108 -8.77 3.23 5.79
N PRO A 109 -7.61 3.92 5.76
CA PRO A 109 -6.60 3.61 4.76
C PRO A 109 -5.95 2.24 4.86
N TRP A 110 -5.96 1.64 6.05
CA TRP A 110 -5.30 0.36 6.28
C TRP A 110 -6.29 -0.80 6.45
N GLN A 111 -7.53 -0.58 6.05
CA GLN A 111 -8.47 -1.71 5.95
C GLN A 111 -7.88 -2.74 4.99
N HIS A 112 -7.91 -4.00 5.41
CA HIS A 112 -7.30 -5.07 4.62
C HIS A 112 -8.36 -5.86 3.84
N TRP A 113 -7.88 -6.57 2.84
CA TRP A 113 -8.72 -7.27 1.89
C TRP A 113 -7.98 -8.50 1.43
N ASN A 114 -8.70 -9.61 1.23
CA ASN A 114 -8.14 -10.79 0.59
C ASN A 114 -9.22 -11.45 -0.26
N VAL A 115 -8.77 -12.23 -1.23
CA VAL A 115 -9.65 -13.10 -2.01
C VAL A 115 -9.01 -14.50 -2.04
N LEU A 116 -9.78 -15.53 -1.73
CA LEU A 116 -9.29 -16.91 -1.72
C LEU A 116 -9.99 -17.72 -2.82
N GLU A 117 -9.23 -18.59 -3.45
CA GLU A 117 -9.76 -19.48 -4.48
C GLU A 117 -8.96 -20.77 -4.39
N LYS A 118 -9.61 -21.82 -3.90
CA LYS A 118 -8.94 -23.08 -3.61
C LYS A 118 -7.71 -22.82 -2.71
N THR A 119 -6.51 -23.20 -3.18
CA THR A 119 -5.31 -23.04 -2.38
C THR A 119 -4.57 -21.75 -2.70
N GLU A 120 -5.17 -20.91 -3.55
CA GLU A 120 -4.54 -19.63 -3.92
C GLU A 120 -5.25 -18.44 -3.32
N GLU A 121 -4.58 -17.29 -3.39
CA GLU A 121 -5.12 -16.06 -2.82
C GLU A 121 -4.64 -14.82 -3.55
N ALA A 122 -5.37 -13.73 -3.36
CA ALA A 122 -4.94 -12.42 -3.84
C ALA A 122 -3.78 -11.88 -3.01
N GLU A 123 -3.70 -12.30 -1.74
CA GLU A 123 -2.84 -11.74 -0.69
C GLU A 123 -3.63 -10.77 0.17
N LYS A 124 -3.47 -10.91 1.49
CA LYS A 124 -4.15 -10.05 2.46
C LYS A 124 -3.40 -8.72 2.53
N THR A 125 -4.01 -7.66 2.01
CA THR A 125 -3.32 -6.39 1.77
C THR A 125 -4.17 -5.16 2.10
N PRO A 126 -3.53 -4.02 2.43
CA PRO A 126 -4.27 -2.80 2.76
C PRO A 126 -4.74 -2.00 1.55
N VAL A 127 -5.89 -2.40 0.99
CA VAL A 127 -6.49 -1.67 -0.13
C VAL A 127 -7.11 -0.33 0.32
N GLY A 128 -7.45 -0.23 1.61
CA GLY A 128 -8.13 0.95 2.12
C GLY A 128 -9.61 0.90 1.77
N SER A 129 -10.39 1.74 2.44
CA SER A 129 -11.81 1.90 2.12
C SER A 129 -12.31 3.23 2.70
N CYS A 130 -13.32 3.82 2.08
CA CYS A 130 -13.96 5.01 2.66
C CYS A 130 -15.40 4.70 3.00
N PHE A 131 -15.85 5.25 4.12
CA PHE A 131 -17.22 5.13 4.59
C PHE A 131 -17.89 6.48 4.38
N LEU A 132 -19.07 6.47 3.78
CA LEU A 132 -19.80 7.69 3.51
C LEU A 132 -21.09 7.68 4.32
N ALA A 133 -21.38 8.81 4.95
CA ALA A 133 -22.54 8.94 5.82
C ALA A 133 -23.32 10.22 5.49
N GLN A 134 -24.64 10.11 5.51
CA GLN A 134 -25.53 11.25 5.42
C GLN A 134 -26.32 11.36 6.75
N PRO A 135 -25.77 12.09 7.75
CA PRO A 135 -26.31 12.11 9.10
C PRO A 135 -27.81 12.41 9.24
N GLU A 136 -28.31 13.38 8.47
CA GLU A 136 -29.72 13.80 8.57
C GLU A 136 -30.73 12.80 7.99
N SER A 137 -30.24 11.73 7.34
CA SER A 137 -31.10 10.66 6.85
C SER A 137 -30.72 9.29 7.42
N GLY A 138 -29.44 9.09 7.70
CA GLY A 138 -28.95 7.82 8.21
C GLY A 138 -28.35 6.95 7.13
N ARG A 139 -28.35 7.45 5.88
CA ARG A 139 -27.82 6.67 4.77
C ARG A 139 -26.34 6.41 4.95
N ARG A 140 -25.94 5.20 4.56
CA ARG A 140 -24.55 4.80 4.60
C ARG A 140 -24.16 4.18 3.26
N ALA A 141 -22.92 4.44 2.85
CA ALA A 141 -22.35 3.86 1.64
C ALA A 141 -20.87 3.66 1.88
N GLU A 142 -20.23 2.91 0.99
CA GLU A 142 -18.80 2.70 1.05
C GLU A 142 -18.21 2.83 -0.35
N TYR A 143 -16.89 3.00 -0.41
CA TYR A 143 -16.18 3.08 -1.67
C TYR A 143 -14.78 2.52 -1.45
N SER A 144 -14.42 1.50 -2.23
CA SER A 144 -13.13 0.84 -2.06
C SER A 144 -12.60 0.44 -3.44
N PRO A 145 -12.14 1.43 -4.20
CA PRO A 145 -11.84 1.22 -5.62
C PRO A 145 -10.65 0.29 -5.90
N CYS A 146 -9.87 -0.05 -4.88
CA CYS A 146 -8.67 -0.84 -5.08
C CYS A 146 -8.84 -2.34 -4.83
N ARG A 147 -9.97 -2.74 -4.26
CA ARG A 147 -10.28 -4.17 -4.13
C ARG A 147 -10.30 -4.83 -5.50
N GLY A 148 -9.74 -6.02 -5.60
CA GLY A 148 -9.76 -6.81 -6.83
C GLY A 148 -10.04 -8.26 -6.52
N ASN A 149 -10.15 -9.08 -7.56
CA ASN A 149 -10.34 -10.52 -7.39
C ASN A 149 -9.32 -11.33 -8.20
N THR A 150 -8.17 -10.71 -8.44
CA THR A 150 -7.08 -11.35 -9.17
C THR A 150 -6.17 -12.08 -8.19
N LEU A 151 -5.80 -13.31 -8.53
CA LEU A 151 -4.94 -14.11 -7.67
C LEU A 151 -3.48 -13.71 -7.83
N SER A 152 -2.70 -13.98 -6.79
CA SER A 152 -1.28 -13.62 -6.67
C SER A 152 -0.43 -13.98 -7.88
N ARG A 153 -0.65 -15.20 -8.37
CA ARG A 153 0.09 -15.76 -9.51
C ARG A 153 -0.05 -14.91 -10.78
N ILE A 154 -1.20 -14.28 -10.98
CA ILE A 154 -1.45 -13.50 -12.19
C ILE A 154 -0.65 -12.18 -12.19
N TYR A 155 -0.51 -11.56 -11.02
CA TYR A 155 0.36 -10.39 -10.90
C TYR A 155 1.81 -10.79 -11.19
N VAL A 156 2.23 -11.94 -10.68
CA VAL A 156 3.59 -12.42 -10.92
C VAL A 156 3.82 -12.62 -12.42
N GLU A 157 2.88 -13.28 -13.09
CA GLU A 157 2.98 -13.56 -14.52
C GLU A 157 2.89 -12.30 -15.38
N ASN A 158 2.37 -11.20 -14.82
CA ASN A 158 2.26 -9.93 -15.56
C ASN A 158 3.15 -8.84 -14.97
N ASP A 159 4.24 -9.25 -14.34
CA ASP A 159 5.23 -8.33 -13.75
C ASP A 159 4.60 -7.23 -12.86
N PHE A 160 3.58 -7.60 -12.10
CA PHE A 160 3.01 -6.73 -11.08
C PHE A 160 2.49 -5.41 -11.64
N SER A 161 1.89 -5.48 -12.83
CA SER A 161 1.26 -4.32 -13.44
C SER A 161 -0.14 -4.14 -12.85
N TRP A 162 -0.57 -2.87 -12.80
CA TRP A 162 -1.88 -2.50 -12.26
CA TRP A 162 -1.90 -2.53 -12.28
C TRP A 162 -2.18 -3.20 -10.93
N ASP A 163 -1.16 -3.21 -10.07
CA ASP A 163 -1.26 -3.84 -8.77
C ASP A 163 -1.77 -2.82 -7.76
N LYS A 164 -3.06 -2.92 -7.44
CA LYS A 164 -3.72 -1.97 -6.54
C LYS A 164 -3.90 -2.53 -5.12
N ARG A 165 -3.20 -3.62 -4.81
CA ARG A 165 -3.42 -4.32 -3.55
C ARG A 165 -3.01 -3.56 -2.29
N TYR A 166 -2.10 -2.60 -2.41
CA TYR A 166 -1.58 -1.87 -1.24
C TYR A 166 -1.93 -0.38 -1.30
N CYS A 167 -3.01 -0.05 -2.02
CA CYS A 167 -3.37 1.36 -2.30
C CYS A 167 -3.40 2.28 -1.09
N GLU A 168 -4.01 1.77 -0.03
CA GLU A 168 -4.40 2.59 1.10
C GLU A 168 -5.28 3.77 0.65
N ALA A 169 -6.30 3.46 -0.13
CA ALA A 169 -7.26 4.45 -0.61
C ALA A 169 -7.86 5.22 0.57
N GLY A 170 -7.93 6.55 0.42
CA GLY A 170 -8.43 7.40 1.50
C GLY A 170 -7.34 7.88 2.46
N PHE A 171 -6.09 7.50 2.21
CA PHE A 171 -4.93 8.04 2.92
C PHE A 171 -5.02 9.57 2.92
N SER A 172 -5.36 10.14 1.76
CA SER A 172 -5.76 11.54 1.65
C SER A 172 -7.06 11.65 0.88
N SER A 173 -7.75 12.77 1.03
CA SER A 173 -9.05 12.94 0.36
C SER A 173 -9.41 14.40 0.18
N VAL A 174 -10.23 14.66 -0.83
CA VAL A 174 -10.75 15.98 -1.08
C VAL A 174 -12.01 15.80 -1.91
N VAL A 175 -12.94 16.73 -1.83
CA VAL A 175 -14.15 16.66 -2.66
C VAL A 175 -14.28 17.96 -3.43
N THR A 176 -14.49 17.86 -4.74
CA THR A 176 -14.70 19.05 -5.57
C THR A 176 -16.05 19.70 -5.22
N GLN A 177 -16.25 20.93 -5.71
N GLN A 177 -16.25 20.93 -5.71
CA GLN A 177 -17.50 21.65 -5.47
CA GLN A 177 -17.50 21.63 -5.46
C GLN A 177 -18.68 20.92 -6.10
C GLN A 177 -18.69 20.92 -6.11
N ALA A 178 -18.46 20.29 -7.25
CA ALA A 178 -19.49 19.52 -7.95
C ALA A 178 -19.84 18.19 -7.27
N GLY A 179 -19.06 17.78 -6.28
CA GLY A 179 -19.34 16.57 -5.52
C GLY A 179 -18.62 15.33 -6.01
N GLU A 180 -17.43 15.51 -6.59
CA GLU A 180 -16.54 14.40 -6.91
C GLU A 180 -15.56 14.14 -5.77
N LEU A 181 -15.60 12.93 -5.24
CA LEU A 181 -14.65 12.52 -4.23
C LEU A 181 -13.36 12.12 -4.92
N VAL A 182 -12.25 12.70 -4.47
CA VAL A 182 -10.93 12.35 -4.99
C VAL A 182 -10.13 11.77 -3.84
N LEU A 183 -9.70 10.52 -3.98
CA LEU A 183 -8.94 9.83 -2.93
C LEU A 183 -7.49 9.62 -3.33
N GLY A 184 -6.57 9.96 -2.43
CA GLY A 184 -5.16 9.63 -2.59
C GLY A 184 -4.88 8.24 -2.05
N ALA A 185 -4.14 7.44 -2.83
CA ALA A 185 -3.79 6.07 -2.51
C ALA A 185 -2.29 5.88 -2.78
N PRO A 186 -1.43 6.32 -1.83
CA PRO A 186 0.02 6.35 -2.07
C PRO A 186 0.70 4.99 -2.25
N GLY A 187 0.05 3.91 -1.84
CA GLY A 187 0.56 2.57 -2.07
C GLY A 187 0.18 1.99 -3.42
N GLY A 188 -0.62 2.72 -4.19
CA GLY A 188 -1.11 2.25 -5.48
C GLY A 188 -0.03 1.85 -6.46
N TYR A 189 -0.31 0.82 -7.26
CA TYR A 189 0.57 0.39 -8.33
C TYR A 189 1.97 0.12 -7.75
N TYR A 190 2.01 -0.77 -6.76
CA TYR A 190 3.23 -1.17 -6.08
C TYR A 190 4.03 0.05 -5.59
N PHE A 191 3.32 0.93 -4.88
CA PHE A 191 3.89 2.10 -4.19
C PHE A 191 4.33 3.31 -5.06
N LEU A 192 3.97 3.32 -6.33
CA LEU A 192 4.03 4.55 -7.13
C LEU A 192 3.06 5.55 -6.54
N GLY A 193 1.85 5.08 -6.29
CA GLY A 193 0.73 5.88 -5.81
C GLY A 193 -0.27 6.11 -6.93
N LEU A 194 -1.54 6.29 -6.55
CA LEU A 194 -2.60 6.59 -7.53
C LEU A 194 -3.69 7.46 -6.92
N LEU A 195 -4.50 8.02 -7.81
CA LEU A 195 -5.71 8.75 -7.43
C LEU A 195 -6.95 8.01 -7.93
N ALA A 196 -8.01 8.04 -7.12
CA ALA A 196 -9.31 7.46 -7.49
C ALA A 196 -10.38 8.54 -7.33
N GLN A 197 -11.15 8.77 -8.39
CA GLN A 197 -12.22 9.77 -8.38
C GLN A 197 -13.56 9.12 -8.72
N ALA A 198 -14.61 9.52 -8.00
CA ALA A 198 -15.97 9.15 -8.32
C ALA A 198 -16.93 10.17 -7.72
N PRO A 199 -18.05 10.46 -8.41
CA PRO A 199 -19.08 11.32 -7.80
C PRO A 199 -19.69 10.69 -6.56
N VAL A 200 -19.87 11.48 -5.52
CA VAL A 200 -20.47 11.01 -4.28
C VAL A 200 -21.86 10.40 -4.54
N ALA A 201 -22.63 11.06 -5.40
CA ALA A 201 -23.99 10.61 -5.77
C ALA A 201 -23.97 9.19 -6.32
N ASP A 202 -22.99 8.91 -7.18
CA ASP A 202 -22.86 7.59 -7.80
C ASP A 202 -22.32 6.53 -6.83
N ILE A 203 -21.55 6.97 -5.84
CA ILE A 203 -21.08 6.04 -4.80
C ILE A 203 -22.27 5.51 -4.00
N PHE A 204 -23.16 6.43 -3.62
CA PHE A 204 -24.37 6.08 -2.88
C PHE A 204 -25.32 5.22 -3.69
N SER A 205 -25.52 5.58 -4.96
CA SER A 205 -26.52 4.90 -5.78
C SER A 205 -26.08 3.51 -6.24
N SER A 206 -24.78 3.23 -6.17
CA SER A 206 -24.26 1.93 -6.61
C SER A 206 -23.91 0.97 -5.47
N TYR A 207 -23.94 1.44 -4.22
CA TYR A 207 -23.53 0.63 -3.08
C TYR A 207 -24.70 -0.13 -2.50
N ARG A 208 -24.51 -1.42 -2.26
CA ARG A 208 -25.41 -2.22 -1.43
C ARG A 208 -24.57 -3.08 -0.49
N PRO A 209 -25.09 -3.32 0.72
CA PRO A 209 -24.33 -4.11 1.70
C PRO A 209 -24.07 -5.54 1.26
N GLY A 210 -22.88 -6.03 1.57
CA GLY A 210 -22.53 -7.42 1.37
C GLY A 210 -22.02 -7.83 0.00
N ILE A 211 -22.04 -6.91 -0.96
CA ILE A 211 -21.61 -7.20 -2.33
C ILE A 211 -20.08 -7.22 -2.42
N LEU A 212 -19.45 -6.26 -1.75
CA LEU A 212 -17.99 -6.15 -1.57
C LEU A 212 -17.21 -5.75 -2.81
N LEU A 213 -17.48 -6.41 -3.94
CA LEU A 213 -16.92 -6.01 -5.24
C LEU A 213 -18.02 -5.54 -6.18
N TRP A 214 -18.06 -4.24 -6.43
CA TRP A 214 -19.10 -3.68 -7.29
C TRP A 214 -18.57 -2.53 -8.16
N HIS A 215 -19.35 -2.14 -9.16
CA HIS A 215 -18.92 -1.16 -10.15
C HIS A 215 -19.52 0.23 -9.90
N VAL A 216 -18.66 1.25 -9.90
CA VAL A 216 -19.08 2.65 -9.99
C VAL A 216 -18.67 3.15 -11.38
N SER A 217 -19.62 3.21 -12.29
CA SER A 217 -19.32 3.41 -13.72
C SER A 217 -18.65 4.75 -14.02
N SER A 218 -18.92 5.75 -13.19
CA SER A 218 -18.41 7.10 -13.40
C SER A 218 -17.00 7.31 -12.81
N GLN A 219 -16.42 6.25 -12.24
CA GLN A 219 -15.16 6.38 -11.53
C GLN A 219 -14.01 6.50 -12.51
N SER A 220 -12.94 7.12 -12.04
CA SER A 220 -11.77 7.39 -12.86
C SER A 220 -10.51 7.27 -12.02
N LEU A 221 -9.63 6.36 -12.39
CA LEU A 221 -8.39 6.15 -11.64
C LEU A 221 -7.20 6.58 -12.48
N SER A 222 -6.14 7.02 -11.81
CA SER A 222 -4.89 7.37 -12.49
C SER A 222 -4.17 6.12 -12.99
N PHE A 223 -3.01 6.28 -13.58
CA PHE A 223 -2.36 5.20 -14.35
C PHE A 223 -1.08 4.70 -13.73
N ASP A 224 -0.74 3.47 -14.12
CA ASP A 224 0.53 2.86 -13.79
C ASP A 224 1.60 3.45 -14.71
N SER A 225 2.86 3.29 -14.34
CA SER A 225 3.97 3.85 -15.11
C SER A 225 5.19 2.96 -14.97
N SER A 226 6.02 2.97 -16.00
CA SER A 226 7.30 2.25 -16.00
C SER A 226 8.46 3.21 -15.76
N ASN A 227 8.16 4.51 -15.59
CA ASN A 227 9.15 5.52 -15.26
C ASN A 227 9.66 5.35 -13.82
N PRO A 228 10.93 4.99 -13.64
CA PRO A 228 11.46 4.73 -12.29
C PRO A 228 11.53 5.96 -11.37
N GLU A 229 11.49 7.15 -11.95
CA GLU A 229 11.33 8.39 -11.16
C GLU A 229 10.13 8.34 -10.22
N TYR A 230 9.11 7.58 -10.62
CA TYR A 230 7.86 7.48 -9.84
C TYR A 230 7.86 6.36 -8.81
N PHE A 231 8.84 5.46 -8.86
CA PHE A 231 8.83 4.29 -7.98
C PHE A 231 8.95 4.72 -6.55
N ASP A 232 8.09 4.17 -5.69
CA ASP A 232 8.06 4.49 -4.26
C ASP A 232 7.88 5.98 -4.00
N GLY A 233 7.22 6.69 -4.92
CA GLY A 233 7.01 8.14 -4.81
C GLY A 233 5.90 8.56 -3.86
N TYR A 234 5.01 7.63 -3.54
CA TYR A 234 3.85 7.89 -2.67
C TYR A 234 2.99 9.05 -3.19
N TRP A 235 2.72 8.98 -4.48
CA TRP A 235 1.92 9.96 -5.20
C TRP A 235 0.49 9.80 -4.69
N GLY A 236 -0.02 10.84 -4.01
CA GLY A 236 -1.31 10.76 -3.32
C GLY A 236 -1.20 10.72 -1.79
N TYR A 237 0.00 10.93 -1.27
CA TYR A 237 0.22 11.11 0.16
C TYR A 237 -0.61 12.31 0.62
N SER A 238 -0.65 13.35 -0.22
CA SER A 238 -1.52 14.49 -0.03
C SER A 238 -2.24 14.83 -1.33
N VAL A 239 -3.41 15.44 -1.21
CA VAL A 239 -4.19 15.82 -2.38
C VAL A 239 -4.97 17.13 -2.12
N ALA A 240 -5.19 17.91 -3.17
CA ALA A 240 -6.04 19.10 -3.09
C ALA A 240 -6.62 19.40 -4.48
N VAL A 241 -7.57 20.33 -4.53
CA VAL A 241 -8.16 20.73 -5.81
C VAL A 241 -8.12 22.25 -5.96
N GLY A 242 -8.17 22.69 -7.21
CA GLY A 242 -8.14 24.12 -7.49
C GLY A 242 -8.30 24.43 -8.96
N GLU A 243 -8.16 25.70 -9.30
CA GLU A 243 -8.34 26.19 -10.66
C GLU A 243 -7.01 26.77 -11.17
N PHE A 244 -6.40 26.06 -12.11
CA PHE A 244 -5.04 26.35 -12.56
C PHE A 244 -4.83 26.41 -14.09
N ASP A 245 -5.90 26.23 -14.87
CA ASP A 245 -5.80 26.32 -16.33
C ASP A 245 -6.67 27.43 -16.94
N GLY A 246 -7.22 28.30 -16.10
CA GLY A 246 -8.03 29.43 -16.58
C GLY A 246 -9.41 29.09 -17.14
N ASP A 247 -9.72 27.80 -17.19
CA ASP A 247 -11.01 27.31 -17.68
C ASP A 247 -11.84 26.85 -16.48
N LEU A 248 -12.85 27.63 -16.14
CA LEU A 248 -13.68 27.37 -14.96
C LEU A 248 -14.57 26.12 -15.10
N ASN A 249 -14.71 25.61 -16.31
CA ASN A 249 -15.50 24.39 -16.56
C ASN A 249 -14.78 23.12 -16.13
N THR A 250 -13.45 23.20 -16.02
CA THR A 250 -12.61 22.07 -15.63
C THR A 250 -12.05 22.27 -14.23
N THR A 251 -11.93 21.17 -13.48
CA THR A 251 -11.29 21.21 -12.17
C THR A 251 -9.92 20.54 -12.24
N GLU A 252 -8.92 21.17 -11.64
CA GLU A 252 -7.54 20.64 -11.61
C GLU A 252 -7.22 20.01 -10.26
N TYR A 253 -6.38 18.98 -10.28
CA TYR A 253 -5.98 18.29 -9.06
C TYR A 253 -4.54 18.61 -8.73
N VAL A 254 -4.27 18.77 -7.43
CA VAL A 254 -2.93 18.94 -6.91
C VAL A 254 -2.55 17.70 -6.11
N VAL A 255 -1.43 17.09 -6.44
CA VAL A 255 -1.04 15.83 -5.83
C VAL A 255 0.39 15.88 -5.29
N GLY A 256 0.53 15.56 -4.01
CA GLY A 256 1.83 15.46 -3.38
C GLY A 256 2.40 14.06 -3.50
N ALA A 257 3.66 13.99 -3.94
CA ALA A 257 4.40 12.73 -4.04
C ALA A 257 5.73 12.94 -3.31
N PRO A 258 5.72 12.83 -1.97
CA PRO A 258 6.86 13.28 -1.15
C PRO A 258 8.17 12.51 -1.27
N THR A 259 8.15 11.33 -1.89
CA THR A 259 9.38 10.55 -2.07
C THR A 259 9.71 10.32 -3.56
N TRP A 260 9.06 11.10 -4.42
CA TRP A 260 9.23 11.05 -5.87
C TRP A 260 10.70 11.24 -6.28
N SER A 261 11.14 10.48 -7.28
CA SER A 261 12.51 10.57 -7.80
C SER A 261 13.54 10.42 -6.67
N TRP A 262 13.63 9.20 -6.13
CA TRP A 262 14.64 8.85 -5.15
C TRP A 262 14.63 9.79 -3.94
N THR A 263 13.43 10.07 -3.47
CA THR A 263 13.17 10.91 -2.30
C THR A 263 13.47 12.40 -2.46
N LEU A 264 13.59 12.88 -3.71
CA LEU A 264 13.63 14.32 -3.97
C LEU A 264 12.27 14.96 -3.64
N GLY A 265 11.19 14.29 -4.03
CA GLY A 265 9.84 14.74 -3.74
C GLY A 265 9.31 15.59 -4.88
N ALA A 266 8.00 15.67 -4.99
CA ALA A 266 7.37 16.49 -6.01
C ALA A 266 5.90 16.74 -5.69
N VAL A 267 5.37 17.81 -6.27
CA VAL A 267 3.93 18.06 -6.31
C VAL A 267 3.54 18.26 -7.78
N GLU A 268 2.44 17.65 -8.20
CA GLU A 268 1.96 17.79 -9.56
C GLU A 268 0.59 18.45 -9.60
N ILE A 269 0.39 19.28 -10.62
CA ILE A 269 -0.93 19.80 -10.97
C ILE A 269 -1.38 19.08 -12.23
N LEU A 270 -2.60 18.56 -12.20
CA LEU A 270 -3.12 17.69 -13.25
C LEU A 270 -4.50 18.12 -13.65
N ASP A 271 -4.92 17.77 -14.86
CA ASP A 271 -6.32 17.91 -15.22
C ASP A 271 -7.07 16.72 -14.66
N SER A 272 -8.40 16.70 -14.84
CA SER A 272 -9.24 15.65 -14.26
C SER A 272 -9.16 14.33 -15.03
N TYR A 273 -8.47 14.35 -16.18
CA TYR A 273 -8.08 13.11 -16.87
C TYR A 273 -6.72 12.59 -16.42
N TYR A 274 -6.12 13.29 -15.45
CA TYR A 274 -4.80 12.97 -14.90
C TYR A 274 -3.62 13.25 -15.85
N GLN A 275 -3.80 14.16 -16.81
CA GLN A 275 -2.67 14.65 -17.60
C GLN A 275 -1.95 15.69 -16.78
N ARG A 276 -0.63 15.56 -16.67
CA ARG A 276 0.19 16.51 -15.93
CA ARG A 276 0.17 16.51 -15.92
C ARG A 276 0.20 17.86 -16.64
N LEU A 277 -0.10 18.92 -15.89
CA LEU A 277 -0.01 20.30 -16.39
C LEU A 277 1.28 20.96 -15.88
N HIS A 278 1.66 20.69 -14.64
N HIS A 278 1.62 20.73 -14.62
CA HIS A 278 2.92 21.18 -14.10
CA HIS A 278 2.84 21.26 -13.98
C HIS A 278 3.45 20.26 -13.02
C HIS A 278 3.45 20.20 -13.06
N ARG A 279 4.76 20.27 -12.85
CA ARG A 279 5.43 19.54 -11.79
C ARG A 279 6.32 20.51 -11.04
N LEU A 280 6.25 20.45 -9.71
CA LEU A 280 7.11 21.23 -8.84
C LEU A 280 7.99 20.25 -8.13
N ARG A 281 9.30 20.37 -8.34
CA ARG A 281 10.25 19.44 -7.77
C ARG A 281 10.70 19.94 -6.41
N GLY A 282 10.96 19.00 -5.51
CA GLY A 282 11.53 19.31 -4.21
C GLY A 282 12.94 19.85 -4.33
N GLU A 283 13.39 20.49 -3.26
CA GLU A 283 14.66 21.22 -3.22
C GLU A 283 15.77 20.37 -2.60
N GLN A 284 15.39 19.50 -1.68
CA GLN A 284 16.34 18.73 -0.89
C GLN A 284 15.78 17.34 -0.63
N MET A 285 16.61 16.33 -0.85
CA MET A 285 16.19 14.95 -0.66
C MET A 285 15.80 14.69 0.79
N ALA A 286 14.76 13.86 0.93
CA ALA A 286 14.21 13.44 2.23
C ALA A 286 13.51 14.56 3.03
N SER A 287 13.38 15.75 2.44
CA SER A 287 12.68 16.84 3.12
C SER A 287 11.16 16.63 3.18
N TYR A 288 10.68 15.64 2.42
CA TYR A 288 9.25 15.31 2.32
C TYR A 288 8.41 16.44 1.69
N PHE A 289 9.01 17.11 0.71
CA PHE A 289 8.34 18.07 -0.15
C PHE A 289 7.12 17.41 -0.77
N GLY A 290 5.94 17.93 -0.47
CA GLY A 290 4.68 17.31 -0.91
C GLY A 290 3.92 16.59 0.21
N HIS A 291 4.46 16.65 1.42
CA HIS A 291 3.78 16.09 2.61
C HIS A 291 2.40 16.72 2.76
N SER A 292 2.38 18.04 2.57
CA SER A 292 1.15 18.82 2.63
CA SER A 292 1.15 18.82 2.63
C SER A 292 1.08 19.74 1.42
N VAL A 293 -0.15 20.00 0.98
CA VAL A 293 -0.40 20.92 -0.12
C VAL A 293 -1.66 21.70 0.22
N ALA A 294 -1.66 23.00 -0.10
CA ALA A 294 -2.84 23.84 0.10
C ALA A 294 -3.04 24.75 -1.11
N VAL A 295 -4.30 25.04 -1.40
CA VAL A 295 -4.67 25.89 -2.53
C VAL A 295 -5.58 27.02 -2.04
N THR A 296 -5.18 28.24 -2.35
CA THR A 296 -5.92 29.43 -1.96
C THR A 296 -5.29 30.64 -2.68
N ASP A 297 -6.12 31.60 -3.07
CA ASP A 297 -5.62 32.85 -3.64
C ASP A 297 -5.21 33.76 -2.49
N VAL A 298 -3.91 34.05 -2.36
CA VAL A 298 -3.40 34.85 -1.23
C VAL A 298 -3.09 36.30 -1.57
N ASN A 299 -2.93 36.61 -2.86
CA ASN A 299 -2.58 37.98 -3.28
C ASN A 299 -3.70 38.73 -3.99
N GLY A 300 -4.93 38.25 -3.83
CA GLY A 300 -6.12 39.00 -4.20
C GLY A 300 -6.43 39.20 -5.67
N ASP A 301 -5.74 38.48 -6.55
CA ASP A 301 -5.93 38.66 -7.99
C ASP A 301 -6.96 37.69 -8.57
N GLY A 302 -7.53 36.83 -7.72
CA GLY A 302 -8.56 35.90 -8.15
C GLY A 302 -8.04 34.60 -8.74
N ARG A 303 -6.73 34.41 -8.74
CA ARG A 303 -6.11 33.20 -9.27
C ARG A 303 -5.51 32.40 -8.11
N HIS A 304 -5.96 31.16 -7.97
CA HIS A 304 -5.46 30.27 -6.93
C HIS A 304 -3.93 30.14 -6.94
N ASP A 305 -3.35 30.20 -5.75
CA ASP A 305 -1.93 30.00 -5.56
C ASP A 305 -1.73 28.67 -4.86
N LEU A 306 -0.48 28.18 -4.87
CA LEU A 306 -0.15 26.87 -4.33
C LEU A 306 0.86 26.98 -3.20
N LEU A 307 0.59 26.29 -2.10
CA LEU A 307 1.55 26.18 -1.00
C LEU A 307 1.90 24.71 -0.81
N VAL A 308 3.19 24.42 -0.66
CA VAL A 308 3.69 23.07 -0.47
C VAL A 308 4.53 23.03 0.79
N GLY A 309 4.33 22.00 1.59
CA GLY A 309 5.12 21.78 2.80
C GLY A 309 6.19 20.71 2.63
N ALA A 310 7.38 21.02 3.16
CA ALA A 310 8.51 20.10 3.22
C ALA A 310 9.01 20.11 4.67
N PRO A 311 8.31 19.38 5.56
CA PRO A 311 8.50 19.49 7.01
C PRO A 311 9.83 18.96 7.58
N LEU A 312 10.61 18.27 6.76
CA LEU A 312 11.89 17.73 7.20
C LEU A 312 13.05 18.41 6.48
N TYR A 313 12.78 19.57 5.88
CA TYR A 313 13.80 20.37 5.22
C TYR A 313 14.86 20.78 6.23
N MET A 314 16.13 20.61 5.85
CA MET A 314 17.26 21.00 6.69
C MET A 314 17.88 22.30 6.18
N GLU A 315 17.88 23.31 7.04
CA GLU A 315 18.39 24.62 6.70
C GLU A 315 19.89 24.69 6.96
N SER A 316 20.62 25.38 6.09
CA SER A 316 22.06 25.57 6.25
C SER A 316 22.36 26.54 7.37
N ARG A 317 23.38 26.24 8.16
CA ARG A 317 23.81 27.08 9.28
C ARG A 317 25.34 27.14 9.34
N ALA A 318 25.87 27.92 10.29
CA ALA A 318 27.30 28.19 10.38
C ALA A 318 28.17 26.93 10.41
N ASP A 319 29.32 27.01 9.74
CA ASP A 319 30.29 25.92 9.63
C ASP A 319 29.72 24.64 8.99
N ARG A 320 29.08 24.81 7.83
CA ARG A 320 28.58 23.71 7.01
C ARG A 320 27.61 22.76 7.73
N LYS A 321 26.86 23.27 8.70
CA LYS A 321 25.95 22.45 9.49
C LYS A 321 24.51 22.62 9.02
N LEU A 322 23.71 21.58 9.24
CA LEU A 322 22.33 21.53 8.77
C LEU A 322 21.40 21.31 9.95
N ALA A 323 20.23 21.96 9.91
CA ALA A 323 19.27 21.89 11.00
C ALA A 323 17.88 21.62 10.44
N GLU A 324 17.34 20.45 10.79
CA GLU A 324 16.00 20.05 10.35
C GLU A 324 14.95 20.95 11.02
N VAL A 325 14.30 21.79 10.22
CA VAL A 325 13.31 22.76 10.73
C VAL A 325 11.99 22.74 9.93
N GLY A 326 12.05 22.31 8.67
CA GLY A 326 10.87 22.33 7.80
C GLY A 326 10.79 23.61 7.00
N ARG A 327 10.09 23.55 5.86
CA ARG A 327 9.93 24.70 4.99
C ARG A 327 8.59 24.67 4.25
N VAL A 328 8.11 25.85 3.88
CA VAL A 328 6.89 26.00 3.08
C VAL A 328 7.20 26.89 1.86
N TYR A 329 6.73 26.44 0.70
CA TYR A 329 6.97 27.11 -0.56
C TYR A 329 5.66 27.71 -1.05
N LEU A 330 5.68 28.99 -1.41
CA LEU A 330 4.54 29.66 -1.99
C LEU A 330 4.76 29.86 -3.48
N PHE A 331 3.84 29.34 -4.28
CA PHE A 331 3.82 29.55 -5.72
C PHE A 331 2.58 30.34 -6.10
N LEU A 332 2.79 31.55 -6.62
CA LEU A 332 1.70 32.41 -7.06
C LEU A 332 1.39 32.09 -8.52
N GLN A 333 0.11 31.93 -8.84
CA GLN A 333 -0.28 31.60 -10.21
C GLN A 333 -0.23 32.89 -11.03
N PRO A 334 0.52 32.87 -12.15
CA PRO A 334 0.57 34.02 -13.03
C PRO A 334 -0.63 34.07 -13.96
N ARG A 335 -0.74 35.17 -14.71
N ARG A 335 -0.74 35.16 -14.72
CA ARG A 335 -1.83 35.35 -15.67
CA ARG A 335 -1.83 35.34 -15.66
C ARG A 335 -1.55 34.58 -16.97
C ARG A 335 -1.55 34.58 -16.97
N GLY A 336 -2.62 34.22 -17.67
CA GLY A 336 -2.52 33.56 -18.97
C GLY A 336 -2.04 32.12 -18.90
N PRO A 337 -1.91 31.46 -20.07
CA PRO A 337 -1.45 30.09 -20.14
C PRO A 337 0.07 29.97 -19.92
N HIS A 338 0.51 30.35 -18.72
CA HIS A 338 1.91 30.31 -18.35
C HIS A 338 2.11 29.31 -17.22
N ALA A 339 3.31 28.75 -17.13
CA ALA A 339 3.64 27.79 -16.09
C ALA A 339 3.82 28.50 -14.75
N LEU A 340 3.70 27.74 -13.67
CA LEU A 340 4.13 28.21 -12.35
C LEU A 340 5.65 28.29 -12.39
N GLY A 341 6.20 29.38 -11.88
CA GLY A 341 7.65 29.58 -11.89
C GLY A 341 8.29 29.06 -10.62
N ALA A 342 9.39 29.69 -10.22
CA ALA A 342 10.04 29.41 -8.96
C ALA A 342 9.16 29.97 -7.82
N PRO A 343 9.44 29.57 -6.57
CA PRO A 343 8.63 30.06 -5.46
C PRO A 343 8.72 31.58 -5.27
N SER A 344 7.58 32.22 -5.03
CA SER A 344 7.54 33.65 -4.73
C SER A 344 8.01 33.90 -3.30
N LEU A 345 7.93 32.88 -2.44
CA LEU A 345 8.34 33.02 -1.06
C LEU A 345 8.68 31.67 -0.44
N LEU A 346 9.74 31.66 0.38
CA LEU A 346 10.08 30.51 1.20
C LEU A 346 9.92 30.89 2.66
N LEU A 347 9.07 30.14 3.37
CA LEU A 347 8.93 30.25 4.82
C LEU A 347 9.65 29.05 5.44
N THR A 348 10.50 29.33 6.42
CA THR A 348 11.36 28.29 7.01
C THR A 348 11.14 28.25 8.51
N GLY A 349 11.09 27.04 9.07
CA GLY A 349 10.92 26.88 10.51
C GLY A 349 12.14 27.36 11.27
N THR A 350 11.97 27.61 12.56
CA THR A 350 13.04 28.07 13.44
C THR A 350 13.40 27.09 14.57
N GLN A 351 12.50 26.17 14.90
CA GLN A 351 12.75 25.20 15.96
C GLN A 351 13.23 23.86 15.39
N LEU A 352 14.38 23.40 15.87
CA LEU A 352 14.93 22.11 15.46
C LEU A 352 13.90 20.99 15.68
N TYR A 353 13.65 20.22 14.62
CA TYR A 353 12.72 19.09 14.63
C TYR A 353 11.26 19.51 14.80
N GLY A 354 10.95 20.76 14.47
CA GLY A 354 9.61 21.30 14.69
C GLY A 354 8.58 20.88 13.66
N ARG A 355 9.06 20.44 12.50
CA ARG A 355 8.21 20.01 11.39
C ARG A 355 7.25 21.08 10.91
N PHE A 356 7.80 22.26 10.68
CA PHE A 356 7.08 23.38 10.08
C PHE A 356 6.74 23.02 8.63
N GLY A 357 5.47 23.19 8.26
CA GLY A 357 5.00 22.80 6.93
C GLY A 357 4.40 21.41 6.92
N SER A 358 4.09 20.91 8.11
CA SER A 358 3.52 19.59 8.30
C SER A 358 2.03 19.63 7.94
N ALA A 359 1.39 20.76 8.26
CA ALA A 359 0.02 21.06 7.81
C ALA A 359 -0.03 22.53 7.39
N ILE A 360 -0.81 22.81 6.34
CA ILE A 360 -1.03 24.16 5.83
C ILE A 360 -2.53 24.30 5.57
N ALA A 361 -3.17 25.28 6.21
CA ALA A 361 -4.62 25.45 6.12
C ALA A 361 -4.98 26.83 5.59
N PRO A 362 -5.72 26.89 4.47
CA PRO A 362 -6.33 28.14 4.07
C PRO A 362 -7.30 28.61 5.14
N LEU A 363 -7.19 29.87 5.55
CA LEU A 363 -8.04 30.43 6.61
C LEU A 363 -9.21 31.26 6.05
N GLY A 364 -9.23 31.46 4.73
CA GLY A 364 -10.10 32.48 4.16
C GLY A 364 -9.52 33.83 4.56
N ASP A 365 -10.37 34.84 4.64
CA ASP A 365 -9.94 36.19 5.01
C ASP A 365 -10.18 36.43 6.50
N LEU A 366 -9.15 36.17 7.29
CA LEU A 366 -9.23 36.22 8.76
C LEU A 366 -9.51 37.62 9.30
N ASP A 367 -8.87 38.62 8.68
CA ASP A 367 -8.99 40.01 9.13
C ASP A 367 -9.91 40.87 8.25
N ARG A 368 -10.53 40.23 7.24
CA ARG A 368 -11.50 40.89 6.35
C ARG A 368 -10.94 42.14 5.64
N ASP A 369 -9.69 42.05 5.18
CA ASP A 369 -9.04 43.16 4.49
C ASP A 369 -9.02 42.99 2.95
N GLY A 370 -9.51 41.86 2.47
CA GLY A 370 -9.58 41.58 1.02
C GLY A 370 -8.59 40.53 0.52
N TYR A 371 -7.58 40.21 1.32
CA TYR A 371 -6.59 39.18 0.99
C TYR A 371 -6.79 37.95 1.86
N ASN A 372 -6.81 36.76 1.26
CA ASN A 372 -6.92 35.51 2.02
C ASN A 372 -5.64 35.19 2.78
N ASP A 373 -5.79 34.41 3.85
CA ASP A 373 -4.70 34.12 4.77
C ASP A 373 -4.50 32.60 4.92
N ILE A 374 -3.40 32.23 5.57
CA ILE A 374 -3.14 30.82 5.86
C ILE A 374 -2.60 30.59 7.28
N ALA A 375 -2.69 29.35 7.72
CA ALA A 375 -2.07 28.88 8.96
C ALA A 375 -1.14 27.72 8.61
N VAL A 376 0.05 27.71 9.21
CA VAL A 376 1.04 26.65 9.00
C VAL A 376 1.37 26.04 10.35
N ALA A 377 1.32 24.71 10.44
CA ALA A 377 1.61 24.00 11.69
C ALA A 377 3.06 23.56 11.76
N ALA A 378 3.63 23.68 12.96
CA ALA A 378 4.90 23.07 13.34
C ALA A 378 4.60 22.27 14.61
N PRO A 379 4.15 21.01 14.45
CA PRO A 379 3.65 20.20 15.58
C PRO A 379 4.64 19.91 16.71
N TYR A 380 5.94 20.08 16.48
CA TYR A 380 6.93 19.93 17.54
C TYR A 380 7.79 21.18 17.68
N GLY A 381 7.19 22.33 17.33
CA GLY A 381 7.87 23.62 17.37
C GLY A 381 7.65 24.38 18.67
N GLY A 382 8.18 25.60 18.70
CA GLY A 382 8.21 26.41 19.91
C GLY A 382 9.40 26.00 20.76
N PRO A 383 9.86 26.89 21.67
CA PRO A 383 11.04 26.58 22.49
C PRO A 383 10.93 25.30 23.32
N SER A 384 9.72 24.99 23.79
CA SER A 384 9.47 23.79 24.56
C SER A 384 9.26 22.56 23.67
N GLY A 385 9.02 22.78 22.38
CA GLY A 385 8.75 21.70 21.44
C GLY A 385 7.37 21.09 21.56
N ARG A 386 6.45 21.80 22.23
CA ARG A 386 5.09 21.30 22.45
C ARG A 386 4.19 21.45 21.21
N GLY A 387 4.61 22.30 20.28
CA GLY A 387 3.86 22.53 19.06
C GLY A 387 3.39 23.96 18.93
N GLN A 388 3.24 24.41 17.69
CA GLN A 388 2.94 25.80 17.38
C GLN A 388 2.19 25.89 16.07
N VAL A 389 1.27 26.86 15.96
CA VAL A 389 0.59 27.16 14.70
C VAL A 389 0.81 28.63 14.37
N LEU A 390 1.22 28.90 13.14
CA LEU A 390 1.64 30.24 12.74
C LEU A 390 0.72 30.77 11.65
N VAL A 391 0.20 31.98 11.87
CA VAL A 391 -0.73 32.62 10.95
C VAL A 391 0.02 33.63 10.09
N PHE A 392 -0.15 33.51 8.77
CA PHE A 392 0.42 34.45 7.81
C PHE A 392 -0.70 35.10 7.02
N LEU A 393 -0.71 36.43 7.00
CA LEU A 393 -1.73 37.18 6.27
C LEU A 393 -1.30 37.43 4.82
N GLY A 394 -2.25 37.27 3.90
CA GLY A 394 -2.01 37.56 2.49
C GLY A 394 -1.91 39.04 2.21
N GLN A 395 -1.20 39.40 1.15
CA GLN A 395 -1.03 40.78 0.71
C GLN A 395 -0.79 40.82 -0.80
N SER A 396 -0.70 42.02 -1.36
CA SER A 396 -0.44 42.21 -2.80
C SER A 396 0.80 41.44 -3.27
N GLU A 397 1.82 41.38 -2.43
CA GLU A 397 3.08 40.71 -2.77
C GLU A 397 3.00 39.18 -2.60
N GLY A 398 1.93 38.71 -1.95
CA GLY A 398 1.72 37.28 -1.70
C GLY A 398 1.44 37.01 -0.24
N LEU A 399 2.47 36.59 0.49
CA LEU A 399 2.38 36.45 1.94
C LEU A 399 3.48 37.27 2.60
N ARG A 400 3.27 37.59 3.87
CA ARG A 400 4.30 38.22 4.70
C ARG A 400 5.20 37.11 5.25
N SER A 401 6.50 37.38 5.35
CA SER A 401 7.45 36.44 5.92
C SER A 401 7.29 36.28 7.43
N ARG A 402 6.84 37.36 8.09
CA ARG A 402 6.65 37.38 9.54
CA ARG A 402 6.65 37.36 9.53
C ARG A 402 5.22 36.97 9.88
N PRO A 403 5.04 35.97 10.75
CA PRO A 403 3.66 35.63 11.08
C PRO A 403 2.96 36.76 11.82
N SER A 404 1.68 36.95 11.51
CA SER A 404 0.85 37.94 12.21
C SER A 404 0.54 37.49 13.63
N GLN A 405 0.60 36.18 13.88
CA GLN A 405 0.23 35.63 15.17
C GLN A 405 0.80 34.22 15.31
N VAL A 406 1.17 33.85 16.54
CA VAL A 406 1.67 32.51 16.84
C VAL A 406 0.80 31.88 17.90
N LEU A 407 0.29 30.68 17.62
CA LEU A 407 -0.51 29.92 18.58
C LEU A 407 0.35 28.81 19.17
N ASP A 408 0.67 28.91 20.45
CA ASP A 408 1.42 27.87 21.16
C ASP A 408 0.46 26.82 21.66
N SER A 409 0.88 25.54 21.61
CA SER A 409 0.06 24.43 22.08
C SER A 409 -0.33 24.63 23.55
N PRO A 410 -1.62 24.41 23.88
CA PRO A 410 -2.06 24.36 25.26
C PRO A 410 -2.01 22.95 25.86
N PHE A 411 -1.54 21.97 25.07
CA PHE A 411 -1.47 20.58 25.51
C PHE A 411 -0.02 20.20 25.86
N PRO A 412 0.17 19.06 26.56
CA PRO A 412 1.51 18.67 26.97
C PRO A 412 2.37 18.14 25.83
N THR A 413 3.64 17.86 26.12
CA THR A 413 4.58 17.27 25.16
C THR A 413 3.98 16.03 24.52
N GLY A 414 4.20 15.88 23.20
CA GLY A 414 3.75 14.72 22.44
C GLY A 414 2.39 14.83 21.80
N SER A 415 1.69 15.94 22.02
CA SER A 415 0.30 16.08 21.52
C SER A 415 0.19 16.15 19.99
N ALA A 416 1.28 16.53 19.32
CA ALA A 416 1.29 16.72 17.87
C ALA A 416 0.32 17.84 17.47
N PHE A 417 0.21 18.84 18.34
CA PHE A 417 -0.61 20.02 18.14
C PHE A 417 -0.35 20.63 16.77
N GLY A 418 -1.38 20.72 15.94
CA GLY A 418 -1.25 21.29 14.61
C GLY A 418 -1.07 20.26 13.51
N PHE A 419 -0.91 18.99 13.88
CA PHE A 419 -0.78 17.93 12.88
C PHE A 419 -1.96 17.94 11.90
N SER A 420 -3.12 18.39 12.36
CA SER A 420 -4.26 18.65 11.49
C SER A 420 -4.85 20.04 11.74
N LEU A 421 -5.37 20.66 10.69
CA LEU A 421 -5.83 22.04 10.71
C LEU A 421 -6.97 22.22 9.74
N ARG A 422 -7.93 23.05 10.11
CA ARG A 422 -8.94 23.49 9.16
C ARG A 422 -9.46 24.88 9.54
N GLY A 423 -9.62 25.74 8.54
CA GLY A 423 -10.17 27.07 8.73
C GLY A 423 -11.16 27.45 7.65
N ALA A 424 -11.37 28.74 7.47
CA ALA A 424 -12.20 29.28 6.36
C ALA A 424 -13.70 29.10 6.58
N VAL A 425 -14.11 28.66 7.77
CA VAL A 425 -15.52 28.53 8.10
C VAL A 425 -15.80 29.26 9.41
N ASP A 426 -16.89 30.01 9.43
CA ASP A 426 -17.31 30.78 10.58
C ASP A 426 -18.26 29.90 11.42
N ILE A 427 -17.73 29.30 12.48
CA ILE A 427 -18.49 28.34 13.28
C ILE A 427 -19.50 29.01 14.23
N ASP A 428 -19.16 30.18 14.76
CA ASP A 428 -20.01 30.87 15.74
C ASP A 428 -20.84 32.01 15.15
N ASP A 429 -20.74 32.20 13.83
CA ASP A 429 -21.57 33.15 13.10
C ASP A 429 -21.31 34.62 13.47
N ASN A 430 -20.06 34.95 13.81
CA ASN A 430 -19.70 36.34 14.12
C ASN A 430 -19.20 37.13 12.90
N GLY A 431 -19.14 36.48 11.74
CA GLY A 431 -18.69 37.11 10.50
C GLY A 431 -17.21 36.94 10.21
N TYR A 432 -16.49 36.26 11.08
CA TYR A 432 -15.05 36.00 10.88
C TYR A 432 -14.81 34.50 10.88
N PRO A 433 -13.96 34.02 9.97
CA PRO A 433 -13.68 32.58 9.86
C PRO A 433 -12.74 32.10 10.96
N ASP A 434 -13.00 30.91 11.47
CA ASP A 434 -12.32 30.39 12.65
C ASP A 434 -11.38 29.25 12.30
N LEU A 435 -10.59 28.81 13.28
CA LEU A 435 -9.56 27.78 13.07
C LEU A 435 -9.74 26.63 14.05
N ILE A 436 -9.76 25.40 13.55
CA ILE A 436 -9.78 24.21 14.39
C ILE A 436 -8.44 23.49 14.24
N VAL A 437 -7.88 23.07 15.38
CA VAL A 437 -6.52 22.50 15.42
C VAL A 437 -6.55 21.19 16.19
N GLY A 438 -6.06 20.12 15.56
CA GLY A 438 -6.05 18.80 16.16
C GLY A 438 -4.73 18.49 16.85
N ALA A 439 -4.84 17.88 18.01
CA ALA A 439 -3.68 17.40 18.77
C ALA A 439 -3.94 15.93 19.07
N TYR A 440 -3.72 15.07 18.07
CA TYR A 440 -4.07 13.65 18.17
C TYR A 440 -3.36 12.93 19.33
N GLY A 441 -2.15 13.39 19.67
CA GLY A 441 -1.39 12.83 20.77
C GLY A 441 -2.04 13.05 22.13
N ALA A 442 -2.83 14.13 22.23
CA ALA A 442 -3.57 14.44 23.45
C ALA A 442 -5.05 14.09 23.31
N ASN A 443 -5.43 13.48 22.18
CA ASN A 443 -6.81 13.07 21.89
C ASN A 443 -7.80 14.23 22.02
N GLN A 444 -7.42 15.39 21.49
CA GLN A 444 -8.21 16.61 21.63
C GLN A 444 -8.18 17.49 20.38
N VAL A 445 -9.15 18.39 20.32
CA VAL A 445 -9.21 19.41 19.28
C VAL A 445 -9.42 20.79 19.95
N ALA A 446 -8.62 21.77 19.54
CA ALA A 446 -8.77 23.15 20.01
C ALA A 446 -9.42 24.00 18.92
N VAL A 447 -10.39 24.82 19.31
CA VAL A 447 -11.06 25.74 18.39
C VAL A 447 -10.72 27.18 18.76
N TYR A 448 -10.16 27.92 17.79
CA TYR A 448 -9.84 29.32 17.96
C TYR A 448 -10.82 30.16 17.15
N ARG A 449 -11.46 31.14 17.82
CA ARG A 449 -12.42 32.04 17.17
C ARG A 449 -11.77 33.36 16.77
N ALA A 450 -12.00 33.76 15.52
CA ALA A 450 -11.56 35.06 15.03
C ALA A 450 -12.45 36.16 15.61
N GLN A 451 -11.81 37.27 15.99
CA GLN A 451 -12.51 38.39 16.63
C GLN A 451 -12.45 39.64 15.75
N PRO A 452 -13.40 40.57 15.95
CA PRO A 452 -13.33 41.89 15.31
C PRO A 452 -12.04 42.65 15.61
N GLY B 1 83.45 38.19 49.58
CA GLY B 1 84.70 37.51 50.05
C GLY B 1 84.46 36.09 50.53
N PRO B 2 83.86 35.92 51.72
CA PRO B 2 83.65 34.59 52.31
C PRO B 2 82.50 33.79 51.66
N ASN B 3 82.66 32.47 51.58
CA ASN B 3 81.64 31.61 50.99
C ASN B 3 80.77 30.94 52.05
N ILE B 4 79.66 30.34 51.59
CA ILE B 4 78.67 29.75 52.50
C ILE B 4 79.20 28.53 53.24
N CYS B 5 80.05 27.76 52.57
CA CYS B 5 80.66 26.56 53.14
C CYS B 5 81.49 26.84 54.39
N THR B 6 82.26 27.92 54.38
CA THR B 6 83.16 28.25 55.49
C THR B 6 82.46 29.03 56.62
N THR B 7 81.36 29.72 56.33
CA THR B 7 80.75 30.63 57.30
C THR B 7 79.48 30.09 57.97
N ARG B 8 79.32 28.78 58.00
CA ARG B 8 78.11 28.18 58.57
C ARG B 8 78.43 27.00 59.47
N GLY B 9 78.96 27.31 60.65
CA GLY B 9 79.23 26.32 61.71
C GLY B 9 80.22 25.25 61.31
N VAL B 10 79.75 24.30 60.50
CA VAL B 10 80.51 23.13 60.04
C VAL B 10 81.38 22.53 61.15
N SER B 11 80.71 21.82 62.05
CA SER B 11 81.37 21.00 63.05
C SER B 11 81.74 19.64 62.48
N SER B 12 81.10 19.25 61.37
CA SER B 12 81.32 17.93 60.77
C SER B 12 81.23 17.91 59.24
N CYS B 13 81.75 16.82 58.68
CA CYS B 13 81.71 16.57 57.24
C CYS B 13 80.26 16.52 56.74
N GLN B 14 79.41 15.83 57.49
CA GLN B 14 77.99 15.69 57.17
C GLN B 14 77.27 17.05 57.12
N GLN B 15 77.60 17.93 58.05
CA GLN B 15 77.03 19.28 58.07
C GLN B 15 77.52 20.09 56.88
N CYS B 16 78.77 19.86 56.49
CA CYS B 16 79.38 20.52 55.35
C CYS B 16 78.65 20.21 54.04
N LEU B 17 78.37 18.92 53.81
CA LEU B 17 77.61 18.51 52.62
C LEU B 17 76.19 19.09 52.67
N ALA B 18 75.60 19.14 53.86
CA ALA B 18 74.24 19.63 54.03
C ALA B 18 74.04 21.11 53.69
N VAL B 19 75.12 21.91 53.79
CA VAL B 19 75.04 23.36 53.52
C VAL B 19 74.68 23.66 52.07
N SER B 20 75.42 23.05 51.15
CA SER B 20 75.24 23.30 49.71
C SER B 20 75.96 22.23 48.88
N PRO B 21 75.43 21.96 47.67
CA PRO B 21 76.13 21.10 46.70
C PRO B 21 77.57 21.53 46.32
N MET B 22 77.91 22.80 46.49
CA MET B 22 79.25 23.27 46.10
C MET B 22 80.32 23.03 47.17
N CYS B 23 79.89 22.61 48.36
CA CYS B 23 80.82 22.45 49.50
C CYS B 23 81.57 21.12 49.44
N ALA B 24 82.84 21.19 49.85
CA ALA B 24 83.71 20.03 49.94
C ALA B 24 84.39 20.01 51.30
N TRP B 25 84.71 18.82 51.81
CA TRP B 25 85.32 18.67 53.13
C TRP B 25 86.72 18.06 53.02
N CYS B 26 87.65 18.61 53.79
CA CYS B 26 89.04 18.15 53.80
C CYS B 26 89.28 17.28 55.04
N SER B 27 89.76 16.06 54.81
CA SER B 27 90.08 15.12 55.90
C SER B 27 91.59 15.07 56.18
N ASP B 28 92.38 15.78 55.38
CA ASP B 28 93.83 15.77 55.50
C ASP B 28 94.27 16.24 56.89
N GLU B 29 94.98 15.35 57.59
CA GLU B 29 95.47 15.63 58.94
CA GLU B 29 95.46 15.64 58.95
C GLU B 29 96.62 16.64 58.93
N ALA B 30 97.32 16.70 57.80
CA ALA B 30 98.44 17.63 57.62
C ALA B 30 97.99 19.08 57.40
N LEU B 31 96.71 19.29 57.13
CA LEU B 31 96.14 20.64 56.98
C LEU B 31 96.33 21.42 58.29
N PRO B 32 96.77 22.69 58.20
CA PRO B 32 97.02 23.48 59.41
C PRO B 32 95.74 23.93 60.11
N LEU B 33 95.89 24.42 61.34
CA LEU B 33 94.73 24.81 62.17
C LEU B 33 93.96 26.01 61.61
N GLY B 34 94.67 26.92 60.95
CA GLY B 34 94.05 28.11 60.37
C GLY B 34 93.03 27.82 59.29
N SER B 35 93.29 26.79 58.49
CA SER B 35 92.44 26.49 57.32
C SER B 35 91.08 25.87 57.71
N PRO B 36 90.01 26.27 57.00
CA PRO B 36 88.71 25.65 57.20
C PRO B 36 88.63 24.31 56.48
N ARG B 37 87.94 23.35 57.08
CA ARG B 37 87.78 22.03 56.46
C ARG B 37 86.59 21.99 55.50
N CYS B 38 85.56 22.79 55.77
CA CYS B 38 84.44 22.93 54.84
C CYS B 38 84.61 24.17 53.97
N ASP B 39 84.74 23.97 52.66
CA ASP B 39 85.07 25.05 51.72
C ASP B 39 84.71 24.60 50.31
N LEU B 40 84.91 25.48 49.34
CA LEU B 40 84.87 25.10 47.93
C LEU B 40 86.08 24.22 47.64
N LYS B 41 85.92 23.28 46.70
CA LYS B 41 86.99 22.31 46.42
C LYS B 41 88.25 23.01 45.91
N GLU B 42 88.06 24.08 45.14
CA GLU B 42 89.16 24.86 44.58
C GLU B 42 89.99 25.46 45.71
N ASN B 43 89.32 25.99 46.72
CA ASN B 43 89.98 26.60 47.87
C ASN B 43 90.78 25.59 48.69
N LEU B 44 90.24 24.39 48.88
CA LEU B 44 90.92 23.33 49.64
C LEU B 44 92.22 22.92 48.96
N LEU B 45 92.15 22.61 47.67
CA LEU B 45 93.33 22.24 46.89
C LEU B 45 94.37 23.36 46.88
N LYS B 46 93.89 24.60 46.75
CA LYS B 46 94.76 25.78 46.80
C LYS B 46 95.45 25.90 48.16
N ASP B 47 94.81 25.42 49.22
CA ASP B 47 95.40 25.43 50.57
C ASP B 47 96.06 24.10 50.95
N ASN B 48 96.56 23.38 49.95
CA ASN B 48 97.40 22.19 50.12
C ASN B 48 96.71 21.00 50.81
N CYS B 49 95.39 20.90 50.71
CA CYS B 49 94.67 19.73 51.20
C CYS B 49 94.92 18.58 50.24
N ALA B 50 95.20 17.40 50.78
CA ALA B 50 95.50 16.21 49.98
C ALA B 50 94.30 15.82 49.11
N PRO B 51 94.47 15.80 47.79
CA PRO B 51 93.40 15.46 46.83
C PRO B 51 92.59 14.21 47.16
N GLU B 52 93.24 13.19 47.72
CA GLU B 52 92.57 11.95 48.11
C GLU B 52 91.69 12.15 49.34
N SER B 53 92.09 13.05 50.23
CA SER B 53 91.36 13.33 51.47
C SER B 53 90.12 14.21 51.27
N ILE B 54 89.99 14.84 50.11
CA ILE B 54 88.86 15.73 49.83
C ILE B 54 87.59 14.93 49.57
N GLU B 55 86.55 15.23 50.33
CA GLU B 55 85.23 14.62 50.15
C GLU B 55 84.34 15.57 49.36
N PHE B 56 83.90 15.14 48.19
CA PHE B 56 83.06 15.95 47.33
C PHE B 56 82.18 15.06 46.44
N PRO B 57 81.06 14.57 47.00
CA PRO B 57 80.11 13.74 46.24
C PRO B 57 79.57 14.43 44.99
N VAL B 58 79.42 13.67 43.93
CA VAL B 58 78.82 14.15 42.69
C VAL B 58 77.53 13.36 42.44
N SER B 59 76.41 14.07 42.34
CA SER B 59 75.12 13.44 42.03
C SER B 59 75.15 12.78 40.64
N GLU B 60 74.53 11.62 40.53
CA GLU B 60 74.58 10.82 39.30
C GLU B 60 73.25 10.16 38.92
N ALA B 61 73.19 9.73 37.66
CA ALA B 61 72.07 8.94 37.14
C ALA B 61 72.64 7.76 36.36
N ARG B 62 72.35 6.54 36.81
CA ARG B 62 72.74 5.32 36.10
C ARG B 62 71.52 4.61 35.52
N VAL B 63 71.59 4.26 34.24
CA VAL B 63 70.56 3.44 33.61
C VAL B 63 70.71 2.00 34.07
N LEU B 64 69.63 1.41 34.57
CA LEU B 64 69.63 0.01 35.03
C LEU B 64 69.01 -0.92 33.99
N GLU B 65 67.89 -0.49 33.39
CA GLU B 65 67.24 -1.23 32.31
C GLU B 65 67.08 -0.33 31.09
N ASP B 66 67.68 -0.75 29.97
CA ASP B 66 67.71 0.08 28.76
C ASP B 66 67.34 -0.72 27.51
N ARG B 67 66.26 -1.49 27.60
CA ARG B 67 65.76 -2.22 26.43
C ARG B 67 65.41 -1.22 25.32
N PRO B 68 65.91 -1.46 24.09
CA PRO B 68 65.67 -0.50 23.02
C PRO B 68 64.21 -0.45 22.57
N LEU B 69 63.84 0.65 21.92
CA LEU B 69 62.48 0.84 21.44
C LEU B 69 62.20 -0.11 20.27
N SER B 70 61.02 -0.70 20.28
CA SER B 70 60.66 -1.74 19.31
C SER B 70 60.37 -1.17 17.92
N ASP B 71 60.62 -1.98 16.90
CA ASP B 71 60.20 -1.70 15.52
C ASP B 71 59.14 -2.73 15.15
N LYS B 72 58.94 -2.98 13.85
CA LYS B 72 58.06 -4.05 13.39
C LYS B 72 58.64 -4.73 12.16
N GLN B 79 56.47 -8.44 23.11
CA GLN B 79 56.81 -7.65 24.29
C GLN B 79 56.42 -6.18 24.09
N VAL B 80 57.03 -5.55 23.08
CA VAL B 80 56.77 -4.14 22.73
C VAL B 80 57.28 -3.16 23.80
N THR B 81 58.48 -2.61 23.56
CA THR B 81 59.03 -1.55 24.40
C THR B 81 58.73 -0.20 23.77
N GLN B 82 57.97 0.64 24.50
CA GLN B 82 57.61 1.99 24.05
C GLN B 82 58.23 3.11 24.86
N VAL B 83 58.84 2.78 26.01
CA VAL B 83 59.57 3.76 26.81
C VAL B 83 60.99 3.26 27.04
N SER B 84 61.96 4.17 26.92
CA SER B 84 63.37 3.84 27.09
C SER B 84 64.14 5.04 27.65
N PRO B 85 64.90 4.84 28.74
CA PRO B 85 65.09 3.58 29.48
C PRO B 85 63.88 3.24 30.34
N GLN B 86 63.92 2.07 30.97
CA GLN B 86 62.80 1.58 31.78
C GLN B 86 63.08 1.74 33.28
N ARG B 87 64.35 1.64 33.66
CA ARG B 87 64.75 1.82 35.05
C ARG B 87 66.04 2.61 35.17
N ILE B 88 66.06 3.58 36.08
N ILE B 88 66.06 3.60 36.06
CA ILE B 88 67.23 4.43 36.35
CA ILE B 88 67.27 4.36 36.36
C ILE B 88 67.46 4.54 37.86
C ILE B 88 67.48 4.48 37.87
N ALA B 89 68.73 4.70 38.26
CA ALA B 89 69.08 4.93 39.65
C ALA B 89 69.61 6.36 39.78
N LEU B 90 68.88 7.20 40.51
CA LEU B 90 69.33 8.55 40.83
C LEU B 90 69.96 8.61 42.21
N ARG B 91 71.19 9.08 42.29
CA ARG B 91 71.85 9.29 43.57
C ARG B 91 72.07 10.78 43.75
N LEU B 92 71.49 11.36 44.81
CA LEU B 92 71.50 12.81 45.02
C LEU B 92 72.09 13.18 46.37
N ARG B 93 72.96 14.18 46.37
CA ARG B 93 73.45 14.77 47.61
C ARG B 93 72.48 15.86 48.06
N PRO B 94 72.58 16.34 49.33
CA PRO B 94 71.58 17.26 49.88
C PRO B 94 71.30 18.50 49.02
N ASP B 95 70.02 18.78 48.79
CA ASP B 95 69.55 19.94 48.02
C ASP B 95 69.94 19.95 46.54
N ASP B 96 70.48 18.84 46.04
CA ASP B 96 71.02 18.82 44.68
C ASP B 96 69.96 18.39 43.68
N SER B 97 70.26 18.57 42.40
CA SER B 97 69.43 18.07 41.32
C SER B 97 70.26 17.25 40.32
N LYS B 98 69.56 16.46 39.51
CA LYS B 98 70.19 15.69 38.45
C LYS B 98 69.17 15.49 37.33
N ASN B 99 69.62 15.60 36.08
CA ASN B 99 68.75 15.36 34.93
C ASN B 99 68.92 13.95 34.35
N PHE B 100 67.96 13.55 33.52
CA PHE B 100 68.02 12.27 32.81
C PHE B 100 67.07 12.32 31.63
N SER B 101 67.31 11.46 30.64
CA SER B 101 66.54 11.47 29.41
C SER B 101 65.57 10.29 29.35
N ILE B 102 64.46 10.49 28.63
CA ILE B 102 63.49 9.43 28.35
C ILE B 102 63.00 9.57 26.90
N GLN B 103 62.89 8.43 26.21
CA GLN B 103 62.30 8.37 24.87
C GLN B 103 60.99 7.62 24.92
N VAL B 104 60.00 8.11 24.19
CA VAL B 104 58.70 7.47 24.12
C VAL B 104 58.27 7.29 22.66
N ARG B 105 57.87 6.08 22.31
CA ARG B 105 57.48 5.74 20.94
C ARG B 105 56.09 5.12 20.89
N GLN B 106 55.28 5.55 19.92
CA GLN B 106 54.00 4.92 19.66
C GLN B 106 54.24 3.70 18.78
N VAL B 107 54.34 2.54 19.41
CA VAL B 107 54.55 1.27 18.69
C VAL B 107 53.23 0.53 18.48
N GLU B 108 52.43 0.45 19.55
CA GLU B 108 51.20 -0.33 19.51
C GLU B 108 50.17 0.28 18.54
N ASP B 109 49.38 -0.59 17.91
CA ASP B 109 48.41 -0.19 16.90
C ASP B 109 47.24 0.51 17.58
N TYR B 110 46.60 1.42 16.83
CA TYR B 110 45.49 2.20 17.37
C TYR B 110 44.20 1.38 17.41
N PRO B 111 43.39 1.57 18.47
CA PRO B 111 42.14 0.84 18.60
C PRO B 111 41.07 1.34 17.61
N VAL B 112 40.46 0.39 16.90
CA VAL B 112 39.39 0.69 15.96
C VAL B 112 38.24 -0.28 16.19
N ASP B 113 37.04 0.28 16.25
CA ASP B 113 35.80 -0.49 16.32
C ASP B 113 35.14 -0.45 14.96
N ILE B 114 34.82 -1.63 14.43
CA ILE B 114 33.99 -1.73 13.23
C ILE B 114 32.72 -2.54 13.53
N TYR B 115 31.57 -1.92 13.32
CA TYR B 115 30.30 -2.64 13.39
C TYR B 115 29.71 -2.68 11.99
N TYR B 116 29.35 -3.88 11.57
CA TYR B 116 28.94 -4.17 10.20
C TYR B 116 27.45 -4.43 10.16
N LEU B 117 26.73 -3.66 9.34
CA LEU B 117 25.28 -3.84 9.17
C LEU B 117 24.96 -4.52 7.84
N MET B 118 24.36 -5.71 7.93
CA MET B 118 24.04 -6.53 6.76
C MET B 118 22.56 -6.40 6.36
N ASP B 119 22.32 -5.91 5.16
CA ASP B 119 21.00 -5.99 4.54
C ASP B 119 20.78 -7.45 4.20
N LEU B 120 19.85 -8.11 4.90
CA LEU B 120 19.52 -9.51 4.61
C LEU B 120 18.12 -9.65 4.02
N SER B 121 17.69 -8.63 3.28
CA SER B 121 16.44 -8.71 2.54
C SER B 121 16.61 -9.60 1.30
N TYR B 122 15.51 -9.94 0.64
CA TYR B 122 15.55 -10.91 -0.44
C TYR B 122 16.33 -10.42 -1.68
N SER B 123 16.27 -9.13 -1.96
CA SER B 123 17.03 -8.57 -3.07
C SER B 123 18.52 -8.87 -2.90
N MET B 124 18.95 -9.09 -1.65
CA MET B 124 20.36 -9.31 -1.36
C MET B 124 20.84 -10.74 -1.60
N LYS B 125 19.94 -11.60 -2.07
CA LYS B 125 20.31 -13.00 -2.31
C LYS B 125 21.52 -13.09 -3.24
N ASP B 126 21.49 -12.37 -4.36
CA ASP B 126 22.61 -12.37 -5.29
C ASP B 126 23.81 -11.56 -4.79
N ASP B 127 23.63 -10.77 -3.75
CA ASP B 127 24.71 -9.99 -3.15
C ASP B 127 25.24 -10.60 -1.86
N LEU B 128 24.71 -11.75 -1.47
CA LEU B 128 25.01 -12.31 -0.15
C LEU B 128 26.49 -12.68 -0.03
N TRP B 129 27.01 -13.35 -1.07
CA TRP B 129 28.41 -13.69 -1.10
C TRP B 129 29.29 -12.44 -0.97
N SER B 130 28.90 -11.37 -1.66
CA SER B 130 29.63 -10.12 -1.63
C SER B 130 29.70 -9.50 -0.25
N ILE B 131 28.60 -9.54 0.50
CA ILE B 131 28.61 -8.95 1.84
C ILE B 131 29.30 -9.85 2.86
N GLN B 132 29.28 -11.16 2.62
CA GLN B 132 30.06 -12.10 3.44
C GLN B 132 31.55 -11.90 3.16
N ASN B 133 31.89 -11.86 1.87
CA ASN B 133 33.25 -11.54 1.44
C ASN B 133 33.78 -10.25 2.05
N LEU B 134 32.99 -9.18 1.96
CA LEU B 134 33.39 -7.88 2.47
C LEU B 134 33.60 -7.93 3.97
N GLY B 135 32.68 -8.56 4.68
CA GLY B 135 32.74 -8.65 6.13
C GLY B 135 34.01 -9.35 6.59
N THR B 136 34.26 -10.55 6.05
CA THR B 136 35.42 -11.34 6.44
C THR B 136 36.74 -10.67 6.03
N LYS B 137 36.71 -9.95 4.91
CA LYS B 137 37.87 -9.15 4.46
C LYS B 137 38.11 -7.94 5.36
N LEU B 138 37.04 -7.27 5.77
CA LEU B 138 37.15 -6.22 6.78
C LEU B 138 37.87 -6.77 8.01
N ALA B 139 37.37 -7.89 8.54
CA ALA B 139 37.93 -8.49 9.75
C ALA B 139 39.40 -8.84 9.56
N THR B 140 39.69 -9.70 8.57
CA THR B 140 41.03 -10.23 8.35
C THR B 140 42.06 -9.14 8.01
N GLN B 141 41.72 -8.26 7.08
CA GLN B 141 42.68 -7.26 6.59
C GLN B 141 42.92 -6.14 7.60
N MET B 142 41.87 -5.69 8.28
CA MET B 142 42.03 -4.64 9.31
C MET B 142 42.73 -5.17 10.56
N ARG B 143 42.63 -6.48 10.79
CA ARG B 143 43.39 -7.13 11.86
C ARG B 143 44.89 -7.05 11.56
N LYS B 144 45.27 -7.18 10.28
CA LYS B 144 46.65 -6.97 9.85
C LYS B 144 47.07 -5.51 10.00
N LEU B 145 46.15 -4.59 9.70
CA LEU B 145 46.42 -3.16 9.83
C LEU B 145 46.57 -2.73 11.30
N THR B 146 45.78 -3.34 12.18
CA THR B 146 45.83 -3.05 13.62
C THR B 146 45.46 -4.26 14.48
N SER B 147 46.34 -4.61 15.43
CA SER B 147 46.07 -5.68 16.39
C SER B 147 45.01 -5.32 17.44
N ASN B 148 44.64 -4.03 17.50
CA ASN B 148 43.64 -3.56 18.46
C ASN B 148 42.27 -3.33 17.81
N LEU B 149 42.03 -4.03 16.70
CA LEU B 149 40.71 -4.08 16.09
C LEU B 149 39.73 -4.83 16.98
N ARG B 150 38.53 -4.28 17.11
CA ARG B 150 37.37 -5.05 17.53
C ARG B 150 36.31 -4.91 16.47
N ILE B 151 35.61 -6.01 16.21
CA ILE B 151 34.64 -6.05 15.12
C ILE B 151 33.40 -6.86 15.54
N GLY B 152 32.23 -6.40 15.09
CA GLY B 152 30.96 -7.08 15.36
C GLY B 152 29.97 -6.78 14.23
N PHE B 153 28.79 -7.39 14.29
CA PHE B 153 27.80 -7.13 13.26
C PHE B 153 26.35 -7.31 13.69
N GLY B 154 25.47 -6.73 12.87
CA GLY B 154 24.03 -6.92 12.98
C GLY B 154 23.43 -6.98 11.58
N ALA B 155 22.13 -7.22 11.52
CA ALA B 155 21.42 -7.37 10.25
C ALA B 155 20.06 -6.69 10.32
N PHE B 156 19.55 -6.34 9.16
CA PHE B 156 18.23 -5.73 9.07
C PHE B 156 17.47 -6.21 7.83
N VAL B 157 16.14 -6.05 7.88
CA VAL B 157 15.30 -6.14 6.69
C VAL B 157 14.44 -4.86 6.65
N ASP B 158 13.29 -4.88 7.32
CA ASP B 158 12.39 -3.73 7.36
C ASP B 158 11.43 -3.92 8.54
N LYS B 159 10.58 -2.95 8.78
CA LYS B 159 9.58 -3.05 9.83
C LYS B 159 8.63 -4.21 9.51
N PRO B 160 8.57 -5.22 10.40
CA PRO B 160 7.74 -6.41 10.19
C PRO B 160 6.24 -6.15 10.44
N VAL B 161 5.65 -5.38 9.54
CA VAL B 161 4.25 -5.00 9.63
C VAL B 161 3.73 -4.77 8.22
N SER B 162 2.46 -5.10 7.98
CA SER B 162 1.83 -4.81 6.69
C SER B 162 1.85 -3.31 6.44
N PRO B 163 2.11 -2.89 5.18
CA PRO B 163 2.30 -3.65 3.94
C PRO B 163 3.75 -4.07 3.62
N TYR B 164 4.71 -3.77 4.49
CA TYR B 164 6.10 -4.18 4.23
C TYR B 164 6.20 -5.70 4.33
N MET B 165 5.52 -6.28 5.32
CA MET B 165 5.57 -7.70 5.59
C MET B 165 4.43 -8.46 4.89
N TYR B 166 4.74 -9.60 4.31
CA TYR B 166 3.72 -10.52 3.82
C TYR B 166 3.02 -11.12 5.05
N ILE B 167 1.68 -11.02 5.11
CA ILE B 167 0.90 -11.47 6.26
C ILE B 167 -0.13 -12.56 5.93
N SER B 168 -0.05 -13.10 4.72
CA SER B 168 -0.87 -14.23 4.33
C SER B 168 -0.12 -15.07 3.32
N PRO B 169 -0.42 -16.38 3.25
CA PRO B 169 -1.25 -17.12 4.21
C PRO B 169 -0.48 -17.26 5.53
N PRO B 170 -1.09 -17.86 6.56
CA PRO B 170 -0.41 -17.98 7.87
C PRO B 170 1.02 -18.52 7.79
N GLU B 171 1.28 -19.39 6.82
CA GLU B 171 2.61 -19.97 6.60
C GLU B 171 3.65 -18.94 6.18
N ALA B 172 3.21 -17.86 5.55
CA ALA B 172 4.12 -16.81 5.09
C ALA B 172 4.88 -16.09 6.21
N LEU B 173 4.36 -16.16 7.44
CA LEU B 173 4.98 -15.45 8.57
C LEU B 173 6.30 -16.11 9.00
N GLU B 174 6.31 -17.44 9.11
CA GLU B 174 7.53 -18.16 9.44
CA GLU B 174 7.53 -18.17 9.45
C GLU B 174 8.39 -18.41 8.20
N ASN B 175 7.76 -18.37 7.02
CA ASN B 175 8.49 -18.51 5.76
C ASN B 175 7.95 -17.55 4.69
N PRO B 176 8.52 -16.33 4.62
CA PRO B 176 8.15 -15.33 3.61
C PRO B 176 8.29 -15.79 2.16
N CYS B 177 9.12 -16.79 1.89
CA CYS B 177 9.26 -17.34 0.54
C CYS B 177 8.25 -18.46 0.19
N TYR B 178 7.28 -18.69 1.07
CA TYR B 178 6.32 -19.79 0.95
C TYR B 178 5.69 -19.91 -0.45
N ASP B 179 5.26 -18.78 -1.00
CA ASP B 179 4.54 -18.75 -2.28
C ASP B 179 5.45 -18.94 -3.51
N MET B 180 6.76 -18.92 -3.31
CA MET B 180 7.72 -19.24 -4.36
C MET B 180 8.16 -20.69 -4.29
N LYS B 181 7.56 -21.43 -3.35
CA LYS B 181 7.90 -22.83 -3.07
C LYS B 181 9.37 -23.02 -2.67
N THR B 182 9.89 -22.03 -1.94
CA THR B 182 11.21 -22.12 -1.33
C THR B 182 11.13 -21.69 0.15
N THR B 183 12.26 -21.71 0.83
CA THR B 183 12.34 -21.34 2.24
C THR B 183 13.31 -20.18 2.44
N CYS B 184 12.87 -19.15 3.14
CA CYS B 184 13.78 -18.16 3.69
C CYS B 184 13.40 -17.87 5.14
N LEU B 185 14.20 -17.04 5.81
CA LEU B 185 14.00 -16.76 7.21
C LEU B 185 12.84 -15.78 7.41
N PRO B 186 12.22 -15.81 8.61
CA PRO B 186 11.21 -14.82 8.98
C PRO B 186 11.73 -13.38 8.93
N MET B 187 10.85 -12.47 8.55
CA MET B 187 11.21 -11.06 8.47
C MET B 187 11.51 -10.49 9.86
N PHE B 188 12.41 -9.51 9.92
CA PHE B 188 12.71 -8.82 11.18
C PHE B 188 13.21 -7.42 10.88
N GLY B 189 13.13 -6.54 11.88
CA GLY B 189 13.54 -5.15 11.73
C GLY B 189 15.03 -5.00 11.77
N TYR B 190 15.57 -5.02 12.98
CA TYR B 190 17.01 -4.98 13.20
C TYR B 190 17.37 -6.01 14.26
N LYS B 191 18.42 -6.76 13.99
CA LYS B 191 18.89 -7.80 14.88
C LYS B 191 20.38 -7.60 15.15
N HIS B 192 20.72 -7.40 16.42
CA HIS B 192 22.12 -7.38 16.83
C HIS B 192 22.55 -8.84 16.94
N VAL B 193 23.63 -9.20 16.27
CA VAL B 193 24.06 -10.60 16.21
C VAL B 193 25.34 -10.84 17.01
N LEU B 194 26.32 -9.96 16.84
CA LEU B 194 27.63 -10.16 17.45
C LEU B 194 28.21 -8.84 17.99
N THR B 195 28.42 -8.79 19.30
CA THR B 195 29.02 -7.63 19.96
C THR B 195 30.46 -7.43 19.48
N LEU B 196 30.93 -6.18 19.48
CA LEU B 196 32.30 -5.88 19.09
C LEU B 196 33.27 -6.79 19.85
N THR B 197 34.05 -7.57 19.12
CA THR B 197 34.94 -8.57 19.69
C THR B 197 36.25 -8.64 18.91
N ASP B 198 37.30 -9.18 19.54
CA ASP B 198 38.58 -9.41 18.86
C ASP B 198 38.70 -10.83 18.32
N GLN B 199 37.68 -11.65 18.53
CA GLN B 199 37.63 -13.01 18.01
C GLN B 199 37.24 -13.02 16.53
N VAL B 200 38.23 -12.76 15.68
CA VAL B 200 38.05 -12.62 14.25
C VAL B 200 37.55 -13.90 13.57
N THR B 201 38.10 -15.04 13.97
CA THR B 201 37.69 -16.32 13.38
CA THR B 201 37.70 -16.32 13.38
C THR B 201 36.22 -16.60 13.64
N ARG B 202 35.75 -16.23 14.84
CA ARG B 202 34.36 -16.41 15.22
C ARG B 202 33.44 -15.46 14.46
N PHE B 203 33.86 -14.20 14.33
CA PHE B 203 33.12 -13.22 13.56
C PHE B 203 32.92 -13.70 12.13
N ASN B 204 34.00 -14.19 11.53
CA ASN B 204 33.96 -14.68 10.15
C ASN B 204 33.04 -15.90 10.00
N GLU B 205 33.03 -16.76 11.01
CA GLU B 205 32.11 -17.91 11.05
C GLU B 205 30.65 -17.48 11.03
N GLU B 206 30.28 -16.56 11.92
CA GLU B 206 28.89 -16.09 12.03
C GLU B 206 28.42 -15.35 10.78
N VAL B 207 29.30 -14.53 10.21
CA VAL B 207 28.98 -13.82 8.99
C VAL B 207 28.66 -14.83 7.87
N LYS B 208 29.44 -15.90 7.78
CA LYS B 208 29.23 -16.90 6.73
C LYS B 208 27.96 -17.75 6.93
N LYS B 209 27.35 -17.71 8.12
CA LYS B 209 26.11 -18.45 8.38
C LYS B 209 24.83 -17.68 7.99
N GLN B 210 24.97 -16.40 7.66
CA GLN B 210 23.81 -15.55 7.42
C GLN B 210 23.14 -15.92 6.11
N SER B 211 21.81 -15.87 6.10
CA SER B 211 21.02 -16.04 4.89
C SER B 211 19.93 -14.99 4.87
N VAL B 212 19.20 -14.93 3.74
CA VAL B 212 18.25 -13.85 3.53
C VAL B 212 16.84 -14.19 4.00
N SER B 213 16.10 -13.13 4.29
CA SER B 213 14.67 -13.18 4.53
C SER B 213 14.00 -12.56 3.30
N ARG B 214 12.80 -12.04 3.46
CA ARG B 214 12.06 -11.45 2.36
C ARG B 214 10.94 -10.52 2.85
N ASN B 215 10.79 -9.39 2.15
CA ASN B 215 9.67 -8.50 2.37
C ASN B 215 9.12 -7.98 1.03
N ARG B 216 8.19 -7.05 1.08
CA ARG B 216 7.43 -6.67 -0.11
C ARG B 216 8.01 -5.48 -0.86
N ASP B 217 8.30 -4.40 -0.14
CA ASP B 217 8.66 -3.15 -0.80
C ASP B 217 10.17 -2.93 -0.86
N ALA B 218 10.60 -2.28 -1.94
CA ALA B 218 12.01 -2.17 -2.30
C ALA B 218 12.84 -1.42 -1.26
N PRO B 219 12.34 -0.27 -0.78
CA PRO B 219 13.11 0.45 0.22
C PRO B 219 13.09 -0.31 1.55
N GLU B 220 14.21 -0.31 2.26
CA GLU B 220 14.35 -1.14 3.45
C GLU B 220 14.54 -0.30 4.70
N GLY B 221 14.62 -0.97 5.85
CA GLY B 221 14.61 -0.32 7.16
C GLY B 221 15.99 -0.17 7.79
N GLY B 222 17.01 -0.06 6.97
CA GLY B 222 18.38 0.05 7.44
C GLY B 222 18.69 1.26 8.32
N PHE B 223 17.95 2.34 8.13
CA PHE B 223 18.16 3.56 8.93
C PHE B 223 17.74 3.36 10.38
N ASP B 224 16.76 2.50 10.64
CA ASP B 224 16.44 2.03 12.00
C ASP B 224 17.64 1.32 12.63
N ALA B 225 18.31 0.48 11.83
CA ALA B 225 19.48 -0.28 12.26
C ALA B 225 20.66 0.66 12.57
N ILE B 226 20.86 1.66 11.72
CA ILE B 226 21.92 2.65 11.94
C ILE B 226 21.72 3.39 13.26
N MET B 227 20.51 3.90 13.47
CA MET B 227 20.18 4.64 14.69
C MET B 227 20.46 3.79 15.93
N GLN B 228 20.00 2.54 15.91
CA GLN B 228 20.19 1.65 17.05
C GLN B 228 21.63 1.21 17.22
N ALA B 229 22.31 0.91 16.12
CA ALA B 229 23.75 0.62 16.18
C ALA B 229 24.54 1.81 16.76
N THR B 230 24.06 3.03 16.52
CA THR B 230 24.70 4.22 17.04
C THR B 230 24.45 4.41 18.53
N VAL B 231 23.19 4.30 18.95
CA VAL B 231 22.80 4.72 20.30
C VAL B 231 22.78 3.62 21.36
N CYS B 232 22.91 2.36 20.95
CA CYS B 232 22.93 1.24 21.91
C CYS B 232 24.36 0.91 22.30
N ASP B 233 24.92 1.72 23.21
CA ASP B 233 26.34 1.66 23.57
C ASP B 233 26.79 0.32 24.14
N GLU B 234 26.12 -0.13 25.20
CA GLU B 234 26.47 -1.38 25.85
CA GLU B 234 26.46 -1.38 25.86
C GLU B 234 26.25 -2.59 24.93
N LYS B 235 25.15 -2.60 24.20
CA LYS B 235 24.82 -3.72 23.32
C LYS B 235 25.88 -3.94 22.24
N ILE B 236 26.20 -2.88 21.50
CA ILE B 236 27.15 -2.96 20.39
C ILE B 236 28.58 -3.12 20.93
N GLY B 237 28.91 -2.34 21.95
CA GLY B 237 30.18 -2.47 22.66
C GLY B 237 31.28 -1.49 22.30
N TRP B 238 30.89 -0.32 21.77
CA TRP B 238 31.88 0.73 21.40
C TRP B 238 32.76 1.13 22.59
N ARG B 239 34.06 1.26 22.33
CA ARG B 239 35.02 1.67 23.35
C ARG B 239 35.20 3.19 23.34
N ASN B 240 35.35 3.77 24.52
CA ASN B 240 35.45 5.23 24.67
C ASN B 240 36.60 5.87 23.90
N ASP B 241 37.79 5.27 23.98
CA ASP B 241 38.96 5.82 23.30
C ASP B 241 39.37 4.99 22.07
N ALA B 242 38.38 4.68 21.23
CA ALA B 242 38.61 3.99 19.97
C ALA B 242 37.99 4.77 18.82
N SER B 243 38.52 4.57 17.63
CA SER B 243 37.92 5.10 16.42
C SER B 243 36.71 4.21 16.09
N HIS B 244 35.55 4.83 15.86
CA HIS B 244 34.30 4.11 15.62
C HIS B 244 33.84 4.22 14.17
N LEU B 245 33.72 3.06 13.52
CA LEU B 245 33.28 2.99 12.13
C LEU B 245 32.05 2.10 12.04
N LEU B 246 30.99 2.63 11.44
CA LEU B 246 29.76 1.90 11.21
C LEU B 246 29.62 1.68 9.70
N VAL B 247 29.76 0.42 9.28
CA VAL B 247 29.72 0.07 7.87
C VAL B 247 28.36 -0.51 7.54
N PHE B 248 27.64 0.18 6.67
CA PHE B 248 26.26 -0.13 6.34
C PHE B 248 26.17 -0.62 4.89
N THR B 249 25.56 -1.79 4.70
CA THR B 249 25.44 -2.42 3.37
C THR B 249 24.00 -2.53 2.90
N THR B 250 23.80 -2.34 1.59
CA THR B 250 22.50 -2.56 0.96
C THR B 250 22.62 -2.54 -0.58
N ASP B 251 21.53 -2.93 -1.24
CA ASP B 251 21.45 -2.86 -2.70
C ASP B 251 20.23 -2.06 -3.17
N ALA B 252 19.60 -1.33 -2.24
CA ALA B 252 18.32 -0.67 -2.53
C ALA B 252 18.22 0.71 -1.88
N LYS B 253 17.16 1.42 -2.25
CA LYS B 253 16.82 2.66 -1.58
C LYS B 253 16.41 2.33 -0.15
N THR B 254 16.28 3.37 0.67
CA THR B 254 16.05 3.20 2.10
C THR B 254 14.81 3.97 2.55
N HIS B 255 14.06 3.41 3.49
CA HIS B 255 12.98 4.17 4.11
C HIS B 255 13.53 5.33 4.93
N ILE B 256 12.76 6.42 4.96
CA ILE B 256 13.14 7.64 5.65
C ILE B 256 11.96 8.10 6.52
N ALA B 257 12.21 9.03 7.44
CA ALA B 257 11.16 9.53 8.33
C ALA B 257 9.96 10.02 7.55
N LEU B 258 8.78 9.72 8.09
CA LEU B 258 7.46 9.97 7.49
C LEU B 258 6.99 8.89 6.49
N ASP B 259 7.86 7.98 6.07
CA ASP B 259 7.44 6.77 5.34
C ASP B 259 6.56 5.85 6.20
N GLY B 260 6.80 5.83 7.50
CA GLY B 260 6.14 4.88 8.41
C GLY B 260 4.62 4.98 8.45
N ARG B 261 4.11 6.13 8.04
CA ARG B 261 2.66 6.35 7.99
C ARG B 261 1.93 5.33 7.08
N LEU B 262 2.62 4.81 6.07
CA LEU B 262 2.03 3.76 5.22
C LEU B 262 1.77 2.47 5.98
N ALA B 263 2.40 2.31 7.14
CA ALA B 263 2.12 1.17 8.02
C ALA B 263 1.31 1.60 9.25
N GLY B 264 0.76 2.82 9.20
CA GLY B 264 0.02 3.39 10.32
C GLY B 264 0.88 3.90 11.47
N ILE B 265 2.18 4.01 11.23
CA ILE B 265 3.12 4.45 12.27
C ILE B 265 3.41 5.94 12.12
N VAL B 266 3.01 6.72 13.12
CA VAL B 266 3.18 8.18 13.09
C VAL B 266 4.07 8.75 14.21
N GLN B 267 4.35 7.96 15.23
CA GLN B 267 5.23 8.40 16.31
C GLN B 267 6.64 8.65 15.82
N PRO B 268 7.16 9.88 15.99
CA PRO B 268 8.53 10.17 15.59
C PRO B 268 9.58 9.36 16.34
N ASN B 269 10.68 9.07 15.64
CA ASN B 269 11.82 8.39 16.25
C ASN B 269 12.36 9.21 17.43
N ASP B 270 12.62 8.56 18.56
CA ASP B 270 13.01 9.27 19.79
C ASP B 270 14.53 9.33 19.98
N GLY B 271 15.28 8.71 19.07
CA GLY B 271 16.73 8.63 19.17
C GLY B 271 17.26 7.90 20.40
N GLN B 272 16.50 6.95 20.93
N GLN B 272 16.49 6.94 20.91
CA GLN B 272 16.92 6.18 22.10
CA GLN B 272 16.88 6.16 22.09
C GLN B 272 17.12 4.71 21.74
C GLN B 272 17.14 4.70 21.72
N CYS B 273 17.82 4.00 22.62
CA CYS B 273 18.07 2.56 22.44
C CYS B 273 16.81 1.80 22.80
N HIS B 274 16.40 0.89 21.92
CA HIS B 274 15.25 0.02 22.17
C HIS B 274 15.54 -1.40 21.74
N VAL B 275 16.78 -1.86 21.95
CA VAL B 275 17.11 -3.24 21.60
C VAL B 275 16.78 -4.17 22.79
N GLY B 276 17.62 -4.17 23.80
CA GLY B 276 17.37 -5.02 24.97
C GLY B 276 17.80 -6.47 24.77
N SER B 277 17.23 -7.35 25.58
CA SER B 277 17.83 -8.67 25.82
C SER B 277 17.63 -9.73 24.73
N ASP B 278 16.56 -9.64 23.93
CA ASP B 278 16.39 -10.56 22.80
C ASP B 278 17.16 -10.11 21.52
N ASN B 279 17.82 -8.95 21.61
CA ASN B 279 18.66 -8.39 20.53
C ASN B 279 17.92 -7.93 19.28
N HIS B 280 16.62 -7.71 19.41
CA HIS B 280 15.81 -7.14 18.34
C HIS B 280 15.46 -5.71 18.70
N TYR B 281 15.29 -4.87 17.67
CA TYR B 281 14.79 -3.52 17.84
C TYR B 281 13.30 -3.61 18.20
N SER B 282 12.98 -3.36 19.46
CA SER B 282 11.61 -3.57 19.98
C SER B 282 10.59 -2.55 19.47
N ALA B 283 11.05 -1.36 19.07
CA ALA B 283 10.14 -0.29 18.63
C ALA B 283 9.93 -0.27 17.11
N SER B 284 10.41 -1.30 16.42
CA SER B 284 10.34 -1.36 14.96
C SER B 284 8.96 -1.11 14.39
N THR B 285 7.94 -1.73 14.99
CA THR B 285 6.57 -1.64 14.50
C THR B 285 5.74 -0.50 15.13
N THR B 286 6.35 0.28 16.02
CA THR B 286 5.62 1.34 16.74
C THR B 286 6.21 2.75 16.59
N MET B 287 7.38 2.86 15.97
CA MET B 287 8.11 4.12 15.89
C MET B 287 8.57 4.34 14.47
N ASP B 288 8.53 5.58 14.01
CA ASP B 288 8.85 5.92 12.63
C ASP B 288 10.35 5.82 12.37
N TYR B 289 10.72 5.72 11.10
CA TYR B 289 12.11 5.75 10.70
C TYR B 289 12.73 7.07 11.14
N PRO B 290 14.04 7.05 11.43
CA PRO B 290 14.70 8.29 11.84
C PRO B 290 14.92 9.25 10.66
N SER B 291 14.94 10.55 10.97
CA SER B 291 15.31 11.56 9.97
C SER B 291 16.83 11.67 9.87
N LEU B 292 17.31 12.19 8.75
CA LEU B 292 18.74 12.41 8.51
C LEU B 292 19.38 13.31 9.58
N GLY B 293 18.65 14.34 9.99
CA GLY B 293 19.11 15.25 11.03
C GLY B 293 19.30 14.56 12.38
N LEU B 294 18.39 13.65 12.72
CA LEU B 294 18.48 12.92 13.98
C LEU B 294 19.59 11.89 13.91
N MET B 295 19.72 11.22 12.77
CA MET B 295 20.86 10.34 12.56
C MET B 295 22.18 11.13 12.69
N THR B 296 22.24 12.32 12.11
CA THR B 296 23.44 13.16 12.19
C THR B 296 23.79 13.50 13.63
N GLU B 297 22.77 13.88 14.40
CA GLU B 297 22.94 14.27 15.79
C GLU B 297 23.54 13.14 16.63
N LYS B 298 23.02 11.94 16.47
CA LYS B 298 23.49 10.81 17.29
C LYS B 298 24.85 10.30 16.84
N LEU B 299 25.07 10.21 15.52
CA LEU B 299 26.40 9.86 15.01
C LEU B 299 27.47 10.78 15.58
N SER B 300 27.16 12.07 15.62
CA SER B 300 28.09 13.07 16.13
C SER B 300 28.24 12.98 17.64
N GLN B 301 27.10 12.84 18.32
CA GLN B 301 27.06 12.74 19.77
C GLN B 301 27.79 11.50 20.29
N LYS B 302 27.73 10.41 19.53
CA LYS B 302 28.41 9.16 19.89
C LYS B 302 29.77 9.01 19.20
N ASN B 303 30.14 9.99 18.37
CA ASN B 303 31.41 9.99 17.66
C ASN B 303 31.60 8.72 16.83
N ILE B 304 30.64 8.50 15.93
CA ILE B 304 30.65 7.34 15.04
C ILE B 304 30.69 7.82 13.60
N ASN B 305 31.54 7.19 12.80
CA ASN B 305 31.71 7.54 11.40
C ASN B 305 30.97 6.55 10.53
N LEU B 306 29.96 7.03 9.80
CA LEU B 306 29.13 6.17 8.97
C LEU B 306 29.75 6.02 7.58
N ILE B 307 29.81 4.77 7.13
CA ILE B 307 30.27 4.43 5.79
C ILE B 307 29.17 3.63 5.10
N PHE B 308 28.68 4.17 3.98
CA PHE B 308 27.73 3.45 3.13
C PHE B 308 28.51 2.57 2.16
N ALA B 309 28.39 1.26 2.32
CA ALA B 309 28.97 0.30 1.38
C ALA B 309 27.84 -0.28 0.54
N VAL B 310 27.56 0.37 -0.58
CA VAL B 310 26.34 0.07 -1.34
C VAL B 310 26.64 -0.36 -2.78
N THR B 311 25.74 -1.14 -3.37
CA THR B 311 25.94 -1.62 -4.73
C THR B 311 25.82 -0.47 -5.73
N GLU B 312 26.44 -0.64 -6.90
CA GLU B 312 26.63 0.47 -7.85
C GLU B 312 25.32 1.14 -8.29
N ASN B 313 24.23 0.38 -8.34
CA ASN B 313 22.93 0.92 -8.72
C ASN B 313 22.40 2.02 -7.78
N VAL B 314 22.91 2.07 -6.56
CA VAL B 314 22.44 3.05 -5.56
C VAL B 314 23.55 3.96 -4.99
N VAL B 315 24.76 3.89 -5.57
CA VAL B 315 25.87 4.71 -5.12
C VAL B 315 25.51 6.20 -5.13
N ASN B 316 24.96 6.67 -6.24
CA ASN B 316 24.59 8.08 -6.34
C ASN B 316 23.58 8.50 -5.29
N LEU B 317 22.58 7.65 -5.03
CA LEU B 317 21.61 7.92 -3.98
C LEU B 317 22.31 8.17 -2.65
N TYR B 318 23.20 7.27 -2.27
CA TYR B 318 23.86 7.35 -0.97
C TYR B 318 24.94 8.43 -0.89
N GLN B 319 25.60 8.70 -2.02
N GLN B 319 25.60 8.72 -2.01
CA GLN B 319 26.48 9.86 -2.15
CA GLN B 319 26.50 9.87 -2.07
C GLN B 319 25.71 11.15 -1.83
C GLN B 319 25.71 11.17 -1.83
N ASN B 320 24.47 11.21 -2.30
CA ASN B 320 23.60 12.36 -2.08
C ASN B 320 23.12 12.48 -0.62
N TYR B 321 22.74 11.37 0.00
CA TYR B 321 22.47 11.37 1.45
C TYR B 321 23.73 11.70 2.25
N SER B 322 24.87 11.17 1.83
CA SER B 322 26.15 11.42 2.49
C SER B 322 26.47 12.91 2.61
N GLU B 323 26.15 13.68 1.58
CA GLU B 323 26.31 15.14 1.61
C GLU B 323 25.39 15.83 2.61
N LEU B 324 24.31 15.18 3.02
CA LEU B 324 23.41 15.70 4.03
C LEU B 324 23.73 15.21 5.45
N ILE B 325 24.75 14.35 5.58
CA ILE B 325 25.23 13.87 6.87
C ILE B 325 26.75 14.01 6.84
N PRO B 326 27.27 15.21 7.14
CA PRO B 326 28.70 15.48 6.97
C PRO B 326 29.61 14.51 7.73
N GLY B 327 30.68 14.09 7.07
CA GLY B 327 31.63 13.13 7.65
C GLY B 327 31.38 11.73 7.13
N THR B 328 30.19 11.52 6.57
CA THR B 328 29.83 10.24 5.98
C THR B 328 30.54 10.07 4.64
N THR B 329 30.94 8.83 4.36
CA THR B 329 31.62 8.47 3.12
C THR B 329 30.88 7.30 2.46
N VAL B 330 31.10 7.14 1.16
CA VAL B 330 30.47 6.07 0.40
C VAL B 330 31.50 5.22 -0.33
N GLY B 331 31.34 3.90 -0.24
CA GLY B 331 32.11 2.94 -1.02
C GLY B 331 31.21 2.02 -1.81
N VAL B 332 31.78 1.30 -2.76
CA VAL B 332 31.00 0.41 -3.62
C VAL B 332 31.10 -1.02 -3.16
N LEU B 333 29.95 -1.57 -2.80
CA LEU B 333 29.80 -2.99 -2.53
C LEU B 333 29.82 -3.74 -3.86
N SER B 334 30.71 -4.73 -3.96
CA SER B 334 30.82 -5.53 -5.17
C SER B 334 31.43 -6.87 -4.80
N MET B 335 31.78 -7.69 -5.80
CA MET B 335 32.52 -8.92 -5.55
C MET B 335 33.96 -8.62 -5.08
N ASP B 336 34.39 -7.38 -5.24
CA ASP B 336 35.71 -6.94 -4.81
C ASP B 336 35.63 -5.98 -3.62
N SER B 337 36.39 -6.29 -2.57
CA SER B 337 36.34 -5.55 -1.30
C SER B 337 37.23 -4.31 -1.23
N SER B 338 38.13 -4.11 -2.21
CA SER B 338 39.14 -3.04 -2.18
C SER B 338 38.59 -1.65 -1.90
N ASN B 339 37.55 -1.28 -2.64
CA ASN B 339 36.97 0.06 -2.57
C ASN B 339 36.59 0.40 -1.14
N VAL B 340 35.81 -0.44 -0.50
CA VAL B 340 35.38 -0.19 0.88
C VAL B 340 36.56 -0.24 1.87
N LEU B 341 37.43 -1.23 1.73
CA LEU B 341 38.61 -1.35 2.60
C LEU B 341 39.48 -0.08 2.61
N GLN B 342 39.69 0.52 1.43
CA GLN B 342 40.46 1.77 1.32
C GLN B 342 39.87 2.90 2.18
N LEU B 343 38.55 2.96 2.28
CA LEU B 343 37.91 3.98 3.11
C LEU B 343 38.34 3.79 4.57
N ILE B 344 38.36 2.55 5.03
CA ILE B 344 38.78 2.23 6.41
C ILE B 344 40.27 2.50 6.62
N VAL B 345 41.10 2.05 5.68
CA VAL B 345 42.54 2.29 5.75
C VAL B 345 42.85 3.79 5.75
N ASP B 346 42.13 4.55 4.92
CA ASP B 346 42.25 6.00 4.88
C ASP B 346 41.89 6.62 6.22
N ALA B 347 40.77 6.19 6.79
CA ALA B 347 40.35 6.62 8.12
C ALA B 347 41.46 6.33 9.15
N TYR B 348 41.96 5.10 9.14
CA TYR B 348 43.05 4.72 10.05
C TYR B 348 44.27 5.61 9.87
N GLY B 349 44.61 5.89 8.61
CA GLY B 349 45.73 6.77 8.29
C GLY B 349 45.63 8.18 8.87
N LYS B 350 44.41 8.62 9.19
CA LYS B 350 44.19 9.94 9.76
C LYS B 350 44.29 9.98 11.29
N ILE B 351 44.40 8.81 11.92
CA ILE B 351 44.47 8.76 13.40
C ILE B 351 45.79 9.32 13.92
N ARG B 352 45.71 10.20 14.91
CA ARG B 352 46.87 10.77 15.58
C ARG B 352 46.78 10.56 17.08
N SER B 353 47.93 10.55 17.76
CA SER B 353 47.98 10.31 19.19
C SER B 353 48.93 11.29 19.90
N LYS B 354 48.81 11.33 21.22
CA LYS B 354 49.64 12.19 22.04
C LYS B 354 50.47 11.36 23.01
N VAL B 355 51.54 11.97 23.50
CA VAL B 355 52.33 11.42 24.58
C VAL B 355 52.29 12.44 25.71
N GLU B 356 51.59 12.10 26.79
CA GLU B 356 51.44 12.98 27.95
C GLU B 356 51.98 12.26 29.18
N LEU B 357 53.11 12.74 29.68
CA LEU B 357 53.76 12.14 30.84
C LEU B 357 53.03 12.50 32.13
N GLU B 358 52.77 11.49 32.97
CA GLU B 358 52.29 11.73 34.33
C GLU B 358 53.21 11.05 35.34
N VAL B 359 53.33 11.64 36.51
CA VAL B 359 54.20 11.13 37.56
C VAL B 359 53.38 10.50 38.68
N ARG B 360 53.73 9.26 39.03
CA ARG B 360 53.10 8.54 40.14
C ARG B 360 54.09 8.33 41.27
N ASP B 361 53.62 8.49 42.49
CA ASP B 361 54.39 8.19 43.71
C ASP B 361 55.64 9.07 43.87
N LEU B 362 55.55 10.33 43.45
CA LEU B 362 56.65 11.27 43.66
C LEU B 362 56.70 11.71 45.12
N PRO B 363 57.84 11.49 45.79
CA PRO B 363 58.00 11.92 47.18
C PRO B 363 57.77 13.42 47.41
N GLU B 364 57.29 13.76 48.61
CA GLU B 364 57.19 15.14 49.07
C GLU B 364 58.47 15.93 48.81
N GLU B 365 59.61 15.32 49.11
CA GLU B 365 60.91 15.99 49.06
C GLU B 365 61.44 16.22 47.65
N LEU B 366 60.89 15.50 46.67
CA LEU B 366 61.34 15.63 45.28
C LEU B 366 60.38 16.49 44.45
N SER B 367 60.95 17.22 43.51
CA SER B 367 60.18 17.97 42.52
C SER B 367 60.85 17.86 41.16
N LEU B 368 60.05 17.80 40.10
CA LEU B 368 60.55 17.59 38.74
C LEU B 368 60.29 18.78 37.82
N SER B 369 61.13 18.92 36.81
CA SER B 369 60.87 19.85 35.71
C SER B 369 61.19 19.17 34.37
N PHE B 370 60.38 19.46 33.36
CA PHE B 370 60.44 18.75 32.08
C PHE B 370 60.74 19.68 30.91
N ASN B 371 61.51 19.18 29.94
CA ASN B 371 61.63 19.77 28.60
C ASN B 371 61.18 18.73 27.58
N ALA B 372 60.23 19.09 26.72
CA ALA B 372 59.78 18.19 25.66
C ALA B 372 60.51 18.49 24.36
N THR B 373 60.92 17.44 23.66
CA THR B 373 61.39 17.53 22.28
C THR B 373 60.47 16.68 21.40
N CYS B 374 59.52 17.34 20.74
CA CYS B 374 58.49 16.66 19.96
C CYS B 374 58.88 16.52 18.49
N LEU B 375 57.91 16.22 17.64
CA LEU B 375 58.16 15.97 16.22
C LEU B 375 58.81 17.15 15.48
N ASN B 376 58.58 18.37 15.97
CA ASN B 376 59.21 19.57 15.39
C ASN B 376 60.73 19.67 15.66
N ASN B 377 61.24 18.80 16.53
CA ASN B 377 62.67 18.75 16.88
C ASN B 377 63.16 20.02 17.55
N GLU B 378 62.29 20.64 18.34
CA GLU B 378 62.63 21.84 19.11
C GLU B 378 62.31 21.61 20.59
N VAL B 379 63.29 21.93 21.44
CA VAL B 379 63.14 21.76 22.88
C VAL B 379 62.20 22.83 23.43
N ILE B 380 60.98 22.42 23.77
CA ILE B 380 60.02 23.29 24.43
C ILE B 380 60.16 23.07 25.94
N PRO B 381 60.77 24.03 26.65
CA PRO B 381 60.96 23.84 28.08
C PRO B 381 59.67 24.02 28.88
N GLY B 382 59.56 23.30 29.98
CA GLY B 382 58.35 23.31 30.80
C GLY B 382 57.27 22.33 30.34
N LEU B 383 57.37 21.85 29.11
CA LEU B 383 56.33 21.00 28.53
C LEU B 383 56.61 19.52 28.80
N LYS B 384 55.56 18.77 29.13
CA LYS B 384 55.67 17.33 29.37
C LYS B 384 54.63 16.54 28.56
N SER B 385 54.28 17.04 27.38
CA SER B 385 53.41 16.31 26.45
C SER B 385 53.63 16.74 24.99
N CYS B 386 53.56 15.76 24.08
CA CYS B 386 53.65 16.00 22.65
C CYS B 386 52.40 15.46 21.98
N MET B 387 51.96 16.10 20.91
CA MET B 387 50.75 15.72 20.18
CA MET B 387 50.76 15.67 20.18
C MET B 387 51.07 15.44 18.70
N GLY B 388 50.10 14.85 18.00
CA GLY B 388 50.19 14.64 16.55
C GLY B 388 51.07 13.48 16.11
N LEU B 389 51.26 12.50 16.99
CA LEU B 389 52.07 11.32 16.66
C LEU B 389 51.28 10.33 15.80
N LYS B 390 52.02 9.54 15.02
CA LYS B 390 51.50 8.37 14.30
C LYS B 390 52.26 7.14 14.79
N ILE B 391 51.82 5.96 14.39
CA ILE B 391 52.53 4.72 14.73
C ILE B 391 53.95 4.80 14.16
N GLY B 392 54.94 4.65 15.04
CA GLY B 392 56.34 4.69 14.64
C GLY B 392 57.08 5.94 15.09
N ASP B 393 56.35 7.03 15.31
CA ASP B 393 56.95 8.30 15.74
C ASP B 393 57.51 8.22 17.16
N THR B 394 58.58 8.96 17.40
CA THR B 394 59.23 9.02 18.71
C THR B 394 59.43 10.45 19.17
N VAL B 395 59.17 10.69 20.44
CA VAL B 395 59.45 11.98 21.07
C VAL B 395 60.37 11.74 22.27
N SER B 396 60.97 12.83 22.76
CA SER B 396 61.97 12.75 23.82
C SER B 396 61.73 13.82 24.88
N PHE B 397 61.94 13.45 26.14
CA PHE B 397 61.81 14.39 27.25
C PHE B 397 63.07 14.40 28.11
N SER B 398 63.43 15.57 28.61
CA SER B 398 64.53 15.71 29.56
C SER B 398 63.93 16.13 30.90
N ILE B 399 64.10 15.27 31.90
CA ILE B 399 63.54 15.51 33.24
C ILE B 399 64.66 15.83 34.22
N GLU B 400 64.41 16.79 35.09
CA GLU B 400 65.35 17.14 36.15
C GLU B 400 64.68 17.04 37.50
N ALA B 401 65.23 16.18 38.37
CA ALA B 401 64.70 15.98 39.72
C ALA B 401 65.55 16.74 40.73
N LYS B 402 64.92 17.48 41.63
CA LYS B 402 65.61 18.15 42.72
C LYS B 402 65.08 17.71 44.09
N VAL B 403 66.00 17.36 44.99
CA VAL B 403 65.65 16.99 46.37
C VAL B 403 65.69 18.21 47.28
N ARG B 404 64.80 18.23 48.28
CA ARG B 404 64.81 19.27 49.31
C ARG B 404 65.58 18.77 50.53
N GLY B 405 66.83 19.22 50.65
CA GLY B 405 67.67 18.86 51.78
C GLY B 405 68.03 17.39 51.77
N CYS B 406 67.98 16.77 52.95
CA CYS B 406 68.34 15.38 53.13
C CYS B 406 67.22 14.65 53.87
N PRO B 407 66.41 13.83 53.14
CA PRO B 407 65.37 13.05 53.81
C PRO B 407 65.93 11.87 54.61
N GLN B 408 65.29 11.55 55.74
CA GLN B 408 65.70 10.42 56.57
C GLN B 408 65.38 9.07 55.92
N GLU B 409 64.50 9.07 54.92
CA GLU B 409 64.10 7.86 54.19
C GLU B 409 65.27 7.22 53.45
N LYS B 410 66.05 8.04 52.76
CA LYS B 410 67.32 7.63 52.10
C LYS B 410 67.17 6.75 50.85
N GLU B 411 66.06 6.01 50.72
CA GLU B 411 65.78 5.25 49.50
C GLU B 411 64.31 5.31 49.14
N LYS B 412 64.01 6.02 48.06
CA LYS B 412 62.64 6.19 47.56
CA LYS B 412 62.65 6.19 47.55
C LYS B 412 62.60 5.87 46.06
N SER B 413 61.40 5.87 45.50
CA SER B 413 61.20 5.63 44.07
C SER B 413 59.88 6.18 43.57
N PHE B 414 59.87 6.59 42.30
CA PHE B 414 58.66 7.06 41.64
C PHE B 414 58.61 6.55 40.21
N THR B 415 57.50 6.81 39.52
CA THR B 415 57.28 6.34 38.16
C THR B 415 56.91 7.49 37.24
N ILE B 416 57.50 7.49 36.04
CA ILE B 416 57.11 8.42 35.00
C ILE B 416 56.49 7.60 33.87
N LYS B 417 55.23 7.89 33.59
CA LYS B 417 54.40 7.05 32.74
C LYS B 417 53.60 7.91 31.77
N PRO B 418 53.67 7.60 30.46
CA PRO B 418 52.78 8.29 29.52
C PRO B 418 51.33 7.86 29.70
N VAL B 419 50.41 8.81 29.61
CA VAL B 419 48.99 8.52 29.72
C VAL B 419 48.58 7.55 28.61
N GLY B 420 47.92 6.46 28.99
CA GLY B 420 47.42 5.47 28.04
C GLY B 420 48.42 4.43 27.57
N PHE B 421 49.59 4.41 28.18
CA PHE B 421 50.63 3.43 27.86
C PHE B 421 50.77 2.46 29.02
N LYS B 422 51.05 1.19 28.74
CA LYS B 422 51.45 0.25 29.77
C LYS B 422 52.85 0.59 30.29
N ASP B 423 53.70 1.07 29.37
CA ASP B 423 55.12 1.30 29.66
C ASP B 423 55.33 2.46 30.62
N SER B 424 56.46 2.41 31.35
CA SER B 424 56.82 3.44 32.32
C SER B 424 58.31 3.47 32.59
N LEU B 425 58.77 4.57 33.19
CA LEU B 425 60.14 4.69 33.68
C LEU B 425 60.09 4.68 35.20
N ILE B 426 60.70 3.66 35.81
CA ILE B 426 60.87 3.64 37.26
C ILE B 426 62.19 4.31 37.62
N VAL B 427 62.11 5.38 38.42
CA VAL B 427 63.30 6.10 38.89
C VAL B 427 63.55 5.76 40.35
N GLN B 428 64.63 5.03 40.62
CA GLN B 428 65.05 4.73 41.99
C GLN B 428 65.91 5.87 42.50
N VAL B 429 65.53 6.46 43.64
CA VAL B 429 66.28 7.57 44.23
C VAL B 429 66.98 7.16 45.52
N THR B 430 68.31 7.34 45.54
CA THR B 430 69.11 7.20 46.75
C THR B 430 69.61 8.59 47.16
N PHE B 431 69.58 8.87 48.46
CA PHE B 431 70.05 10.15 48.99
C PHE B 431 71.38 9.96 49.71
N ASP B 432 72.39 10.70 49.28
CA ASP B 432 73.77 10.51 49.73
C ASP B 432 74.21 11.68 50.59
N CYS B 433 73.91 11.59 51.88
CA CYS B 433 74.16 12.67 52.84
C CYS B 433 75.43 12.48 53.67
N ASP B 434 75.89 11.24 53.79
CA ASP B 434 77.07 10.94 54.57
C ASP B 434 78.33 11.01 53.71
N CYS B 435 79.47 11.29 54.36
CA CYS B 435 80.77 11.23 53.71
C CYS B 435 81.34 9.82 53.82
N ALA B 436 82.27 9.48 52.93
CA ALA B 436 82.92 8.17 52.94
C ALA B 436 83.76 7.97 54.20
N CYS B 437 84.44 9.02 54.65
CA CYS B 437 85.32 8.95 55.81
C CYS B 437 84.61 8.68 57.15
N GLN B 438 83.29 8.81 57.18
CA GLN B 438 82.49 8.43 58.35
C GLN B 438 82.60 6.93 58.65
N ALA B 439 82.74 6.13 57.59
CA ALA B 439 82.84 4.67 57.71
C ALA B 439 83.92 4.22 58.69
N GLN B 440 85.07 4.91 58.70
CA GLN B 440 86.18 4.56 59.60
C GLN B 440 86.28 5.56 60.75
N ALA B 441 85.18 5.72 61.48
CA ALA B 441 85.05 6.77 62.50
C ALA B 441 85.83 6.53 63.79
N GLU B 442 86.35 5.31 63.99
CA GLU B 442 87.18 4.97 65.17
C GLU B 442 86.53 5.33 66.52
N PRO B 443 85.59 4.50 66.98
CA PRO B 443 84.82 4.74 68.21
C PRO B 443 85.61 5.36 69.36
N ASN B 444 86.78 4.81 69.68
CA ASN B 444 87.64 5.36 70.72
C ASN B 444 88.26 6.68 70.27
N SER B 445 88.08 7.72 71.07
CA SER B 445 88.46 9.08 70.70
C SER B 445 89.96 9.23 70.42
N HIS B 446 90.78 8.78 71.36
CA HIS B 446 92.25 8.88 71.29
C HIS B 446 92.77 10.32 71.43
N ARG B 447 92.31 11.21 70.54
CA ARG B 447 92.78 12.60 70.52
C ARG B 447 91.97 13.56 71.39
N CYS B 448 90.65 13.34 71.51
CA CYS B 448 89.78 14.24 72.27
C CYS B 448 90.03 14.12 73.78
N ASN B 449 89.73 12.96 74.35
CA ASN B 449 90.01 12.65 75.77
C ASN B 449 89.42 13.62 76.80
N ASN B 450 88.26 14.18 76.51
CA ASN B 450 87.54 15.05 77.46
C ASN B 450 86.03 14.75 77.45
N GLY B 451 85.67 13.47 77.37
CA GLY B 451 84.28 13.06 77.34
C GLY B 451 83.57 13.44 76.05
N ASN B 452 84.27 13.34 74.93
CA ASN B 452 83.74 13.69 73.62
C ASN B 452 83.39 12.44 72.81
N GLY B 453 84.38 11.56 72.64
CA GLY B 453 84.18 10.28 71.97
C GLY B 453 84.32 10.35 70.46
N THR B 454 85.03 9.38 69.89
CA THR B 454 85.17 9.19 68.43
C THR B 454 86.01 10.26 67.72
N PHE B 455 86.51 9.90 66.54
CA PHE B 455 87.37 10.78 65.73
C PHE B 455 87.29 10.39 64.26
N GLU B 456 86.65 11.24 63.45
CA GLU B 456 86.42 10.96 62.04
C GLU B 456 86.71 12.16 61.14
N CYS B 457 87.31 11.89 59.98
CA CYS B 457 87.63 12.92 58.99
C CYS B 457 88.49 14.07 59.55
N GLY B 458 89.33 13.75 60.52
CA GLY B 458 90.26 14.72 61.12
C GLY B 458 89.63 15.73 62.06
N VAL B 459 88.78 15.26 62.98
CA VAL B 459 88.09 16.16 63.91
C VAL B 459 87.43 15.44 65.10
N CYS B 460 87.29 16.16 66.22
CA CYS B 460 86.48 15.71 67.36
C CYS B 460 85.03 16.18 67.18
N ARG B 461 84.19 15.94 68.19
CA ARG B 461 82.81 16.43 68.19
C ARG B 461 82.73 17.94 67.98
N ALA C 4 14.59 -3.33 -13.54
CA ALA C 4 13.72 -2.23 -14.04
C ALA C 4 12.24 -2.55 -13.82
N LYS C 5 11.78 -3.67 -14.40
CA LYS C 5 10.37 -4.10 -14.30
C LYS C 5 9.90 -4.19 -12.85
N GLN C 6 10.46 -5.14 -12.10
CA GLN C 6 10.00 -5.42 -10.73
C GLN C 6 10.41 -4.35 -9.74
N ARG C 7 9.43 -3.94 -8.92
CA ARG C 7 9.58 -2.83 -7.99
C ARG C 7 9.63 -3.28 -6.55
N GLY C 8 9.64 -4.59 -6.31
CA GLY C 8 9.62 -5.12 -4.95
C GLY C 8 11.01 -5.36 -4.42
N ASP C 9 11.07 -6.11 -3.33
CA ASP C 9 12.35 -6.53 -2.75
C ASP C 9 12.89 -7.74 -3.52
N VAL C 10 13.40 -7.48 -4.72
CA VAL C 10 13.97 -8.51 -5.58
C VAL C 10 15.30 -8.08 -6.19
N GLU D 1 -27.45 5.53 -21.33
CA GLU D 1 -28.24 4.26 -21.27
C GLU D 1 -27.37 3.09 -21.72
N VAL D 2 -27.11 2.16 -20.81
CA VAL D 2 -26.40 0.93 -21.14
C VAL D 2 -27.22 0.10 -22.11
N GLN D 3 -26.60 -0.29 -23.23
CA GLN D 3 -27.25 -1.15 -24.21
C GLN D 3 -26.24 -2.06 -24.88
N LEU D 4 -26.56 -3.34 -24.94
CA LEU D 4 -25.72 -4.34 -25.61
C LEU D 4 -26.34 -4.67 -26.96
N GLN D 5 -25.63 -4.31 -28.03
CA GLN D 5 -26.14 -4.43 -29.39
C GLN D 5 -25.49 -5.61 -30.10
N GLN D 6 -26.28 -6.67 -30.28
CA GLN D 6 -25.78 -7.90 -30.88
C GLN D 6 -25.96 -7.91 -32.39
N SER D 7 -25.13 -8.70 -33.06
CA SER D 7 -25.18 -8.85 -34.50
C SER D 7 -26.38 -9.69 -34.95
N GLY D 8 -26.64 -9.68 -36.25
CA GLY D 8 -27.86 -10.26 -36.81
C GLY D 8 -27.95 -11.78 -36.81
N ALA D 9 -29.15 -12.27 -37.13
CA ALA D 9 -29.42 -13.70 -37.25
C ALA D 9 -28.45 -14.38 -38.22
N GLU D 10 -28.07 -15.60 -37.89
CA GLU D 10 -27.10 -16.37 -38.67
C GLU D 10 -27.73 -17.66 -39.17
N LEU D 11 -27.46 -17.99 -40.43
CA LEU D 11 -27.82 -19.27 -41.02
C LEU D 11 -26.52 -19.90 -41.50
N VAL D 12 -26.17 -21.04 -40.92
CA VAL D 12 -24.83 -21.60 -41.09
C VAL D 12 -24.90 -23.11 -41.23
N LYS D 13 -23.86 -23.68 -41.84
CA LYS D 13 -23.84 -25.11 -42.14
C LYS D 13 -23.16 -25.93 -41.04
N PRO D 14 -23.61 -27.18 -40.85
CA PRO D 14 -22.96 -28.01 -39.85
C PRO D 14 -21.48 -28.26 -40.18
N GLY D 15 -20.64 -28.30 -39.15
CA GLY D 15 -19.21 -28.53 -39.35
C GLY D 15 -18.41 -27.24 -39.51
N ALA D 16 -19.13 -26.14 -39.78
CA ALA D 16 -18.52 -24.85 -39.99
C ALA D 16 -18.39 -24.11 -38.66
N SER D 17 -17.92 -22.86 -38.72
CA SER D 17 -17.84 -21.97 -37.56
C SER D 17 -18.66 -20.72 -37.80
N VAL D 18 -19.00 -20.05 -36.70
CA VAL D 18 -19.66 -18.75 -36.75
C VAL D 18 -19.14 -17.88 -35.62
N LYS D 19 -19.11 -16.57 -35.83
CA LYS D 19 -18.63 -15.63 -34.83
C LYS D 19 -19.68 -14.55 -34.58
N LEU D 20 -20.26 -14.56 -33.39
CA LEU D 20 -21.30 -13.58 -33.03
C LEU D 20 -20.61 -12.39 -32.35
N SER D 21 -21.25 -11.22 -32.39
CA SER D 21 -20.68 -10.02 -31.76
C SER D 21 -21.67 -9.25 -30.90
N CYS D 22 -21.12 -8.49 -29.96
CA CYS D 22 -21.89 -7.75 -28.99
C CYS D 22 -21.17 -6.43 -28.74
N THR D 23 -21.73 -5.33 -29.26
CA THR D 23 -21.09 -4.03 -29.16
C THR D 23 -21.71 -3.22 -28.02
N ALA D 24 -20.86 -2.65 -27.16
CA ALA D 24 -21.32 -1.83 -26.05
C ALA D 24 -21.74 -0.46 -26.56
N SER D 25 -22.87 0.03 -26.07
CA SER D 25 -23.38 1.35 -26.38
C SER D 25 -23.77 2.07 -25.08
N GLY D 26 -23.26 3.28 -24.90
CA GLY D 26 -23.48 4.02 -23.66
C GLY D 26 -22.61 3.56 -22.50
N PHE D 27 -21.59 2.76 -22.80
CA PHE D 27 -20.58 2.37 -21.83
C PHE D 27 -19.40 1.77 -22.57
N ASN D 28 -18.33 1.43 -21.84
CA ASN D 28 -17.17 0.77 -22.43
C ASN D 28 -17.12 -0.70 -22.06
N ILE D 29 -16.88 -1.54 -23.05
CA ILE D 29 -16.93 -3.00 -22.89
C ILE D 29 -16.02 -3.51 -21.75
N LYS D 30 -14.91 -2.81 -21.49
CA LYS D 30 -13.97 -3.22 -20.44
C LYS D 30 -14.44 -2.90 -19.01
N ASP D 31 -15.57 -2.21 -18.87
CA ASP D 31 -16.10 -1.80 -17.56
C ASP D 31 -16.41 -2.99 -16.64
N THR D 32 -16.88 -4.10 -17.22
CA THR D 32 -17.33 -5.24 -16.44
C THR D 32 -16.97 -6.55 -17.13
N TYR D 33 -17.22 -7.66 -16.44
CA TYR D 33 -17.30 -8.97 -17.08
C TYR D 33 -18.40 -8.94 -18.14
N VAL D 34 -18.18 -9.68 -19.21
CA VAL D 34 -19.18 -9.90 -20.25
C VAL D 34 -19.35 -11.41 -20.40
N HIS D 35 -20.60 -11.85 -20.33
CA HIS D 35 -20.94 -13.26 -20.38
C HIS D 35 -21.67 -13.60 -21.66
N TRP D 36 -21.65 -14.88 -22.02
CA TRP D 36 -22.44 -15.39 -23.13
C TRP D 36 -23.33 -16.52 -22.62
N VAL D 37 -24.59 -16.49 -23.03
CA VAL D 37 -25.60 -17.43 -22.56
C VAL D 37 -26.36 -17.93 -23.78
N LYS D 38 -26.72 -19.21 -23.72
CA LYS D 38 -27.40 -19.90 -24.80
C LYS D 38 -28.82 -20.22 -24.34
N GLN D 39 -29.80 -20.03 -25.22
CA GLN D 39 -31.19 -20.41 -24.95
C GLN D 39 -31.78 -21.30 -26.04
N ARG D 40 -32.33 -22.44 -25.62
CA ARG D 40 -33.14 -23.28 -26.48
C ARG D 40 -34.51 -23.47 -25.84
N PRO D 41 -35.55 -23.70 -26.67
CA PRO D 41 -36.93 -23.93 -26.19
C PRO D 41 -37.06 -25.04 -25.13
N GLU D 42 -36.47 -26.20 -25.42
CA GLU D 42 -36.63 -27.38 -24.57
CA GLU D 42 -36.64 -27.39 -24.56
C GLU D 42 -35.63 -27.39 -23.41
N GLN D 43 -34.36 -27.14 -23.74
CA GLN D 43 -33.26 -27.25 -22.77
C GLN D 43 -33.04 -26.00 -21.94
N GLY D 44 -33.63 -24.88 -22.35
CA GLY D 44 -33.61 -23.68 -21.53
C GLY D 44 -32.32 -22.91 -21.62
N LEU D 45 -31.92 -22.29 -20.51
CA LEU D 45 -30.78 -21.36 -20.48
C LEU D 45 -29.50 -22.04 -19.98
N GLU D 46 -28.42 -21.80 -20.72
CA GLU D 46 -27.11 -22.34 -20.38
C GLU D 46 -26.03 -21.28 -20.50
N TRP D 47 -25.26 -21.12 -19.43
CA TRP D 47 -24.10 -20.25 -19.39
C TRP D 47 -22.94 -20.89 -20.15
N ILE D 48 -22.36 -20.13 -21.08
CA ILE D 48 -21.26 -20.59 -21.90
C ILE D 48 -19.91 -20.20 -21.29
N GLY D 49 -19.78 -18.93 -20.93
CA GLY D 49 -18.56 -18.45 -20.31
C GLY D 49 -18.53 -16.94 -20.20
N ARG D 50 -17.40 -16.40 -19.78
CA ARG D 50 -17.26 -14.96 -19.65
C ARG D 50 -15.87 -14.52 -20.02
N ILE D 51 -15.73 -13.21 -20.24
CA ILE D 51 -14.44 -12.60 -20.47
C ILE D 51 -14.34 -11.32 -19.63
N ASP D 52 -13.13 -11.01 -19.17
CA ASP D 52 -12.82 -9.69 -18.66
C ASP D 52 -12.12 -8.95 -19.80
N PRO D 53 -12.86 -8.07 -20.49
CA PRO D 53 -12.26 -7.43 -21.67
C PRO D 53 -11.10 -6.50 -21.35
N ALA D 54 -10.89 -6.18 -20.07
CA ALA D 54 -9.76 -5.35 -19.67
C ALA D 54 -8.43 -6.07 -19.91
N ASN D 55 -8.43 -7.40 -19.72
CA ASN D 55 -7.19 -8.20 -19.84
C ASN D 55 -7.32 -9.50 -20.68
N GLY D 56 -8.52 -9.79 -21.16
CA GLY D 56 -8.74 -10.96 -22.00
C GLY D 56 -8.94 -12.31 -21.29
N TYR D 57 -8.91 -12.34 -19.97
CA TYR D 57 -9.07 -13.62 -19.25
C TYR D 57 -10.49 -14.16 -19.38
N THR D 58 -10.59 -15.47 -19.58
CA THR D 58 -11.86 -16.14 -19.82
C THR D 58 -12.11 -17.29 -18.84
N LYS D 59 -13.38 -17.61 -18.64
CA LYS D 59 -13.83 -18.83 -17.97
C LYS D 59 -14.88 -19.46 -18.85
N TYR D 60 -14.95 -20.78 -18.85
CA TYR D 60 -15.94 -21.50 -19.65
C TYR D 60 -16.58 -22.62 -18.83
N ASP D 61 -17.84 -22.93 -19.11
CA ASP D 61 -18.44 -24.18 -18.68
C ASP D 61 -17.71 -25.26 -19.47
N PRO D 62 -17.22 -26.31 -18.79
CA PRO D 62 -16.58 -27.44 -19.47
C PRO D 62 -17.36 -28.01 -20.65
N LYS D 63 -18.70 -27.96 -20.60
CA LYS D 63 -19.53 -28.43 -21.72
C LYS D 63 -19.24 -27.72 -23.03
N PHE D 64 -18.74 -26.49 -22.96
CA PHE D 64 -18.46 -25.67 -24.13
C PHE D 64 -16.97 -25.42 -24.38
N GLN D 65 -16.12 -25.89 -23.48
CA GLN D 65 -14.68 -25.78 -23.66
C GLN D 65 -14.29 -26.50 -24.96
N GLY D 66 -13.52 -25.82 -25.81
CA GLY D 66 -13.12 -26.40 -27.09
C GLY D 66 -14.04 -26.09 -28.26
N LYS D 67 -15.30 -25.78 -27.99
CA LYS D 67 -16.23 -25.34 -29.01
C LYS D 67 -16.32 -23.81 -29.05
N ALA D 68 -16.53 -23.22 -27.87
CA ALA D 68 -16.71 -21.77 -27.72
C ALA D 68 -15.39 -21.08 -27.41
N THR D 69 -15.15 -19.96 -28.11
CA THR D 69 -14.04 -19.06 -27.78
C THR D 69 -14.60 -17.65 -27.68
N ILE D 70 -14.45 -17.06 -26.49
CA ILE D 70 -14.89 -15.70 -26.24
C ILE D 70 -13.68 -14.77 -26.34
N THR D 71 -13.88 -13.65 -27.02
CA THR D 71 -12.84 -12.65 -27.16
C THR D 71 -13.48 -11.28 -27.04
N ALA D 72 -12.66 -10.24 -26.97
CA ALA D 72 -13.15 -8.89 -26.92
C ALA D 72 -12.10 -7.96 -27.48
N ASP D 73 -12.56 -6.84 -28.03
CA ASP D 73 -11.68 -5.82 -28.58
C ASP D 73 -12.14 -4.48 -28.03
N THR D 74 -11.36 -3.91 -27.12
CA THR D 74 -11.68 -2.64 -26.48
C THR D 74 -11.69 -1.48 -27.46
N SER D 75 -10.91 -1.59 -28.53
CA SER D 75 -10.87 -0.57 -29.59
C SER D 75 -12.24 -0.37 -30.24
N SER D 76 -12.92 -1.47 -30.53
CA SER D 76 -14.23 -1.42 -31.17
C SER D 76 -15.37 -1.58 -30.16
N ASN D 77 -15.02 -1.69 -28.88
CA ASN D 77 -15.99 -1.84 -27.80
C ASN D 77 -16.93 -3.03 -28.02
N THR D 78 -16.35 -4.13 -28.48
CA THR D 78 -17.12 -5.29 -28.88
C THR D 78 -16.59 -6.55 -28.21
N ALA D 79 -17.52 -7.41 -27.78
CA ALA D 79 -17.24 -8.77 -27.35
C ALA D 79 -17.68 -9.74 -28.44
N TYR D 80 -17.02 -10.90 -28.52
CA TYR D 80 -17.33 -11.90 -29.53
C TYR D 80 -17.46 -13.29 -28.93
N LEU D 81 -18.34 -14.10 -29.53
CA LEU D 81 -18.45 -15.52 -29.28
C LEU D 81 -18.27 -16.28 -30.60
N GLN D 82 -17.22 -17.09 -30.68
CA GLN D 82 -17.02 -17.95 -31.81
C GLN D 82 -17.34 -19.39 -31.45
N LEU D 83 -18.17 -20.01 -32.28
CA LEU D 83 -18.54 -21.42 -32.12
C LEU D 83 -17.98 -22.22 -33.30
N SER D 84 -17.20 -23.25 -32.99
CA SER D 84 -16.58 -24.09 -34.00
C SER D 84 -17.35 -25.41 -34.09
N SER D 85 -17.09 -26.18 -35.14
CA SER D 85 -17.69 -27.51 -35.30
C SER D 85 -19.19 -27.46 -35.04
N LEU D 86 -19.88 -26.60 -35.80
CA LEU D 86 -21.31 -26.40 -35.59
C LEU D 86 -22.11 -27.69 -35.77
N THR D 87 -23.01 -27.96 -34.83
CA THR D 87 -23.91 -29.12 -34.90
C THR D 87 -25.34 -28.62 -34.75
N SER D 88 -26.31 -29.54 -34.88
CA SER D 88 -27.72 -29.20 -34.71
C SER D 88 -28.06 -28.71 -33.29
N GLU D 89 -27.27 -29.13 -32.30
CA GLU D 89 -27.42 -28.66 -30.92
C GLU D 89 -27.03 -27.18 -30.72
N ASP D 90 -26.33 -26.60 -31.69
CA ASP D 90 -25.90 -25.21 -31.57
C ASP D 90 -26.95 -24.24 -32.11
N THR D 91 -28.02 -24.79 -32.71
CA THR D 91 -29.17 -23.98 -33.11
C THR D 91 -29.84 -23.46 -31.84
N ALA D 92 -29.78 -22.15 -31.64
CA ALA D 92 -30.20 -21.56 -30.38
C ALA D 92 -30.20 -20.04 -30.49
N VAL D 93 -30.66 -19.36 -29.45
CA VAL D 93 -30.48 -17.92 -29.36
C VAL D 93 -29.36 -17.63 -28.35
N TYR D 94 -28.44 -16.75 -28.73
CA TYR D 94 -27.27 -16.46 -27.92
C TYR D 94 -27.31 -15.02 -27.43
N TYR D 95 -27.13 -14.83 -26.11
CA TYR D 95 -27.13 -13.50 -25.48
C TYR D 95 -25.76 -13.17 -24.87
N CYS D 96 -25.35 -11.91 -24.98
CA CYS D 96 -24.28 -11.37 -24.13
C CYS D 96 -24.93 -10.66 -22.94
N VAL D 97 -24.22 -10.67 -21.81
CA VAL D 97 -24.79 -10.23 -20.55
C VAL D 97 -23.71 -9.54 -19.73
N ARG D 98 -24.09 -8.51 -18.99
CA ARG D 98 -23.20 -7.87 -18.01
C ARG D 98 -23.98 -7.45 -16.77
N PRO D 99 -23.28 -7.31 -15.64
CA PRO D 99 -23.93 -6.87 -14.41
C PRO D 99 -24.17 -5.37 -14.39
N LEU D 100 -25.03 -4.95 -13.48
CA LEU D 100 -25.25 -3.54 -13.23
C LEU D 100 -24.19 -3.06 -12.21
N TYR D 101 -24.26 -3.52 -10.96
CA TYR D 101 -23.31 -3.08 -9.92
C TYR D 101 -22.43 -4.22 -9.41
N ASP D 102 -23.08 -5.26 -8.89
CA ASP D 102 -22.43 -6.49 -8.42
C ASP D 102 -21.54 -7.06 -9.50
N TYR D 103 -20.24 -7.21 -9.22
CA TYR D 103 -19.28 -7.77 -10.18
C TYR D 103 -19.75 -9.06 -10.82
N TYR D 104 -20.47 -9.88 -10.05
CA TYR D 104 -20.75 -11.25 -10.41
C TYR D 104 -22.17 -11.47 -10.97
N ALA D 105 -22.95 -10.41 -11.05
CA ALA D 105 -24.37 -10.52 -11.42
C ALA D 105 -24.61 -10.61 -12.93
N MET D 106 -25.87 -10.77 -13.32
CA MET D 106 -26.27 -10.99 -14.72
C MET D 106 -27.49 -10.14 -15.04
N ASP D 107 -27.31 -8.82 -15.10
CA ASP D 107 -28.42 -7.86 -15.04
C ASP D 107 -28.83 -7.25 -16.39
N TYR D 108 -27.86 -6.96 -17.26
CA TYR D 108 -28.12 -6.36 -18.57
C TYR D 108 -27.88 -7.36 -19.69
N TRP D 109 -28.87 -7.51 -20.59
CA TRP D 109 -28.82 -8.51 -21.66
C TRP D 109 -28.93 -7.85 -23.04
N GLY D 110 -28.21 -8.38 -24.01
CA GLY D 110 -28.42 -8.00 -25.40
C GLY D 110 -29.75 -8.54 -25.90
N GLN D 111 -30.10 -8.17 -27.13
CA GLN D 111 -31.40 -8.55 -27.70
C GLN D 111 -31.47 -10.02 -28.14
N GLY D 112 -30.31 -10.68 -28.20
CA GLY D 112 -30.23 -12.08 -28.66
C GLY D 112 -29.80 -12.17 -30.12
N THR D 113 -29.01 -13.19 -30.44
CA THR D 113 -28.69 -13.53 -31.82
C THR D 113 -29.08 -14.97 -32.10
N SER D 114 -29.97 -15.16 -33.08
CA SER D 114 -30.43 -16.46 -33.49
C SER D 114 -29.39 -17.11 -34.41
N VAL D 115 -29.04 -18.35 -34.12
CA VAL D 115 -28.19 -19.16 -34.99
C VAL D 115 -28.96 -20.40 -35.38
N THR D 116 -29.09 -20.63 -36.69
CA THR D 116 -29.71 -21.82 -37.22
C THR D 116 -28.66 -22.63 -37.98
N VAL D 117 -28.41 -23.86 -37.52
CA VAL D 117 -27.47 -24.77 -38.18
C VAL D 117 -28.27 -25.74 -39.06
N SER D 118 -28.00 -25.74 -40.35
CA SER D 118 -28.76 -26.56 -41.29
C SER D 118 -28.01 -26.76 -42.62
N SER D 119 -28.21 -27.92 -43.23
CA SER D 119 -27.71 -28.20 -44.59
C SER D 119 -28.78 -27.91 -45.66
N ALA D 120 -29.97 -27.50 -45.23
CA ALA D 120 -31.08 -27.31 -46.16
C ALA D 120 -30.76 -26.24 -47.21
N LYS D 121 -31.25 -26.47 -48.43
CA LYS D 121 -31.20 -25.47 -49.49
C LYS D 121 -32.47 -24.64 -49.44
N THR D 122 -32.40 -23.42 -49.96
CA THR D 122 -33.57 -22.56 -50.07
C THR D 122 -34.65 -23.24 -50.89
N THR D 123 -35.87 -23.31 -50.33
CA THR D 123 -36.98 -24.00 -50.97
C THR D 123 -38.29 -23.24 -50.77
N ALA D 124 -38.95 -22.90 -51.86
CA ALA D 124 -40.26 -22.22 -51.80
C ALA D 124 -41.33 -23.18 -51.27
N PRO D 125 -42.28 -22.65 -50.49
CA PRO D 125 -43.33 -23.50 -49.94
C PRO D 125 -44.35 -23.90 -51.00
N SER D 126 -45.00 -25.05 -50.79
CA SER D 126 -46.23 -25.37 -51.51
C SER D 126 -47.35 -24.87 -50.64
N VAL D 127 -48.33 -24.18 -51.24
CA VAL D 127 -49.43 -23.58 -50.47
C VAL D 127 -50.74 -24.20 -50.94
N TYR D 128 -51.49 -24.74 -49.98
CA TYR D 128 -52.73 -25.45 -50.26
C TYR D 128 -53.90 -24.83 -49.54
N PRO D 129 -55.02 -24.61 -50.25
CA PRO D 129 -56.22 -24.09 -49.60
C PRO D 129 -56.97 -25.23 -48.90
N LEU D 130 -57.60 -24.91 -47.77
CA LEU D 130 -58.34 -25.90 -46.99
C LEU D 130 -59.78 -25.46 -46.82
N ALA D 131 -60.66 -26.03 -47.65
CA ALA D 131 -62.08 -25.79 -47.60
C ALA D 131 -62.75 -26.87 -46.78
N PRO D 132 -63.90 -26.57 -46.16
CA PRO D 132 -64.58 -27.55 -45.31
C PRO D 132 -65.06 -28.81 -46.04
N VAL D 133 -65.46 -29.81 -45.25
CA VAL D 133 -66.07 -31.04 -45.77
C VAL D 133 -67.52 -30.75 -46.18
N CYS D 134 -68.14 -31.67 -46.90
CA CYS D 134 -69.58 -31.60 -47.17
C CYS D 134 -70.38 -32.12 -45.97
N THR D 137 -73.79 -30.75 -42.58
CA THR D 137 -74.63 -29.57 -42.37
C THR D 137 -73.78 -28.39 -41.86
N THR D 138 -74.15 -27.19 -42.28
CA THR D 138 -73.41 -25.97 -41.91
C THR D 138 -74.09 -25.25 -40.74
N GLY D 139 -73.29 -24.80 -39.78
CA GLY D 139 -73.79 -24.10 -38.59
C GLY D 139 -73.84 -22.60 -38.78
N SER D 140 -73.60 -21.85 -37.70
CA SER D 140 -73.60 -20.39 -37.74
C SER D 140 -72.24 -19.82 -38.18
N SER D 141 -71.17 -20.57 -37.93
CA SER D 141 -69.83 -20.17 -38.36
C SER D 141 -69.19 -21.26 -39.21
N VAL D 142 -68.20 -20.84 -39.99
CA VAL D 142 -67.43 -21.74 -40.85
C VAL D 142 -65.93 -21.46 -40.63
N THR D 143 -65.11 -22.50 -40.70
CA THR D 143 -63.65 -22.37 -40.57
C THR D 143 -62.95 -22.86 -41.83
N LEU D 144 -62.07 -21.99 -42.35
CA LEU D 144 -61.23 -22.29 -43.50
C LEU D 144 -59.77 -22.34 -43.05
N GLY D 145 -58.90 -22.82 -43.93
CA GLY D 145 -57.50 -22.94 -43.61
C GLY D 145 -56.53 -22.77 -44.76
N CYS D 146 -55.26 -22.72 -44.41
CA CYS D 146 -54.18 -22.63 -45.38
C CYS D 146 -53.03 -23.48 -44.86
N LEU D 147 -52.50 -24.35 -45.72
CA LEU D 147 -51.39 -25.21 -45.36
C LEU D 147 -50.18 -24.81 -46.17
N VAL D 148 -49.10 -24.42 -45.49
CA VAL D 148 -47.86 -24.02 -46.12
C VAL D 148 -46.79 -25.10 -45.82
N LYS D 149 -46.45 -25.90 -46.83
CA LYS D 149 -45.56 -27.05 -46.64
C LYS D 149 -44.21 -26.91 -47.34
N GLY D 150 -43.16 -27.34 -46.64
CA GLY D 150 -41.88 -27.65 -47.27
C GLY D 150 -41.08 -26.46 -47.74
N TYR D 151 -40.87 -25.49 -46.85
CA TYR D 151 -40.04 -24.34 -47.19
C TYR D 151 -38.80 -24.23 -46.30
N PHE D 152 -37.81 -23.52 -46.83
CA PHE D 152 -36.60 -23.21 -46.10
C PHE D 152 -35.94 -22.00 -46.75
N PRO D 153 -35.43 -21.06 -45.92
CA PRO D 153 -35.52 -21.01 -44.47
C PRO D 153 -36.75 -20.26 -44.00
N GLU D 154 -36.91 -20.12 -42.69
CA GLU D 154 -37.90 -19.21 -42.13
CA GLU D 154 -37.89 -19.20 -42.12
C GLU D 154 -37.43 -17.78 -42.43
N PRO D 155 -38.37 -16.81 -42.46
CA PRO D 155 -39.82 -16.88 -42.25
C PRO D 155 -40.64 -16.84 -43.53
N VAL D 156 -41.93 -17.12 -43.38
CA VAL D 156 -42.94 -16.76 -44.36
C VAL D 156 -43.91 -15.82 -43.66
N THR D 157 -44.54 -14.94 -44.42
CA THR D 157 -45.62 -14.10 -43.91
C THR D 157 -46.91 -14.59 -44.52
N LEU D 158 -47.92 -14.81 -43.69
CA LEU D 158 -49.22 -15.26 -44.16
C LEU D 158 -50.29 -14.26 -43.72
N THR D 159 -51.04 -13.74 -44.69
CA THR D 159 -52.22 -12.91 -44.38
C THR D 159 -53.45 -13.50 -45.07
N TRP D 160 -54.61 -12.94 -44.75
CA TRP D 160 -55.87 -13.29 -45.41
C TRP D 160 -56.47 -12.04 -46.02
N ASN D 161 -56.93 -12.15 -47.27
CA ASN D 161 -57.45 -11.01 -48.02
C ASN D 161 -56.50 -9.80 -48.01
N SER D 162 -55.20 -10.09 -48.14
CA SER D 162 -54.14 -9.09 -48.14
C SER D 162 -54.07 -8.30 -46.83
N GLY D 163 -54.43 -8.94 -45.72
CA GLY D 163 -54.40 -8.32 -44.41
C GLY D 163 -55.75 -7.80 -43.93
N SER D 164 -56.72 -7.70 -44.84
CA SER D 164 -58.04 -7.17 -44.52
C SER D 164 -58.88 -8.08 -43.62
N LEU D 165 -58.51 -9.36 -43.54
CA LEU D 165 -59.17 -10.31 -42.65
C LEU D 165 -58.17 -10.76 -41.59
N SER D 166 -58.25 -10.14 -40.41
CA SER D 166 -57.31 -10.38 -39.30
C SER D 166 -57.95 -10.95 -38.04
N SER D 167 -59.23 -10.67 -37.83
CA SER D 167 -59.97 -11.21 -36.69
C SER D 167 -60.36 -12.66 -36.95
N GLY D 168 -60.36 -13.47 -35.89
CA GLY D 168 -60.66 -14.89 -35.99
C GLY D 168 -59.62 -15.69 -36.75
N VAL D 169 -58.38 -15.22 -36.75
CA VAL D 169 -57.28 -15.93 -37.39
C VAL D 169 -56.37 -16.58 -36.34
N HIS D 170 -55.97 -17.82 -36.60
CA HIS D 170 -54.93 -18.48 -35.82
C HIS D 170 -53.87 -18.97 -36.80
N THR D 171 -52.75 -18.28 -36.85
CA THR D 171 -51.60 -18.71 -37.67
C THR D 171 -50.60 -19.38 -36.72
N PHE D 172 -50.35 -20.67 -36.95
CA PHE D 172 -49.58 -21.47 -36.01
C PHE D 172 -48.08 -21.37 -36.25
N PRO D 173 -47.28 -21.47 -35.19
CA PRO D 173 -45.83 -21.40 -35.39
C PRO D 173 -45.35 -22.51 -36.32
N ALA D 174 -44.34 -22.18 -37.13
CA ALA D 174 -43.74 -23.14 -38.06
C ALA D 174 -43.07 -24.27 -37.28
N VAL D 175 -43.10 -25.46 -37.86
CA VAL D 175 -42.46 -26.63 -37.26
C VAL D 175 -41.59 -27.30 -38.33
N LEU D 176 -40.47 -27.85 -37.88
CA LEU D 176 -39.45 -28.38 -38.77
C LEU D 176 -39.58 -29.88 -38.88
N GLN D 177 -40.08 -30.36 -40.02
CA GLN D 177 -40.12 -31.80 -40.33
CA GLN D 177 -40.12 -31.80 -40.33
C GLN D 177 -39.08 -32.14 -41.41
N SER D 178 -38.01 -32.82 -41.00
CA SER D 178 -36.96 -33.27 -41.92
C SER D 178 -36.40 -32.12 -42.75
N ASP D 179 -35.78 -31.17 -42.06
CA ASP D 179 -35.01 -30.09 -42.68
C ASP D 179 -35.82 -28.96 -43.31
N LEU D 180 -37.12 -29.18 -43.55
CA LEU D 180 -37.97 -28.12 -44.10
C LEU D 180 -39.04 -27.72 -43.10
N TYR D 181 -39.58 -26.51 -43.26
CA TYR D 181 -40.57 -25.99 -42.35
C TYR D 181 -41.97 -26.13 -42.91
N THR D 182 -42.92 -26.37 -42.00
CA THR D 182 -44.34 -26.39 -42.32
C THR D 182 -45.06 -25.48 -41.35
N LEU D 183 -46.04 -24.77 -41.89
CA LEU D 183 -46.87 -23.85 -41.14
C LEU D 183 -48.31 -24.02 -41.61
N SER D 184 -49.26 -23.67 -40.74
CA SER D 184 -50.68 -23.65 -41.10
C SER D 184 -51.39 -22.46 -40.47
N SER D 185 -52.54 -22.11 -41.03
CA SER D 185 -53.37 -21.01 -40.51
C SER D 185 -54.85 -21.32 -40.69
N SER D 186 -55.66 -20.89 -39.72
CA SER D 186 -57.10 -21.02 -39.81
C SER D 186 -57.75 -19.64 -39.72
N VAL D 187 -58.89 -19.49 -40.40
CA VAL D 187 -59.70 -18.30 -40.30
C VAL D 187 -61.15 -18.72 -40.13
N THR D 188 -61.86 -18.05 -39.22
CA THR D 188 -63.24 -18.38 -38.92
C THR D 188 -64.11 -17.16 -39.17
N VAL D 189 -65.21 -17.39 -39.89
CA VAL D 189 -66.17 -16.33 -40.24
C VAL D 189 -67.59 -16.87 -40.08
N THR D 190 -68.57 -15.99 -40.14
CA THR D 190 -69.98 -16.41 -40.09
C THR D 190 -70.33 -17.08 -41.42
N SER D 191 -71.23 -18.06 -41.37
CA SER D 191 -71.59 -18.85 -42.55
C SER D 191 -72.12 -18.00 -43.72
N SER D 192 -72.76 -16.87 -43.40
CA SER D 192 -73.27 -15.95 -44.43
C SER D 192 -72.15 -15.18 -45.15
N THR D 193 -70.94 -15.18 -44.58
CA THR D 193 -69.79 -14.52 -45.20
C THR D 193 -69.16 -15.34 -46.32
N TRP D 194 -69.05 -16.66 -46.10
CA TRP D 194 -68.38 -17.54 -47.06
C TRP D 194 -69.27 -18.74 -47.39
N PRO D 195 -69.29 -19.17 -48.66
CA PRO D 195 -68.50 -18.73 -49.82
C PRO D 195 -69.01 -17.50 -50.57
N SER D 196 -70.01 -16.81 -50.04
CA SER D 196 -70.60 -15.64 -50.71
C SER D 196 -69.58 -14.54 -50.98
N GLN D 197 -68.62 -14.36 -50.06
CA GLN D 197 -67.53 -13.41 -50.25
C GLN D 197 -66.18 -14.12 -50.36
N SER D 198 -65.28 -13.51 -51.12
CA SER D 198 -64.00 -14.11 -51.47
C SER D 198 -63.00 -14.09 -50.32
N ILE D 199 -62.52 -15.27 -49.92
CA ILE D 199 -61.47 -15.39 -48.91
C ILE D 199 -60.23 -16.04 -49.55
N THR D 200 -59.10 -15.34 -49.45
CA THR D 200 -57.88 -15.76 -50.12
C THR D 200 -56.69 -15.75 -49.17
N CYS D 201 -55.91 -16.82 -49.22
CA CYS D 201 -54.70 -16.98 -48.42
C CYS D 201 -53.51 -16.36 -49.16
N ASN D 202 -52.81 -15.42 -48.52
CA ASN D 202 -51.62 -14.79 -49.11
C ASN D 202 -50.36 -15.21 -48.36
N VAL D 203 -49.43 -15.86 -49.07
CA VAL D 203 -48.20 -16.35 -48.46
C VAL D 203 -46.95 -15.83 -49.18
N ALA D 204 -46.03 -15.24 -48.44
CA ALA D 204 -44.80 -14.68 -48.99
C ALA D 204 -43.58 -15.36 -48.37
N HIS D 205 -42.65 -15.81 -49.21
CA HIS D 205 -41.39 -16.39 -48.76
C HIS D 205 -40.22 -15.64 -49.38
N PRO D 206 -39.77 -14.54 -48.74
CA PRO D 206 -38.74 -13.63 -49.27
C PRO D 206 -37.45 -14.31 -49.75
N ALA D 207 -36.99 -15.33 -49.03
CA ALA D 207 -35.76 -16.04 -49.39
C ALA D 207 -35.80 -16.63 -50.79
N SER D 208 -36.96 -17.19 -51.15
CA SER D 208 -37.18 -17.77 -52.47
C SER D 208 -37.79 -16.76 -53.45
N SER D 209 -37.96 -15.51 -52.99
CA SER D 209 -38.53 -14.44 -53.81
C SER D 209 -39.88 -14.84 -54.42
N THR D 210 -40.80 -15.31 -53.56
CA THR D 210 -42.08 -15.83 -54.02
C THR D 210 -43.26 -15.31 -53.19
N LYS D 211 -44.35 -14.99 -53.90
CA LYS D 211 -45.62 -14.58 -53.29
C LYS D 211 -46.73 -15.38 -53.94
N VAL D 212 -47.57 -16.02 -53.13
CA VAL D 212 -48.62 -16.90 -53.66
C VAL D 212 -49.96 -16.58 -53.01
N ASP D 213 -50.99 -16.46 -53.85
CA ASP D 213 -52.36 -16.26 -53.38
C ASP D 213 -53.18 -17.51 -53.68
N LYS D 214 -53.97 -17.94 -52.71
CA LYS D 214 -54.83 -19.10 -52.86
C LYS D 214 -56.23 -18.82 -52.34
N LYS D 215 -57.16 -18.59 -53.26
CA LYS D 215 -58.57 -18.44 -52.93
C LYS D 215 -59.13 -19.78 -52.44
N ILE D 216 -59.80 -19.76 -51.28
CA ILE D 216 -60.47 -20.95 -50.78
C ILE D 216 -61.77 -21.13 -51.55
N GLU D 217 -61.93 -22.30 -52.18
CA GLU D 217 -63.09 -22.61 -52.99
C GLU D 217 -63.88 -23.75 -52.33
N PRO D 218 -65.23 -23.67 -52.33
CA PRO D 218 -66.03 -24.78 -51.84
C PRO D 218 -65.77 -26.09 -52.60
N ARG D 219 -65.73 -27.20 -51.88
CA ARG D 219 -65.59 -28.52 -52.50
C ARG D 219 -66.90 -28.90 -53.19
N GLY D 220 -66.80 -29.61 -54.30
CA GLY D 220 -67.97 -29.98 -55.10
C GLY D 220 -68.17 -31.49 -55.19
N PRO D 221 -69.25 -31.93 -55.87
CA PRO D 221 -69.54 -33.35 -56.11
C PRO D 221 -68.39 -34.10 -56.77
N ASP E 1 -21.86 -29.34 -10.51
CA ASP E 1 -22.53 -28.02 -10.76
C ASP E 1 -23.76 -27.89 -9.88
N ILE E 2 -24.16 -26.66 -9.59
CA ILE E 2 -25.32 -26.40 -8.73
C ILE E 2 -26.58 -26.47 -9.56
N LEU E 3 -27.50 -27.34 -9.15
CA LEU E 3 -28.80 -27.49 -9.80
C LEU E 3 -29.78 -26.49 -9.21
N MET E 4 -30.38 -25.70 -10.08
CA MET E 4 -31.44 -24.76 -9.70
C MET E 4 -32.79 -25.31 -10.12
N THR E 5 -33.63 -25.65 -9.14
CA THR E 5 -34.96 -26.19 -9.42
C THR E 5 -36.00 -25.14 -9.10
N GLN E 6 -36.71 -24.70 -10.13
CA GLN E 6 -37.64 -23.59 -10.05
C GLN E 6 -39.09 -24.12 -10.08
N SER E 7 -39.95 -23.54 -9.24
CA SER E 7 -41.37 -23.99 -9.16
C SER E 7 -42.32 -22.81 -9.00
N PRO E 8 -43.54 -22.92 -9.56
CA PRO E 8 -43.99 -23.99 -10.45
C PRO E 8 -43.47 -23.71 -11.85
N SER E 9 -43.63 -24.64 -12.78
CA SER E 9 -43.15 -24.43 -14.14
C SER E 9 -44.12 -23.51 -14.89
N SER E 10 -45.36 -23.47 -14.45
CA SER E 10 -46.28 -22.41 -14.85
C SER E 10 -47.39 -22.21 -13.83
N MET E 11 -48.06 -21.07 -13.91
CA MET E 11 -49.23 -20.80 -13.09
C MET E 11 -50.22 -19.95 -13.85
N SER E 12 -51.51 -20.20 -13.60
CA SER E 12 -52.60 -19.49 -14.25
C SER E 12 -53.18 -18.55 -13.23
N VAL E 13 -52.96 -17.26 -13.43
CA VAL E 13 -53.27 -16.27 -12.42
C VAL E 13 -53.95 -15.07 -13.06
N SER E 14 -54.45 -14.17 -12.20
CA SER E 14 -55.27 -13.03 -12.63
C SER E 14 -54.59 -11.71 -12.31
N LEU E 15 -55.05 -10.65 -12.97
CA LEU E 15 -54.61 -9.28 -12.68
C LEU E 15 -54.91 -8.93 -11.23
N GLY E 16 -53.97 -8.27 -10.56
CA GLY E 16 -54.16 -7.91 -9.15
C GLY E 16 -53.74 -8.98 -8.14
N ASP E 17 -53.45 -10.19 -8.62
CA ASP E 17 -52.97 -11.26 -7.73
C ASP E 17 -51.57 -10.94 -7.22
N THR E 18 -51.25 -11.51 -6.07
CA THR E 18 -49.89 -11.53 -5.55
C THR E 18 -49.43 -12.96 -5.72
N VAL E 19 -48.30 -13.16 -6.36
CA VAL E 19 -47.81 -14.51 -6.61
C VAL E 19 -46.33 -14.64 -6.25
N SER E 20 -45.93 -15.86 -5.91
CA SER E 20 -44.54 -16.16 -5.61
C SER E 20 -44.06 -17.30 -6.48
N ILE E 21 -42.81 -17.15 -6.93
CA ILE E 21 -42.08 -18.17 -7.68
C ILE E 21 -40.92 -18.61 -6.80
N THR E 22 -40.71 -19.91 -6.64
CA THR E 22 -39.61 -20.37 -5.80
C THR E 22 -38.45 -20.91 -6.63
N CYS E 23 -37.28 -20.90 -6.00
CA CYS E 23 -36.11 -21.50 -6.57
C CYS E 23 -35.39 -22.26 -5.43
N HIS E 24 -35.08 -23.53 -5.68
CA HIS E 24 -34.34 -24.37 -4.75
C HIS E 24 -32.99 -24.75 -5.35
N ALA E 25 -31.91 -24.42 -4.65
CA ALA E 25 -30.55 -24.74 -5.10
C ALA E 25 -30.11 -26.06 -4.46
N SER E 26 -29.24 -26.79 -5.14
CA SER E 26 -28.78 -28.09 -4.64
C SER E 26 -27.78 -27.94 -3.49
N GLN E 27 -27.35 -26.71 -3.22
CA GLN E 27 -26.62 -26.38 -2.02
C GLN E 27 -26.84 -24.90 -1.67
N GLY E 28 -26.45 -24.51 -0.47
CA GLY E 28 -26.48 -23.11 -0.06
C GLY E 28 -25.72 -22.20 -1.02
N ILE E 29 -26.34 -21.10 -1.42
CA ILE E 29 -25.73 -20.12 -2.32
C ILE E 29 -25.71 -18.69 -1.73
N SER E 30 -25.94 -18.59 -0.42
CA SER E 30 -25.87 -17.33 0.35
C SER E 30 -26.25 -16.07 -0.42
N SER E 31 -27.46 -16.09 -0.97
CA SER E 31 -28.10 -14.95 -1.61
C SER E 31 -27.46 -14.55 -2.95
N ASN E 32 -26.57 -15.38 -3.48
CA ASN E 32 -25.95 -15.09 -4.78
C ASN E 32 -26.86 -15.58 -5.88
N ILE E 33 -28.00 -14.90 -6.00
CA ILE E 33 -29.06 -15.30 -6.91
C ILE E 33 -29.64 -14.07 -7.59
N GLY E 34 -29.89 -14.20 -8.90
CA GLY E 34 -30.58 -13.16 -9.65
C GLY E 34 -31.92 -13.69 -10.14
N TRP E 35 -32.84 -12.76 -10.41
CA TRP E 35 -34.11 -13.10 -11.02
C TRP E 35 -34.25 -12.29 -12.29
N LEU E 36 -34.77 -12.94 -13.32
CA LEU E 36 -34.79 -12.43 -14.68
C LEU E 36 -36.21 -12.56 -15.22
N GLN E 37 -36.58 -11.65 -16.13
CA GLN E 37 -37.88 -11.68 -16.80
C GLN E 37 -37.71 -11.67 -18.32
N GLN E 38 -38.47 -12.53 -19.01
CA GLN E 38 -38.53 -12.50 -20.48
C GLN E 38 -39.98 -12.43 -20.95
N LYS E 39 -40.34 -11.28 -21.53
CA LYS E 39 -41.68 -11.10 -22.05
C LYS E 39 -41.80 -11.84 -23.37
N PRO E 40 -43.03 -12.17 -23.78
CA PRO E 40 -43.20 -12.95 -25.01
C PRO E 40 -42.51 -12.31 -26.22
N GLY E 41 -41.66 -13.07 -26.89
CA GLY E 41 -40.95 -12.61 -28.08
C GLY E 41 -39.85 -11.58 -27.82
N LYS E 42 -39.53 -11.33 -26.55
CA LYS E 42 -38.56 -10.30 -26.17
C LYS E 42 -37.30 -10.95 -25.61
N SER E 43 -36.30 -10.12 -25.32
CA SER E 43 -35.09 -10.54 -24.63
C SER E 43 -35.31 -10.50 -23.11
N PHE E 44 -34.21 -10.53 -22.37
CA PHE E 44 -34.27 -10.53 -20.92
C PHE E 44 -34.10 -9.14 -20.31
N MET E 45 -34.77 -8.92 -19.19
CA MET E 45 -34.50 -7.80 -18.29
C MET E 45 -34.17 -8.41 -16.92
N GLY E 46 -33.17 -7.87 -16.25
CA GLY E 46 -32.84 -8.28 -14.88
C GLY E 46 -33.79 -7.66 -13.88
N LEU E 47 -34.30 -8.45 -12.94
CA LEU E 47 -35.23 -7.95 -11.93
C LEU E 47 -34.51 -7.71 -10.59
N ILE E 48 -33.82 -8.74 -10.10
CA ILE E 48 -33.21 -8.72 -8.77
C ILE E 48 -31.76 -9.18 -8.90
N TYR E 49 -30.87 -8.59 -8.09
CA TYR E 49 -29.53 -9.13 -7.91
C TYR E 49 -29.23 -9.31 -6.42
N TYR E 50 -28.36 -10.27 -6.14
CA TYR E 50 -27.93 -10.61 -4.79
C TYR E 50 -29.15 -10.74 -3.86
N GLY E 51 -30.12 -11.53 -4.33
CA GLY E 51 -31.23 -11.97 -3.50
C GLY E 51 -32.42 -11.03 -3.41
N THR E 52 -32.17 -9.78 -3.10
CA THR E 52 -33.24 -8.83 -2.74
C THR E 52 -33.17 -7.44 -3.39
N ASN E 53 -32.05 -7.12 -4.04
CA ASN E 53 -31.83 -5.79 -4.59
C ASN E 53 -32.47 -5.66 -5.98
N LEU E 54 -33.35 -4.69 -6.12
CA LEU E 54 -33.98 -4.39 -7.41
C LEU E 54 -32.97 -3.74 -8.36
N VAL E 55 -32.96 -4.23 -9.59
CA VAL E 55 -32.25 -3.56 -10.66
C VAL E 55 -32.88 -2.19 -10.86
N ASP E 56 -32.06 -1.19 -11.19
CA ASP E 56 -32.55 0.18 -11.40
C ASP E 56 -33.68 0.18 -12.42
N GLY E 57 -34.76 0.88 -12.09
CA GLY E 57 -35.89 1.02 -13.00
C GLY E 57 -37.01 0.02 -12.80
N VAL E 58 -36.73 -1.08 -12.09
CA VAL E 58 -37.71 -2.16 -11.90
C VAL E 58 -38.77 -1.74 -10.89
N PRO E 59 -40.06 -2.00 -11.18
CA PRO E 59 -41.17 -1.61 -10.29
C PRO E 59 -41.10 -2.22 -8.89
N SER E 60 -41.62 -1.48 -7.92
CA SER E 60 -41.55 -1.87 -6.51
CA SER E 60 -41.56 -1.87 -6.52
CA SER E 60 -41.56 -1.86 -6.51
C SER E 60 -42.42 -3.08 -6.19
N ARG E 61 -43.33 -3.46 -7.11
CA ARG E 61 -44.17 -4.63 -6.88
C ARG E 61 -43.39 -5.95 -6.94
N PHE E 62 -42.17 -5.90 -7.47
CA PHE E 62 -41.26 -7.05 -7.46
C PHE E 62 -40.41 -7.05 -6.20
N SER E 63 -40.28 -8.21 -5.56
CA SER E 63 -39.43 -8.34 -4.38
C SER E 63 -38.82 -9.72 -4.27
N GLY E 64 -37.65 -9.79 -3.65
CA GLY E 64 -36.94 -11.05 -3.48
C GLY E 64 -36.77 -11.40 -2.02
N SER E 65 -36.73 -12.69 -1.72
CA SER E 65 -36.54 -13.17 -0.36
C SER E 65 -35.86 -14.54 -0.35
N GLY E 66 -35.50 -15.00 0.85
CA GLY E 66 -34.91 -16.32 1.03
C GLY E 66 -33.52 -16.29 1.60
N SER E 67 -32.99 -17.48 1.85
CA SER E 67 -31.62 -17.65 2.31
C SER E 67 -31.23 -19.12 2.12
N GLY E 68 -29.97 -19.42 2.38
CA GLY E 68 -29.45 -20.77 2.22
C GLY E 68 -29.63 -21.25 0.80
N ALA E 69 -30.51 -22.22 0.62
CA ALA E 69 -30.75 -22.88 -0.66
C ALA E 69 -32.10 -22.54 -1.27
N ASP E 70 -32.91 -21.73 -0.58
CA ASP E 70 -34.31 -21.56 -0.96
C ASP E 70 -34.68 -20.09 -1.05
N TYR E 71 -35.12 -19.67 -2.23
CA TYR E 71 -35.41 -18.27 -2.52
C TYR E 71 -36.75 -18.12 -3.22
N SER E 72 -37.27 -16.88 -3.23
CA SER E 72 -38.55 -16.57 -3.84
C SER E 72 -38.56 -15.20 -4.49
N LEU E 73 -39.21 -15.13 -5.64
CA LEU E 73 -39.57 -13.86 -6.27
C LEU E 73 -41.06 -13.69 -6.07
N THR E 74 -41.46 -12.54 -5.54
CA THR E 74 -42.86 -12.23 -5.30
C THR E 74 -43.24 -11.01 -6.13
N ILE E 75 -44.37 -11.12 -6.83
CA ILE E 75 -44.94 -10.01 -7.58
C ILE E 75 -46.25 -9.66 -6.91
N SER E 76 -46.32 -8.47 -6.30
CA SER E 76 -47.52 -8.01 -5.61
C SER E 76 -48.40 -7.24 -6.57
N SER E 77 -49.64 -7.70 -6.74
CA SER E 77 -50.61 -7.03 -7.59
C SER E 77 -50.18 -7.05 -9.06
N LEU E 78 -50.39 -8.19 -9.73
CA LEU E 78 -49.96 -8.39 -11.11
C LEU E 78 -50.53 -7.37 -12.09
N ASP E 79 -49.62 -6.85 -12.93
CA ASP E 79 -49.94 -6.00 -14.05
C ASP E 79 -50.03 -6.88 -15.31
N SER E 80 -50.73 -6.39 -16.33
CA SER E 80 -50.84 -7.13 -17.59
CA SER E 80 -50.84 -7.11 -17.60
CA SER E 80 -50.84 -7.11 -17.61
C SER E 80 -49.46 -7.40 -18.20
N GLU E 81 -48.52 -6.48 -17.97
CA GLU E 81 -47.16 -6.58 -18.47
CA GLU E 81 -47.18 -6.64 -18.52
C GLU E 81 -46.34 -7.67 -17.74
N ASP E 82 -46.87 -8.17 -16.62
CA ASP E 82 -46.18 -9.19 -15.80
C ASP E 82 -46.40 -10.63 -16.26
N PHE E 83 -47.30 -10.85 -17.19
CA PHE E 83 -47.50 -12.19 -17.76
C PHE E 83 -46.35 -12.47 -18.72
N ALA E 84 -45.35 -13.19 -18.22
CA ALA E 84 -44.08 -13.39 -18.89
C ALA E 84 -43.42 -14.65 -18.32
N ASP E 85 -42.20 -14.92 -18.77
CA ASP E 85 -41.38 -15.98 -18.19
C ASP E 85 -40.40 -15.38 -17.20
N TYR E 86 -40.14 -16.12 -16.12
CA TYR E 86 -39.21 -15.72 -15.08
C TYR E 86 -38.20 -16.84 -14.83
N TYR E 87 -36.94 -16.46 -14.61
CA TYR E 87 -35.87 -17.40 -14.32
C TYR E 87 -35.04 -16.94 -13.12
N CYS E 88 -34.52 -17.91 -12.36
CA CYS E 88 -33.44 -17.64 -11.40
C CYS E 88 -32.11 -18.06 -12.04
N VAL E 89 -31.03 -17.43 -11.57
CA VAL E 89 -29.67 -17.84 -11.90
C VAL E 89 -28.85 -17.75 -10.62
N GLN E 90 -27.98 -18.72 -10.38
CA GLN E 90 -27.05 -18.63 -9.25
C GLN E 90 -25.69 -18.22 -9.77
N TYR E 91 -24.97 -17.43 -8.99
CA TYR E 91 -23.58 -17.15 -9.27
C TYR E 91 -22.70 -17.32 -8.03
N ALA E 92 -23.14 -18.20 -7.14
CA ALA E 92 -22.31 -18.68 -6.04
C ALA E 92 -21.08 -19.38 -6.59
N GLN E 93 -21.28 -20.15 -7.67
CA GLN E 93 -20.21 -20.90 -8.28
C GLN E 93 -20.25 -20.85 -9.78
N LEU E 94 -19.06 -20.95 -10.36
CA LEU E 94 -18.89 -21.24 -11.77
C LEU E 94 -18.95 -22.76 -11.93
N PRO E 95 -19.65 -23.26 -12.97
CA PRO E 95 -20.44 -22.50 -13.93
C PRO E 95 -21.72 -21.93 -13.33
N TYR E 96 -22.07 -20.71 -13.75
CA TYR E 96 -23.39 -20.17 -13.47
C TYR E 96 -24.45 -21.11 -14.04
N THR E 97 -25.53 -21.32 -13.31
CA THR E 97 -26.61 -22.20 -13.75
C THR E 97 -27.97 -21.56 -13.50
N PHE E 98 -28.92 -21.91 -14.35
CA PHE E 98 -30.25 -21.31 -14.36
C PHE E 98 -31.30 -22.31 -13.91
N GLY E 99 -32.38 -21.79 -13.33
CA GLY E 99 -33.61 -22.55 -13.16
C GLY E 99 -34.29 -22.81 -14.50
N GLY E 100 -35.19 -23.79 -14.53
CA GLY E 100 -35.94 -24.11 -15.74
C GLY E 100 -37.06 -23.14 -16.12
N GLY E 101 -37.33 -22.16 -15.27
CA GLY E 101 -38.26 -21.10 -15.62
C GLY E 101 -39.69 -21.32 -15.17
N THR E 102 -40.43 -20.21 -15.08
CA THR E 102 -41.84 -20.20 -14.70
C THR E 102 -42.59 -19.27 -15.65
N LYS E 103 -43.65 -19.78 -16.26
CA LYS E 103 -44.50 -18.97 -17.13
C LYS E 103 -45.75 -18.53 -16.38
N LEU E 104 -45.97 -17.22 -16.31
CA LEU E 104 -47.21 -16.67 -15.76
C LEU E 104 -48.23 -16.56 -16.87
N GLU E 105 -49.31 -17.33 -16.73
N GLU E 105 -49.28 -17.36 -16.80
CA GLU E 105 -50.39 -17.47 -17.70
CA GLU E 105 -50.34 -17.31 -17.82
C GLU E 105 -51.64 -16.76 -17.18
C GLU E 105 -51.64 -16.79 -17.21
N ILE E 106 -52.55 -16.38 -18.08
CA ILE E 106 -53.80 -15.73 -17.68
C ILE E 106 -54.90 -16.77 -17.42
N LYS E 107 -55.48 -16.69 -16.23
CA LYS E 107 -56.57 -17.57 -15.84
C LYS E 107 -57.89 -17.10 -16.48
N ARG E 108 -58.64 -18.06 -17.01
CA ARG E 108 -59.99 -17.80 -17.51
C ARG E 108 -60.88 -19.04 -17.36
N ALA E 109 -62.16 -18.89 -17.70
CA ALA E 109 -63.12 -20.00 -17.63
C ALA E 109 -62.76 -21.05 -18.67
N ASP E 110 -63.04 -22.31 -18.35
CA ASP E 110 -62.79 -23.41 -19.27
C ASP E 110 -63.65 -23.25 -20.53
N ALA E 111 -63.09 -23.71 -21.65
CA ALA E 111 -63.75 -23.65 -22.94
C ALA E 111 -63.35 -24.86 -23.78
N ALA E 112 -64.34 -25.52 -24.38
CA ALA E 112 -64.10 -26.65 -25.26
C ALA E 112 -63.57 -26.16 -26.61
N PRO E 113 -62.74 -26.97 -27.26
CA PRO E 113 -62.23 -26.58 -28.58
C PRO E 113 -63.31 -26.66 -29.63
N THR E 114 -63.24 -25.77 -30.63
CA THR E 114 -63.99 -25.94 -31.86
C THR E 114 -63.10 -26.72 -32.79
N VAL E 115 -63.54 -27.92 -33.17
CA VAL E 115 -62.73 -28.83 -33.96
C VAL E 115 -63.20 -28.84 -35.42
N SER E 116 -62.24 -28.75 -36.35
CA SER E 116 -62.51 -28.74 -37.78
C SER E 116 -61.54 -29.65 -38.51
N ILE E 117 -62.05 -30.53 -39.36
CA ILE E 117 -61.21 -31.44 -40.13
C ILE E 117 -61.22 -31.08 -41.61
N PHE E 118 -60.07 -31.22 -42.26
CA PHE E 118 -59.91 -30.84 -43.66
C PHE E 118 -59.22 -31.94 -44.45
N PRO E 119 -59.88 -32.46 -45.48
CA PRO E 119 -59.23 -33.42 -46.39
C PRO E 119 -58.13 -32.75 -47.19
N PRO E 120 -57.24 -33.55 -47.80
CA PRO E 120 -56.23 -33.00 -48.70
C PRO E 120 -56.83 -32.14 -49.80
N SER E 121 -56.13 -31.08 -50.19
CA SER E 121 -56.54 -30.27 -51.33
C SER E 121 -56.25 -31.03 -52.62
N SER E 122 -56.92 -30.62 -53.70
CA SER E 122 -56.71 -31.21 -55.01
C SER E 122 -55.30 -30.92 -55.51
N GLU E 123 -54.81 -29.70 -55.29
CA GLU E 123 -53.46 -29.31 -55.69
C GLU E 123 -52.42 -30.26 -55.09
N GLN E 124 -52.57 -30.56 -53.80
CA GLN E 124 -51.66 -31.47 -53.11
C GLN E 124 -51.79 -32.89 -53.64
N LEU E 125 -53.01 -33.35 -53.83
CA LEU E 125 -53.25 -34.70 -54.36
C LEU E 125 -52.64 -34.93 -55.74
N THR E 126 -52.55 -33.88 -56.56
CA THR E 126 -51.86 -34.00 -57.85
C THR E 126 -50.35 -34.23 -57.66
N SER E 127 -49.78 -33.67 -56.60
CA SER E 127 -48.35 -33.78 -56.32
C SER E 127 -47.92 -35.15 -55.78
N GLY E 128 -48.87 -35.96 -55.30
CA GLY E 128 -48.55 -37.28 -54.74
C GLY E 128 -48.57 -37.37 -53.23
N GLY E 129 -48.90 -36.25 -52.58
CA GLY E 129 -48.98 -36.18 -51.13
C GLY E 129 -50.41 -36.01 -50.68
N ALA E 130 -50.67 -36.35 -49.42
CA ALA E 130 -51.98 -36.16 -48.82
C ALA E 130 -51.81 -35.79 -47.35
N SER E 131 -52.20 -34.57 -47.00
CA SER E 131 -52.21 -34.09 -45.62
C SER E 131 -53.66 -33.84 -45.20
N VAL E 132 -54.02 -34.42 -44.06
CA VAL E 132 -55.30 -34.21 -43.43
C VAL E 132 -55.03 -33.28 -42.25
N VAL E 133 -55.74 -32.16 -42.20
CA VAL E 133 -55.51 -31.14 -41.18
C VAL E 133 -56.70 -31.05 -40.24
N CYS E 134 -56.40 -30.96 -38.94
CA CYS E 134 -57.42 -30.74 -37.95
C CYS E 134 -57.07 -29.54 -37.07
N PHE E 135 -57.99 -28.58 -36.98
CA PHE E 135 -57.81 -27.41 -36.11
C PHE E 135 -58.65 -27.59 -34.86
N LEU E 136 -58.00 -27.46 -33.71
CA LEU E 136 -58.69 -27.44 -32.43
C LEU E 136 -58.51 -26.04 -31.87
N ASN E 137 -59.55 -25.22 -31.93
CA ASN E 137 -59.41 -23.78 -31.71
C ASN E 137 -60.12 -23.24 -30.47
N ASN E 138 -59.46 -22.26 -29.85
CA ASN E 138 -60.03 -21.46 -28.77
C ASN E 138 -60.51 -22.28 -27.58
N PHE E 139 -59.60 -23.09 -27.04
CA PHE E 139 -59.90 -23.90 -25.86
C PHE E 139 -59.12 -23.42 -24.63
N TYR E 140 -59.61 -23.81 -23.46
CA TYR E 140 -58.95 -23.51 -22.18
C TYR E 140 -59.35 -24.55 -21.15
N PRO E 141 -58.37 -25.08 -20.38
CA PRO E 141 -56.93 -24.78 -20.34
C PRO E 141 -56.12 -25.36 -21.50
N LYS E 142 -54.81 -25.11 -21.46
CA LYS E 142 -53.91 -25.39 -22.58
C LYS E 142 -53.69 -26.87 -22.90
N ASP E 143 -53.81 -27.74 -21.91
CA ASP E 143 -53.53 -29.16 -22.12
C ASP E 143 -54.60 -29.83 -22.99
N ILE E 144 -54.15 -30.54 -24.02
CA ILE E 144 -55.06 -31.20 -24.95
C ILE E 144 -54.36 -32.37 -25.66
N ASN E 145 -55.15 -33.35 -26.08
CA ASN E 145 -54.62 -34.50 -26.82
CA ASN E 145 -54.63 -34.52 -26.82
C ASN E 145 -55.41 -34.74 -28.10
N VAL E 146 -54.72 -34.99 -29.19
CA VAL E 146 -55.34 -35.33 -30.46
C VAL E 146 -54.98 -36.75 -30.86
N LYS E 147 -55.97 -37.45 -31.40
CA LYS E 147 -55.81 -38.83 -31.85
C LYS E 147 -56.35 -38.92 -33.27
N TRP E 148 -55.56 -39.50 -34.17
CA TRP E 148 -56.00 -39.71 -35.55
C TRP E 148 -56.39 -41.16 -35.75
N LYS E 149 -57.44 -41.38 -36.53
CA LYS E 149 -57.84 -42.74 -36.92
C LYS E 149 -58.14 -42.78 -38.41
N ILE E 150 -57.62 -43.81 -39.08
CA ILE E 150 -58.00 -44.11 -40.45
C ILE E 150 -58.79 -45.43 -40.44
N ASP E 151 -60.05 -45.36 -40.87
CA ASP E 151 -60.98 -46.48 -40.79
C ASP E 151 -60.97 -47.14 -39.40
N GLY E 152 -61.04 -46.32 -38.35
CA GLY E 152 -61.09 -46.84 -36.97
C GLY E 152 -59.76 -47.16 -36.29
N SER E 153 -58.72 -47.42 -37.09
CA SER E 153 -57.42 -47.79 -36.55
C SER E 153 -56.63 -46.54 -36.22
N GLU E 154 -56.01 -46.54 -35.04
CA GLU E 154 -55.21 -45.40 -34.60
C GLU E 154 -53.95 -45.24 -35.44
N ARG E 155 -53.67 -44.01 -35.85
CA ARG E 155 -52.53 -43.69 -36.72
C ARG E 155 -51.56 -42.73 -36.00
N GLN E 156 -50.34 -43.19 -35.73
CA GLN E 156 -49.38 -42.42 -34.90
C GLN E 156 -48.23 -41.71 -35.66
N ASN E 157 -47.54 -42.39 -36.57
CA ASN E 157 -46.44 -41.73 -37.29
C ASN E 157 -46.93 -40.79 -38.40
N GLY E 158 -46.10 -39.77 -38.69
CA GLY E 158 -46.44 -38.77 -39.70
C GLY E 158 -47.44 -37.70 -39.26
N VAL E 159 -47.58 -37.53 -37.94
CA VAL E 159 -48.43 -36.48 -37.38
C VAL E 159 -47.54 -35.32 -36.92
N LEU E 160 -47.87 -34.10 -37.35
CA LEU E 160 -47.15 -32.89 -36.97
CA LEU E 160 -47.15 -32.90 -36.94
C LEU E 160 -48.10 -31.94 -36.28
N ASN E 161 -47.75 -31.52 -35.05
CA ASN E 161 -48.59 -30.62 -34.26
C ASN E 161 -47.91 -29.29 -33.99
N SER E 162 -48.72 -28.24 -33.93
CA SER E 162 -48.25 -26.92 -33.54
C SER E 162 -49.30 -26.25 -32.66
N TRP E 163 -48.82 -25.52 -31.65
CA TRP E 163 -49.66 -24.89 -30.65
C TRP E 163 -49.40 -23.38 -30.66
N THR E 164 -50.46 -22.59 -30.55
CA THR E 164 -50.31 -21.15 -30.43
C THR E 164 -50.06 -20.82 -28.96
N ASP E 165 -49.51 -19.64 -28.72
CA ASP E 165 -49.49 -19.06 -27.38
C ASP E 165 -50.89 -18.58 -27.01
N GLN E 166 -51.06 -18.23 -25.74
CA GLN E 166 -52.35 -17.75 -25.24
C GLN E 166 -52.80 -16.51 -26.01
N ASP E 167 -54.05 -16.51 -26.45
CA ASP E 167 -54.59 -15.46 -27.31
C ASP E 167 -54.65 -14.12 -26.57
N SER E 168 -54.27 -13.06 -27.28
CA SER E 168 -54.25 -11.72 -26.69
C SER E 168 -55.64 -11.21 -26.30
N LYS E 169 -56.67 -11.63 -27.02
CA LYS E 169 -58.01 -11.10 -26.85
C LYS E 169 -58.89 -11.90 -25.90
N ASP E 170 -58.95 -13.22 -26.08
CA ASP E 170 -59.81 -14.06 -25.24
C ASP E 170 -59.07 -15.05 -24.34
N SER E 171 -57.74 -15.03 -24.39
CA SER E 171 -56.88 -15.82 -23.49
C SER E 171 -57.01 -17.34 -23.66
N THR E 172 -57.46 -17.77 -24.83
CA THR E 172 -57.61 -19.20 -25.13
C THR E 172 -56.37 -19.69 -25.86
N TYR E 173 -56.32 -21.01 -26.08
CA TYR E 173 -55.27 -21.64 -26.86
C TYR E 173 -55.87 -22.32 -28.07
N SER E 174 -55.02 -22.54 -29.07
CA SER E 174 -55.42 -23.27 -30.26
C SER E 174 -54.31 -24.22 -30.70
N MET E 175 -54.68 -25.26 -31.42
CA MET E 175 -53.73 -26.28 -31.86
C MET E 175 -54.03 -26.66 -33.30
N SER E 176 -52.99 -27.01 -34.04
CA SER E 176 -53.10 -27.53 -35.39
C SER E 176 -52.41 -28.89 -35.44
N SER E 177 -53.08 -29.87 -36.02
CA SER E 177 -52.50 -31.20 -36.21
C SER E 177 -52.64 -31.60 -37.67
N THR E 178 -51.52 -32.00 -38.28
CA THR E 178 -51.51 -32.44 -39.67
C THR E 178 -51.02 -33.86 -39.75
N LEU E 179 -51.85 -34.73 -40.33
CA LEU E 179 -51.47 -36.11 -40.66
C LEU E 179 -51.07 -36.16 -42.13
N THR E 180 -49.80 -36.45 -42.41
CA THR E 180 -49.35 -36.61 -43.79
C THR E 180 -49.04 -38.08 -44.07
N LEU E 181 -49.60 -38.57 -45.17
CA LEU E 181 -49.33 -39.92 -45.67
C LEU E 181 -49.26 -39.85 -47.19
N THR E 182 -48.88 -40.95 -47.82
CA THR E 182 -48.82 -40.99 -49.28
C THR E 182 -50.23 -40.94 -49.84
N LYS E 183 -50.37 -40.30 -51.00
CA LYS E 183 -51.63 -40.28 -51.75
C LYS E 183 -52.08 -41.72 -52.01
N ASP E 184 -51.11 -42.57 -52.33
CA ASP E 184 -51.35 -43.99 -52.54
C ASP E 184 -52.13 -44.62 -51.37
N GLU E 185 -51.65 -44.41 -50.15
CA GLU E 185 -52.33 -44.97 -48.98
C GLU E 185 -53.62 -44.23 -48.69
N TYR E 186 -53.61 -42.92 -48.92
CA TYR E 186 -54.79 -42.10 -48.66
C TYR E 186 -56.00 -42.61 -49.43
N GLU E 187 -55.78 -42.96 -50.71
CA GLU E 187 -56.87 -43.36 -51.60
C GLU E 187 -57.29 -44.82 -51.42
N ARG E 188 -56.63 -45.53 -50.50
CA ARG E 188 -56.99 -46.90 -50.15
CA ARG E 188 -57.02 -46.90 -50.17
C ARG E 188 -57.93 -46.97 -48.95
N HIS E 189 -58.28 -45.81 -48.38
CA HIS E 189 -59.14 -45.77 -47.19
C HIS E 189 -60.26 -44.76 -47.32
N ASN E 190 -61.34 -44.98 -46.57
CA ASN E 190 -62.54 -44.16 -46.66
C ASN E 190 -62.60 -43.14 -45.52
N SER E 191 -62.56 -43.62 -44.28
CA SER E 191 -62.88 -42.82 -43.10
C SER E 191 -61.63 -42.21 -42.47
N TYR E 192 -61.71 -40.90 -42.21
CA TYR E 192 -60.61 -40.15 -41.61
C TYR E 192 -61.16 -39.35 -40.45
N THR E 193 -60.55 -39.51 -39.28
CA THR E 193 -61.10 -39.01 -38.03
C THR E 193 -60.05 -38.33 -37.15
N CYS E 194 -60.41 -37.19 -36.58
CA CYS E 194 -59.58 -36.53 -35.57
C CYS E 194 -60.38 -36.39 -34.27
N GLU E 195 -59.86 -36.97 -33.20
CA GLU E 195 -60.51 -36.99 -31.89
C GLU E 195 -59.75 -36.12 -30.90
N ALA E 196 -60.42 -35.09 -30.37
CA ALA E 196 -59.84 -34.18 -29.39
C ALA E 196 -60.27 -34.57 -27.97
N THR E 197 -59.30 -34.76 -27.08
CA THR E 197 -59.57 -35.02 -25.66
C THR E 197 -59.09 -33.85 -24.80
N HIS E 198 -60.01 -33.31 -24.01
CA HIS E 198 -59.80 -32.09 -23.24
C HIS E 198 -60.59 -32.22 -21.94
N LYS E 199 -60.18 -31.51 -20.89
CA LYS E 199 -60.82 -31.65 -19.57
C LYS E 199 -62.31 -31.22 -19.56
N THR E 200 -62.71 -30.42 -20.54
CA THR E 200 -64.10 -29.95 -20.63
C THR E 200 -65.11 -31.07 -20.97
N SER E 201 -64.62 -32.26 -21.31
CA SER E 201 -65.51 -33.40 -21.47
C SER E 201 -64.82 -34.73 -21.18
N THR E 202 -65.62 -35.69 -20.71
CA THR E 202 -65.16 -37.06 -20.47
C THR E 202 -65.11 -37.85 -21.78
N SER E 203 -65.95 -37.50 -22.74
CA SER E 203 -65.92 -38.12 -24.07
C SER E 203 -65.17 -37.21 -25.04
N PRO E 204 -64.43 -37.80 -26.00
CA PRO E 204 -63.70 -36.98 -26.96
C PRO E 204 -64.59 -36.32 -28.02
N ILE E 205 -64.18 -35.14 -28.49
CA ILE E 205 -64.85 -34.48 -29.62
C ILE E 205 -64.32 -35.09 -30.90
N VAL E 206 -65.20 -35.74 -31.66
CA VAL E 206 -64.80 -36.47 -32.86
C VAL E 206 -65.27 -35.73 -34.11
N LYS E 207 -64.35 -35.51 -35.04
CA LYS E 207 -64.69 -34.95 -36.36
C LYS E 207 -64.18 -35.90 -37.42
N SER E 208 -64.99 -36.11 -38.46
CA SER E 208 -64.70 -37.10 -39.49
C SER E 208 -65.14 -36.67 -40.88
N PHE E 209 -64.58 -37.35 -41.88
CA PHE E 209 -65.10 -37.30 -43.24
C PHE E 209 -64.85 -38.65 -43.90
N ASN E 210 -65.71 -39.00 -44.85
CA ASN E 210 -65.50 -40.16 -45.71
C ASN E 210 -64.98 -39.66 -47.05
N ARG E 211 -63.90 -40.28 -47.53
CA ARG E 211 -63.26 -39.86 -48.77
C ARG E 211 -64.23 -39.99 -49.94
N ASN E 212 -64.30 -38.94 -50.76
CA ASN E 212 -65.19 -38.87 -51.91
C ASN E 212 -66.65 -39.14 -51.55
N GLU E 213 -67.24 -38.20 -50.82
CA GLU E 213 -68.64 -38.33 -50.41
C GLU E 213 -69.32 -36.96 -50.39
N CYS E 214 -69.73 -36.49 -51.57
CA CYS E 214 -70.48 -35.24 -51.73
C CYS E 214 -71.48 -35.34 -52.87
#